data_4RZ4
#
_entry.id   4RZ4
#
_cell.length_a   88.440
_cell.length_b   133.000
_cell.length_c   102.270
_cell.angle_alpha   90.00
_cell.angle_beta   92.37
_cell.angle_gamma   90.00
#
_symmetry.space_group_name_H-M   'P 1 21 1'
#
loop_
_entity.id
_entity.type
_entity.pdbx_description
1 polymer 'Fructose-6-phosphate aldolase 1'
2 non-polymer 'TRIETHYLENE GLYCOL'
3 non-polymer 'PHOSPHATE ION'
4 non-polymer 'CHLORIDE ION'
5 water water
#
_entity_poly.entity_id   1
_entity_poly.type   'polypeptide(L)'
_entity_poly.pdbx_seq_one_letter_code
;MHHHHHHELYLDTSDVVAVKALSRIFPLAGVTTNPSIIAAGKKPLDVVLPQLHEAMGGQGRLFAEVMATTAEGMVNDALK
LRSIIADIVVKVPVTAEGLAAIKMLKAEGIPTLGTAVYGAAQGLLSALAGAEYVAPFVNRIDAQGGSGIQTVTDLHQLLK
MHAPQAKVLAASFKTPRQALDCLLAGCESITLPLDVAQQMISYPAVDAAVAKFEQDWQGAFGRTSI
;
_entity_poly.pdbx_strand_id   A,B,C,D,E,F,G,H,I,J
#
loop_
_chem_comp.id
_chem_comp.type
_chem_comp.name
_chem_comp.formula
CL non-polymer 'CHLORIDE ION' 'Cl -1'
PGE non-polymer 'TRIETHYLENE GLYCOL' 'C6 H14 O4'
PO4 non-polymer 'PHOSPHATE ION' 'O4 P -3'
#
# COMPACT_ATOMS: atom_id res chain seq x y z
N HIS A 7 -17.55 5.51 24.13
CA HIS A 7 -17.09 6.84 23.63
C HIS A 7 -17.77 7.93 24.45
N GLU A 8 -17.02 8.97 24.81
CA GLU A 8 -17.57 10.10 25.56
C GLU A 8 -17.63 11.34 24.67
N LEU A 9 -18.84 11.85 24.46
CA LEU A 9 -19.06 13.02 23.63
C LEU A 9 -19.33 14.23 24.49
N TYR A 10 -18.52 15.28 24.32
CA TYR A 10 -18.65 16.52 25.05
C TYR A 10 -18.96 17.70 24.12
N LEU A 11 -19.57 18.74 24.69
CA LEU A 11 -19.69 20.02 24.02
C LEU A 11 -18.69 20.98 24.61
N ASP A 12 -18.11 21.80 23.74
CA ASP A 12 -17.02 22.71 24.06
C ASP A 12 -17.64 24.10 24.10
N THR A 13 -18.12 24.52 25.27
CA THR A 13 -18.99 25.70 25.34
C THR A 13 -19.17 26.18 26.79
N SER A 14 -19.51 27.44 26.96
CA SER A 14 -20.01 27.95 28.27
C SER A 14 -21.44 28.49 28.13
N ASP A 15 -22.12 28.11 27.06
CA ASP A 15 -23.47 28.63 26.72
C ASP A 15 -24.48 27.72 27.41
N VAL A 16 -24.90 28.14 28.61
CA VAL A 16 -25.76 27.34 29.47
C VAL A 16 -27.10 26.99 28.83
N VAL A 17 -27.73 27.98 28.21
CA VAL A 17 -29.00 27.74 27.53
C VAL A 17 -28.84 26.69 26.43
N ALA A 18 -27.78 26.81 25.63
CA ALA A 18 -27.55 25.88 24.51
C ALA A 18 -27.29 24.47 25.03
N VAL A 19 -26.54 24.36 26.13
CA VAL A 19 -26.27 23.06 26.73
C VAL A 19 -27.56 22.38 27.18
N LYS A 20 -28.43 23.14 27.84
CA LYS A 20 -29.71 22.58 28.23
C LYS A 20 -30.53 22.10 27.04
N ALA A 21 -30.62 22.90 26.00
CA ALA A 21 -31.36 22.52 24.79
C ALA A 21 -30.74 21.27 24.10
N LEU A 22 -29.42 21.29 23.94
CA LEU A 22 -28.75 20.20 23.20
C LEU A 22 -28.63 18.91 23.99
N SER A 23 -28.71 18.97 25.32
CA SER A 23 -28.60 17.75 26.13
C SER A 23 -29.80 16.81 25.93
N ARG A 24 -30.89 17.36 25.44
CA ARG A 24 -32.08 16.61 25.08
C ARG A 24 -31.93 15.85 23.74
N ILE A 25 -31.03 16.35 22.89
CA ILE A 25 -30.83 15.79 21.55
C ILE A 25 -29.59 14.87 21.50
N PHE A 26 -28.44 15.40 21.94
CA PHE A 26 -27.19 14.63 21.90
C PHE A 26 -27.02 13.74 23.12
N PRO A 27 -26.37 12.58 22.94
CA PRO A 27 -26.00 11.74 24.06
C PRO A 27 -24.70 12.24 24.67
N LEU A 28 -24.81 13.27 25.51
CA LEU A 28 -23.64 13.94 26.06
C LEU A 28 -23.09 13.31 27.33
N ALA A 29 -21.76 13.25 27.41
CA ALA A 29 -21.07 12.83 28.60
C ALA A 29 -20.80 14.04 29.50
N GLY A 30 -20.90 15.25 28.95
CA GLY A 30 -20.60 16.47 29.69
C GLY A 30 -20.21 17.65 28.83
N VAL A 31 -19.49 18.59 29.45
CA VAL A 31 -19.10 19.85 28.83
C VAL A 31 -17.67 20.18 29.19
N THR A 32 -16.92 20.64 28.18
CA THR A 32 -15.55 21.12 28.40
C THR A 32 -15.54 22.62 28.25
N THR A 33 -14.74 23.28 29.07
CA THR A 33 -14.51 24.70 28.95
C THR A 33 -13.02 24.94 28.88
N ASN A 34 -12.64 26.13 28.40
CA ASN A 34 -11.28 26.59 28.42
C ASN A 34 -11.30 28.09 28.68
N PRO A 35 -10.12 28.71 28.91
CA PRO A 35 -10.14 30.11 29.32
C PRO A 35 -10.77 31.06 28.31
N SER A 36 -10.61 30.81 27.02
CA SER A 36 -11.24 31.63 26.00
C SER A 36 -12.75 31.46 25.97
N ILE A 37 -13.22 30.23 26.12
CA ILE A 37 -14.64 29.92 26.16
C ILE A 37 -15.31 30.58 27.37
N ILE A 38 -14.67 30.48 28.53
CA ILE A 38 -15.19 31.09 29.74
C ILE A 38 -15.20 32.62 29.57
N ALA A 39 -14.10 33.18 29.07
CA ALA A 39 -14.01 34.63 28.83
C ALA A 39 -15.10 35.12 27.88
N ALA A 40 -15.34 34.38 26.80
CA ALA A 40 -16.38 34.74 25.83
C ALA A 40 -17.79 34.78 26.45
N GLY A 41 -18.05 33.89 27.40
CA GLY A 41 -19.35 33.87 28.08
C GLY A 41 -19.52 34.96 29.13
N LYS A 42 -18.40 35.53 29.59
CA LYS A 42 -18.36 36.66 30.52
C LYS A 42 -18.80 36.38 31.96
N LYS A 43 -19.17 35.15 32.29
CA LYS A 43 -19.57 34.81 33.66
C LYS A 43 -18.38 34.17 34.35
N PRO A 44 -18.12 34.55 35.61
CA PRO A 44 -17.06 33.87 36.35
C PRO A 44 -17.30 32.37 36.57
N LEU A 45 -16.20 31.66 36.80
CA LEU A 45 -16.25 30.21 37.02
C LEU A 45 -17.23 29.78 38.09
N ASP A 46 -17.26 30.49 39.22
CA ASP A 46 -18.11 30.07 40.33
C ASP A 46 -19.60 30.27 40.05
N VAL A 47 -19.92 31.02 39.00
CA VAL A 47 -21.29 31.15 38.50
C VAL A 47 -21.58 30.13 37.39
N VAL A 48 -20.74 30.13 36.36
CA VAL A 48 -21.06 29.35 35.16
C VAL A 48 -20.91 27.85 35.36
N LEU A 49 -19.94 27.39 36.17
CA LEU A 49 -19.74 25.96 36.27
C LEU A 49 -20.93 25.26 36.93
N PRO A 50 -21.43 25.80 38.07
CA PRO A 50 -22.66 25.22 38.62
C PRO A 50 -23.87 25.30 37.68
N GLN A 51 -23.99 26.37 36.90
CA GLN A 51 -25.07 26.48 35.91
C GLN A 51 -24.95 25.40 34.83
N LEU A 52 -23.72 25.16 34.34
CA LEU A 52 -23.51 24.12 33.33
C LEU A 52 -23.85 22.74 33.90
N HIS A 53 -23.44 22.51 35.14
CA HIS A 53 -23.71 21.25 35.79
C HIS A 53 -25.22 20.99 35.87
N GLU A 54 -25.98 22.03 36.22
CA GLU A 54 -27.45 21.96 36.29
C GLU A 54 -28.06 21.78 34.90
N ALA A 55 -27.54 22.49 33.92
CA ALA A 55 -28.05 22.40 32.55
C ALA A 55 -28.00 20.98 31.98
N MET A 56 -27.13 20.14 32.52
CA MET A 56 -27.07 18.72 32.15
C MET A 56 -27.76 17.80 33.14
N GLY A 57 -28.61 18.36 33.98
CA GLY A 57 -29.37 17.58 34.96
C GLY A 57 -28.52 16.90 36.01
N GLY A 58 -27.35 17.47 36.31
CA GLY A 58 -26.45 16.91 37.30
C GLY A 58 -25.74 15.62 36.91
N GLN A 59 -25.83 15.21 35.66
CA GLN A 59 -25.27 13.93 35.21
C GLN A 59 -23.96 14.08 34.44
N GLY A 60 -23.72 15.24 33.85
CA GLY A 60 -22.56 15.39 32.99
C GLY A 60 -21.27 15.68 33.72
N ARG A 61 -20.16 15.21 33.15
CA ARG A 61 -18.85 15.56 33.63
C ARG A 61 -18.44 16.95 33.15
N LEU A 62 -17.75 17.70 33.99
CA LEU A 62 -17.23 19.02 33.60
C LEU A 62 -15.72 19.06 33.60
N PHE A 63 -15.17 19.93 32.74
CA PHE A 63 -13.73 20.18 32.64
C PHE A 63 -13.48 21.69 32.66
N ALA A 64 -12.46 22.13 33.38
CA ALA A 64 -12.04 23.51 33.36
C ALA A 64 -10.56 23.64 33.62
N GLU A 65 -10.01 24.76 33.19
CA GLU A 65 -8.58 24.94 33.03
C GLU A 65 -7.95 25.86 34.07
N VAL A 66 -6.79 25.46 34.57
CA VAL A 66 -5.97 26.32 35.42
C VAL A 66 -5.39 27.50 34.64
N MET A 67 -5.03 28.57 35.35
CA MET A 67 -4.47 29.76 34.73
C MET A 67 -3.03 30.08 35.17
N ALA A 68 -2.62 29.58 36.32
CA ALA A 68 -1.29 29.85 36.86
C ALA A 68 -0.18 29.31 35.94
N THR A 69 1.01 29.89 36.08
CA THR A 69 2.16 29.52 35.24
C THR A 69 3.23 28.70 35.96
N THR A 70 3.12 28.52 37.27
CA THR A 70 4.01 27.66 38.01
C THR A 70 3.23 26.43 38.44
N ALA A 71 3.92 25.32 38.62
CA ALA A 71 3.27 24.09 39.03
C ALA A 71 2.51 24.23 40.34
N GLU A 72 3.10 24.91 41.31
CA GLU A 72 2.48 25.12 42.61
C GLU A 72 1.19 25.95 42.46
N GLY A 73 1.24 26.99 41.63
CA GLY A 73 0.08 27.82 41.34
C GLY A 73 -1.03 27.04 40.64
N MET A 74 -0.63 26.14 39.75
CA MET A 74 -1.60 25.33 39.03
C MET A 74 -2.30 24.36 39.98
N VAL A 75 -1.57 23.79 40.93
CA VAL A 75 -2.17 22.92 41.94
C VAL A 75 -3.18 23.71 42.77
N ASN A 76 -2.82 24.94 43.15
CA ASN A 76 -3.76 25.79 43.88
C ASN A 76 -5.02 26.11 43.06
N ASP A 77 -4.85 26.40 41.77
CA ASP A 77 -5.99 26.58 40.87
C ASP A 77 -6.86 25.34 40.81
N ALA A 78 -6.24 24.17 40.75
CA ALA A 78 -6.98 22.90 40.75
C ALA A 78 -7.89 22.76 41.98
N LEU A 79 -7.33 23.11 43.14
CA LEU A 79 -8.08 23.06 44.39
C LEU A 79 -9.26 24.03 44.38
N LYS A 80 -9.05 25.24 43.85
CA LYS A 80 -10.14 26.17 43.66
C LYS A 80 -11.23 25.62 42.75
N LEU A 81 -10.83 25.04 41.63
CA LEU A 81 -11.80 24.46 40.72
C LEU A 81 -12.60 23.35 41.38
N ARG A 82 -11.91 22.48 42.13
CA ARG A 82 -12.57 21.34 42.79
C ARG A 82 -13.49 21.80 43.93
N SER A 83 -13.23 22.97 44.51
CA SER A 83 -14.15 23.52 45.50
C SER A 83 -15.44 24.05 44.85
N ILE A 84 -15.39 24.38 43.54
CA ILE A 84 -16.60 24.80 42.84
C ILE A 84 -17.41 23.57 42.41
N ILE A 85 -16.74 22.61 41.79
CA ILE A 85 -17.36 21.39 41.31
C ILE A 85 -16.50 20.22 41.81
N ALA A 86 -17.05 19.46 42.74
CA ALA A 86 -16.27 18.47 43.48
C ALA A 86 -15.56 17.43 42.60
N ASP A 87 -16.22 17.01 41.53
CA ASP A 87 -15.66 15.95 40.67
C ASP A 87 -15.17 16.48 39.31
N ILE A 88 -14.87 17.76 39.24
CA ILE A 88 -14.41 18.36 37.97
C ILE A 88 -13.05 17.77 37.56
N VAL A 89 -12.86 17.62 36.25
CA VAL A 89 -11.56 17.26 35.71
C VAL A 89 -10.81 18.54 35.41
N VAL A 90 -9.58 18.63 35.92
CA VAL A 90 -8.76 19.83 35.81
C VAL A 90 -7.85 19.79 34.57
N LYS A 91 -8.01 20.78 33.70
CA LYS A 91 -7.20 20.89 32.49
C LYS A 91 -5.94 21.67 32.78
N VAL A 92 -4.81 21.09 32.38
CA VAL A 92 -3.51 21.69 32.59
C VAL A 92 -2.82 21.77 31.23
N PRO A 93 -2.33 22.95 30.84
CA PRO A 93 -1.56 23.02 29.59
C PRO A 93 -0.26 22.23 29.67
N VAL A 94 0.08 21.52 28.59
CA VAL A 94 1.24 20.64 28.64
C VAL A 94 2.48 21.41 28.29
N THR A 95 2.96 22.13 29.32
CA THR A 95 4.21 22.86 29.32
C THR A 95 5.11 22.21 30.40
N ALA A 96 6.33 22.68 30.55
CA ALA A 96 7.23 22.13 31.58
C ALA A 96 6.57 22.22 32.96
N GLU A 97 6.07 23.39 33.34
CA GLU A 97 5.41 23.51 34.65
C GLU A 97 4.10 22.75 34.72
N GLY A 98 3.40 22.66 33.59
CA GLY A 98 2.20 21.86 33.51
C GLY A 98 2.43 20.39 33.76
N LEU A 99 3.49 19.83 33.17
CA LEU A 99 3.83 18.45 33.45
C LEU A 99 4.15 18.22 34.95
N ALA A 100 4.88 19.16 35.54
CA ALA A 100 5.19 19.08 36.96
C ALA A 100 3.90 19.08 37.77
N ALA A 101 2.95 19.93 37.38
CA ALA A 101 1.63 20.00 38.04
C ALA A 101 0.82 18.73 37.89
N ILE A 102 0.84 18.16 36.69
CA ILE A 102 0.13 16.91 36.44
C ILE A 102 0.67 15.80 37.36
N LYS A 103 1.98 15.72 37.55
CA LYS A 103 2.55 14.74 38.48
C LYS A 103 2.07 14.96 39.90
N MET A 104 2.05 16.21 40.33
CA MET A 104 1.58 16.54 41.68
C MET A 104 0.11 16.19 41.87
N LEU A 105 -0.72 16.48 40.85
CA LEU A 105 -2.13 16.22 40.93
C LEU A 105 -2.44 14.74 40.89
N LYS A 106 -1.64 13.98 40.15
CA LYS A 106 -1.74 12.52 40.18
C LYS A 106 -1.50 11.99 41.60
N ALA A 107 -0.47 12.50 42.26
CA ALA A 107 -0.17 12.10 43.64
C ALA A 107 -1.34 12.44 44.58
N GLU A 108 -2.01 13.55 44.33
CA GLU A 108 -3.16 14.02 45.14
C GLU A 108 -4.47 13.33 44.79
N GLY A 109 -4.49 12.54 43.72
CA GLY A 109 -5.70 11.88 43.27
C GLY A 109 -6.71 12.77 42.59
N ILE A 110 -6.28 13.89 42.02
CA ILE A 110 -7.20 14.80 41.29
C ILE A 110 -7.05 14.52 39.79
N PRO A 111 -8.14 14.17 39.13
CA PRO A 111 -8.03 13.80 37.71
C PRO A 111 -7.71 15.00 36.84
N THR A 112 -6.85 14.78 35.87
CA THR A 112 -6.38 15.85 34.99
C THR A 112 -6.54 15.53 33.52
N LEU A 113 -6.58 16.58 32.74
CA LEU A 113 -6.50 16.52 31.29
C LEU A 113 -5.32 17.39 30.85
N GLY A 114 -4.49 16.86 29.96
CA GLY A 114 -3.35 17.60 29.41
C GLY A 114 -3.83 18.31 28.17
N THR A 115 -3.84 19.63 28.20
CA THR A 115 -4.40 20.43 27.10
C THR A 115 -3.32 21.24 26.35
N ALA A 116 -3.78 21.96 25.32
CA ALA A 116 -2.90 22.72 24.43
C ALA A 116 -1.82 21.82 23.83
N VAL A 117 -2.23 20.63 23.42
CA VAL A 117 -1.33 19.67 22.81
C VAL A 117 -1.26 19.88 21.31
N TYR A 118 -0.05 20.17 20.83
CA TYR A 118 0.21 20.40 19.40
C TYR A 118 1.09 19.31 18.79
N GLY A 119 1.51 18.35 19.60
CA GLY A 119 2.38 17.24 19.11
C GLY A 119 2.09 15.96 19.87
N ALA A 120 2.30 14.81 19.21
CA ALA A 120 1.98 13.52 19.82
C ALA A 120 2.87 13.17 21.01
N ALA A 121 4.18 13.43 20.91
CA ALA A 121 5.10 13.12 22.02
C ALA A 121 4.78 13.97 23.25
N GLN A 122 4.53 15.25 23.03
CA GLN A 122 4.08 16.14 24.06
C GLN A 122 2.84 15.59 24.78
N GLY A 123 1.83 15.18 24.00
CA GLY A 123 0.67 14.57 24.55
C GLY A 123 0.96 13.33 25.37
N LEU A 124 1.79 12.45 24.83
CA LEU A 124 2.14 11.22 25.57
C LEU A 124 2.76 11.58 26.91
N LEU A 125 3.64 12.56 26.93
CA LEU A 125 4.31 12.91 28.19
C LEU A 125 3.30 13.27 29.25
N SER A 126 2.23 13.97 28.88
CA SER A 126 1.19 14.34 29.85
C SER A 126 0.48 13.09 30.40
N ALA A 127 0.24 12.08 29.57
CA ALA A 127 -0.36 10.84 30.03
C ALA A 127 0.59 10.02 30.92
N LEU A 128 1.86 9.96 30.57
CA LEU A 128 2.85 9.28 31.43
C LEU A 128 2.94 9.96 32.79
N ALA A 129 2.72 11.28 32.81
CA ALA A 129 2.77 12.04 34.06
C ALA A 129 1.52 11.84 34.90
N GLY A 130 0.44 11.33 34.31
CA GLY A 130 -0.78 10.97 35.04
C GLY A 130 -2.10 11.45 34.48
N ALA A 131 -2.08 12.27 33.40
CA ALA A 131 -3.34 12.77 32.83
C ALA A 131 -4.22 11.61 32.35
N GLU A 132 -5.51 11.71 32.64
CA GLU A 132 -6.52 10.72 32.25
C GLU A 132 -6.99 10.99 30.81
N TYR A 133 -6.91 12.25 30.41
CA TYR A 133 -7.26 12.69 29.06
C TYR A 133 -6.16 13.57 28.49
N VAL A 134 -6.01 13.55 27.15
CA VAL A 134 -5.04 14.38 26.45
C VAL A 134 -5.78 15.03 25.27
N ALA A 135 -5.74 16.36 25.21
CA ALA A 135 -6.50 17.12 24.23
C ALA A 135 -5.65 17.81 23.17
N PRO A 136 -5.41 17.15 22.04
CA PRO A 136 -4.76 17.83 20.93
C PRO A 136 -5.69 18.88 20.32
N PHE A 137 -5.11 20.00 19.89
CA PHE A 137 -5.88 21.07 19.28
C PHE A 137 -5.84 20.86 17.76
N VAL A 138 -6.76 20.04 17.28
CA VAL A 138 -6.76 19.55 15.91
C VAL A 138 -6.72 20.67 14.88
N ASN A 139 -7.66 21.61 14.98
CA ASN A 139 -7.72 22.67 13.97
C ASN A 139 -6.52 23.61 14.04
N ARG A 140 -5.99 23.83 15.25
CA ARG A 140 -4.83 24.71 15.38
C ARG A 140 -3.63 24.11 14.64
N ILE A 141 -3.46 22.80 14.77
CA ILE A 141 -2.36 22.09 14.09
C ILE A 141 -2.58 22.18 12.56
N ASP A 142 -3.81 21.90 12.12
CA ASP A 142 -4.23 22.05 10.69
C ASP A 142 -4.01 23.48 10.17
N ALA A 143 -4.38 24.49 10.94
CA ALA A 143 -4.29 25.86 10.47
C ALA A 143 -2.86 26.33 10.35
N GLN A 144 -1.98 25.75 11.15
CA GLN A 144 -0.60 26.19 11.22
C GLN A 144 0.34 25.34 10.39
N GLY A 145 -0.21 24.67 9.37
CA GLY A 145 0.61 24.00 8.38
C GLY A 145 0.99 22.57 8.70
N GLY A 146 0.40 22.01 9.74
CA GLY A 146 0.68 20.62 10.10
C GLY A 146 -0.44 19.72 9.63
N SER A 147 -0.55 18.55 10.27
CA SER A 147 -1.68 17.63 10.09
C SER A 147 -2.27 17.28 11.44
N GLY A 148 -3.40 17.90 11.76
CA GLY A 148 -4.10 17.60 13.01
C GLY A 148 -4.49 16.14 13.09
N ILE A 149 -4.94 15.58 11.98
CA ILE A 149 -5.36 14.20 11.98
C ILE A 149 -4.18 13.22 12.16
N GLN A 150 -3.03 13.51 11.54
CA GLN A 150 -1.86 12.65 11.78
C GLN A 150 -1.44 12.74 13.25
N THR A 151 -1.46 13.95 13.82
CA THR A 151 -1.11 14.11 15.24
C THR A 151 -2.04 13.30 16.15
N VAL A 152 -3.34 13.33 15.89
CA VAL A 152 -4.31 12.59 16.67
C VAL A 152 -4.11 11.09 16.51
N THR A 153 -3.89 10.66 15.27
CA THR A 153 -3.70 9.26 14.95
C THR A 153 -2.49 8.73 15.73
N ASP A 154 -1.39 9.47 15.64
CA ASP A 154 -0.15 9.12 16.33
C ASP A 154 -0.35 9.13 17.85
N LEU A 155 -1.00 10.17 18.37
CA LEU A 155 -1.21 10.28 19.81
C LEU A 155 -2.04 9.11 20.35
N HIS A 156 -3.13 8.76 19.67
CA HIS A 156 -3.95 7.64 20.12
C HIS A 156 -3.16 6.35 20.15
N GLN A 157 -2.39 6.10 19.09
CA GLN A 157 -1.53 4.91 19.08
C GLN A 157 -0.55 4.93 20.24
N LEU A 158 0.06 6.07 20.49
CA LEU A 158 1.02 6.19 21.58
C LEU A 158 0.36 5.90 22.95
N LEU A 159 -0.83 6.43 23.17
CA LEU A 159 -1.50 6.18 24.45
C LEU A 159 -1.84 4.70 24.60
N LYS A 160 -2.35 4.08 23.55
CA LYS A 160 -2.78 2.70 23.65
C LYS A 160 -1.59 1.76 23.86
N MET A 161 -0.42 2.10 23.31
CA MET A 161 0.78 1.28 23.54
C MET A 161 1.46 1.59 24.88
N HIS A 162 1.56 2.86 25.22
CA HIS A 162 2.48 3.33 26.27
C HIS A 162 1.86 3.89 27.55
N ALA A 163 0.59 4.28 27.49
CA ALA A 163 -0.11 4.83 28.65
C ALA A 163 -1.59 4.50 28.53
N PRO A 164 -1.92 3.22 28.63
CA PRO A 164 -3.23 2.76 28.16
C PRO A 164 -4.42 3.20 29.04
N GLN A 165 -4.14 3.72 30.24
CA GLN A 165 -5.19 4.27 31.09
C GLN A 165 -5.67 5.65 30.55
N ALA A 166 -4.94 6.28 29.63
CA ALA A 166 -5.27 7.60 29.17
C ALA A 166 -6.05 7.55 27.85
N LYS A 167 -6.89 8.56 27.65
CA LYS A 167 -7.71 8.69 26.45
C LYS A 167 -7.41 9.99 25.72
N VAL A 168 -7.50 9.97 24.40
CA VAL A 168 -7.50 11.21 23.63
C VAL A 168 -8.88 11.85 23.76
N LEU A 169 -8.89 13.13 24.10
CA LEU A 169 -10.10 13.96 24.02
C LEU A 169 -9.83 14.98 22.91
N ALA A 170 -10.20 14.64 21.69
CA ALA A 170 -9.89 15.49 20.55
C ALA A 170 -10.71 16.78 20.64
N ALA A 171 -10.06 17.90 20.34
CA ALA A 171 -10.66 19.20 20.46
C ALA A 171 -10.22 20.14 19.34
N SER A 172 -10.93 21.25 19.20
CA SER A 172 -10.61 22.34 18.25
C SER A 172 -10.99 21.98 16.80
N PHE A 173 -12.23 22.31 16.43
CA PHE A 173 -12.80 21.85 15.17
C PHE A 173 -13.49 22.97 14.44
N LYS A 174 -13.28 23.00 13.12
CA LYS A 174 -14.02 23.92 12.24
C LYS A 174 -14.96 23.20 11.30
N THR A 175 -14.81 21.90 11.14
CA THR A 175 -15.65 21.14 10.22
C THR A 175 -15.88 19.72 10.73
N PRO A 176 -17.08 19.17 10.49
CA PRO A 176 -17.38 17.82 10.93
C PRO A 176 -16.39 16.78 10.43
N ARG A 177 -15.80 16.98 9.25
CA ARG A 177 -14.83 16.02 8.71
C ARG A 177 -13.62 15.83 9.67
N GLN A 178 -13.15 16.89 10.28
CA GLN A 178 -12.09 16.77 11.28
C GLN A 178 -12.51 15.87 12.43
N ALA A 179 -13.75 16.04 12.90
CA ALA A 179 -14.27 15.21 14.01
C ALA A 179 -14.41 13.75 13.57
N LEU A 180 -14.92 13.54 12.36
CA LEU A 180 -15.04 12.19 11.83
C LEU A 180 -13.67 11.50 11.80
N ASP A 181 -12.68 12.21 11.27
CA ASP A 181 -11.35 11.61 11.14
C ASP A 181 -10.73 11.30 12.52
N CYS A 182 -10.98 12.13 13.52
CA CYS A 182 -10.56 11.81 14.87
C CYS A 182 -11.24 10.55 15.41
N LEU A 183 -12.55 10.44 15.19
CA LEU A 183 -13.29 9.25 15.57
C LEU A 183 -12.76 8.00 14.88
N LEU A 184 -12.45 8.10 13.59
CA LEU A 184 -11.93 6.96 12.83
C LEU A 184 -10.53 6.56 13.29
N ALA A 185 -9.77 7.51 13.80
CA ALA A 185 -8.45 7.26 14.38
C ALA A 185 -8.52 6.55 15.74
N GLY A 186 -9.72 6.44 16.31
CA GLY A 186 -9.92 5.71 17.55
C GLY A 186 -10.11 6.52 18.80
N CYS A 187 -10.21 7.86 18.71
CA CYS A 187 -10.26 8.70 19.90
CA CYS A 187 -10.23 8.69 19.91
C CYS A 187 -11.44 8.33 20.78
N GLU A 188 -11.19 8.13 22.07
CA GLU A 188 -12.21 7.61 22.94
C GLU A 188 -13.09 8.70 23.50
N SER A 189 -12.73 9.96 23.26
CA SER A 189 -13.55 11.08 23.61
C SER A 189 -13.31 12.22 22.64
N ILE A 190 -14.29 13.13 22.57
CA ILE A 190 -14.22 14.27 21.69
C ILE A 190 -15.08 15.39 22.24
N THR A 191 -14.69 16.64 21.97
CA THR A 191 -15.48 17.79 22.35
C THR A 191 -15.72 18.71 21.17
N LEU A 192 -17.01 19.01 20.91
CA LEU A 192 -17.42 19.72 19.74
C LEU A 192 -17.91 21.10 20.05
N PRO A 193 -17.44 22.11 19.28
CA PRO A 193 -18.11 23.41 19.37
C PRO A 193 -19.53 23.30 18.85
N LEU A 194 -20.37 24.22 19.28
CA LEU A 194 -21.80 24.11 18.97
C LEU A 194 -22.09 24.08 17.47
N ASP A 195 -21.41 24.90 16.70
CA ASP A 195 -21.68 24.95 15.22
C ASP A 195 -21.39 23.63 14.51
N VAL A 196 -20.25 23.02 14.83
CA VAL A 196 -19.89 21.73 14.27
C VAL A 196 -20.88 20.64 14.72
N ALA A 197 -21.24 20.64 16.02
CA ALA A 197 -22.19 19.66 16.53
C ALA A 197 -23.50 19.75 15.74
N GLN A 198 -23.97 20.97 15.52
CA GLN A 198 -25.24 21.16 14.81
C GLN A 198 -25.16 20.73 13.35
N GLN A 199 -24.01 20.95 12.72
CA GLN A 199 -23.81 20.49 11.34
C GLN A 199 -23.84 18.96 11.26
N MET A 200 -23.37 18.30 12.31
CA MET A 200 -23.29 16.86 12.31
C MET A 200 -24.65 16.17 12.36
N ILE A 201 -25.71 16.92 12.66
CA ILE A 201 -27.03 16.32 12.76
C ILE A 201 -28.01 16.89 11.76
N SER A 202 -27.55 17.77 10.87
CA SER A 202 -28.43 18.41 9.88
C SER A 202 -27.88 18.26 8.47
N TYR A 203 -28.58 17.53 7.61
CA TYR A 203 -28.13 17.22 6.26
C TYR A 203 -29.26 17.38 5.25
N PRO A 204 -29.02 18.15 4.17
CA PRO A 204 -30.03 18.27 3.11
C PRO A 204 -30.47 16.94 2.51
N ALA A 205 -29.54 16.01 2.33
CA ALA A 205 -29.89 14.69 1.76
C ALA A 205 -30.81 13.90 2.68
N VAL A 206 -30.61 14.03 3.99
CA VAL A 206 -31.42 13.31 4.96
C VAL A 206 -32.83 13.91 4.98
N ASP A 207 -32.89 15.23 4.99
CA ASP A 207 -34.18 15.91 4.95
C ASP A 207 -34.97 15.50 3.71
N ALA A 208 -34.26 15.37 2.57
CA ALA A 208 -34.90 14.95 1.33
C ALA A 208 -35.40 13.51 1.37
N ALA A 209 -34.66 12.64 2.06
CA ALA A 209 -35.10 11.26 2.25
C ALA A 209 -36.40 11.19 3.08
N VAL A 210 -36.45 11.97 4.15
CA VAL A 210 -37.61 12.01 5.02
C VAL A 210 -38.81 12.60 4.27
N ALA A 211 -38.58 13.64 3.48
CA ALA A 211 -39.66 14.23 2.66
C ALA A 211 -40.21 13.23 1.64
N LYS A 212 -39.34 12.43 1.04
CA LYS A 212 -39.80 11.42 0.10
C LYS A 212 -40.65 10.34 0.77
N PHE A 213 -40.23 9.90 1.96
CA PHE A 213 -41.06 9.02 2.76
C PHE A 213 -42.46 9.61 3.04
N GLU A 214 -42.50 10.88 3.44
CA GLU A 214 -43.79 11.58 3.67
C GLU A 214 -44.66 11.69 2.42
N GLN A 215 -44.07 12.05 1.29
CA GLN A 215 -44.80 12.15 0.03
C GLN A 215 -45.33 10.79 -0.44
N ASP A 216 -44.54 9.73 -0.30
CA ASP A 216 -45.00 8.40 -0.70
C ASP A 216 -46.16 7.94 0.19
N TRP A 217 -46.06 8.22 1.49
CA TRP A 217 -47.09 7.85 2.45
C TRP A 217 -48.38 8.61 2.14
N GLN A 218 -48.26 9.91 1.90
CA GLN A 218 -49.39 10.76 1.50
C GLN A 218 -50.07 10.20 0.24
N GLY A 219 -49.25 9.85 -0.75
CA GLY A 219 -49.76 9.31 -2.01
C GLY A 219 -50.62 8.07 -1.82
N ALA A 220 -50.23 7.21 -0.89
CA ALA A 220 -50.93 5.95 -0.69
C ALA A 220 -52.09 6.07 0.28
N PHE A 221 -51.96 6.90 1.31
CA PHE A 221 -52.89 6.88 2.43
C PHE A 221 -53.61 8.19 2.68
N GLY A 222 -53.29 9.24 1.94
CA GLY A 222 -53.97 10.53 2.05
C GLY A 222 -53.62 11.36 3.28
N ARG A 223 -52.54 11.02 3.98
CA ARG A 223 -52.07 11.81 5.11
C ARG A 223 -50.58 11.56 5.27
N THR A 224 -49.91 12.32 6.14
CA THR A 224 -48.47 12.10 6.38
C THR A 224 -48.20 11.52 7.78
N SER A 225 -49.26 11.27 8.52
CA SER A 225 -49.15 10.72 9.86
C SER A 225 -49.42 9.23 9.82
N ILE A 226 -48.97 8.55 10.85
CA ILE A 226 -48.98 7.11 10.87
C ILE A 226 -50.39 6.54 10.86
N HIS B 7 5.35 2.32 29.74
CA HIS B 7 6.56 2.86 29.04
C HIS B 7 7.52 3.45 30.07
N GLU B 8 8.81 3.20 29.90
CA GLU B 8 9.83 3.73 30.80
C GLU B 8 10.64 4.80 30.09
N LEU B 9 10.62 6.01 30.62
CA LEU B 9 11.32 7.14 30.07
C LEU B 9 12.54 7.47 30.92
N TYR B 10 13.69 7.46 30.28
CA TYR B 10 14.98 7.76 30.94
C TYR B 10 15.61 9.02 30.35
N LEU B 11 16.46 9.65 31.14
CA LEU B 11 17.40 10.66 30.65
C LEU B 11 18.79 10.07 30.50
N ASP B 12 19.47 10.49 29.44
CA ASP B 12 20.78 9.95 29.05
C ASP B 12 21.81 11.04 29.40
N THR B 13 22.34 10.98 30.60
CA THR B 13 23.10 12.12 31.14
C THR B 13 23.88 11.71 32.39
N SER B 14 24.93 12.48 32.69
CA SER B 14 25.58 12.41 34.02
C SER B 14 25.53 13.77 34.72
N ASP B 15 24.64 14.67 34.25
CA ASP B 15 24.52 16.04 34.77
C ASP B 15 23.55 16.04 35.94
N VAL B 16 24.12 15.94 37.15
CA VAL B 16 23.32 15.74 38.36
C VAL B 16 22.33 16.89 38.62
N VAL B 17 22.82 18.12 38.47
CA VAL B 17 21.98 19.30 38.67
C VAL B 17 20.78 19.29 37.71
N ALA B 18 21.05 18.98 36.45
CA ALA B 18 19.95 18.90 35.47
C ALA B 18 18.96 17.79 35.78
N VAL B 19 19.46 16.63 36.20
CA VAL B 19 18.56 15.53 36.56
C VAL B 19 17.62 15.95 37.71
N LYS B 20 18.18 16.59 38.72
CA LYS B 20 17.36 17.03 39.82
C LYS B 20 16.26 18.01 39.37
N ALA B 21 16.62 18.96 38.53
CA ALA B 21 15.65 19.92 37.99
C ALA B 21 14.59 19.23 37.11
N LEU B 22 15.04 18.37 36.20
CA LEU B 22 14.11 17.71 35.26
C LEU B 22 13.27 16.58 35.86
N SER B 23 13.71 15.98 36.97
CA SER B 23 12.90 14.91 37.59
C SER B 23 11.59 15.40 38.17
N ARG B 24 11.52 16.69 38.44
CA ARG B 24 10.32 17.33 38.91
C ARG B 24 9.28 17.53 37.76
N ILE B 25 9.79 17.61 36.53
CA ILE B 25 8.98 17.92 35.36
C ILE B 25 8.58 16.63 34.63
N PHE B 26 9.58 15.83 34.29
CA PHE B 26 9.34 14.62 33.49
C PHE B 26 8.97 13.45 34.38
N PRO B 27 8.10 12.55 33.88
CA PRO B 27 7.81 11.31 34.57
C PRO B 27 8.90 10.29 34.28
N LEU B 28 10.02 10.41 34.99
CA LEU B 28 11.20 9.59 34.72
C LEU B 28 11.18 8.27 35.42
N ALA B 29 11.66 7.26 34.71
CA ALA B 29 11.88 5.94 35.29
C ALA B 29 13.28 5.85 35.87
N GLY B 30 14.15 6.77 35.45
CA GLY B 30 15.57 6.72 35.82
C GLY B 30 16.50 7.45 34.87
N VAL B 31 17.78 7.06 34.93
CA VAL B 31 18.84 7.70 34.18
C VAL B 31 19.75 6.63 33.60
N THR B 32 20.14 6.82 32.34
CA THR B 32 21.12 5.95 31.70
C THR B 32 22.43 6.71 31.54
N THR B 33 23.54 6.00 31.70
CA THR B 33 24.86 6.56 31.43
C THR B 33 25.58 5.64 30.47
N ASN B 34 26.62 6.16 29.84
CA ASN B 34 27.54 5.37 29.06
C ASN B 34 28.94 5.94 29.27
N PRO B 35 29.98 5.28 28.73
CA PRO B 35 31.34 5.73 29.04
C PRO B 35 31.66 7.15 28.58
N SER B 36 31.14 7.56 27.42
CA SER B 36 31.34 8.93 26.95
C SER B 36 30.62 9.97 27.82
N ILE B 37 29.41 9.66 28.24
CA ILE B 37 28.63 10.53 29.12
C ILE B 37 29.32 10.67 30.47
N ILE B 38 29.78 9.57 31.03
CA ILE B 38 30.51 9.62 32.30
C ILE B 38 31.80 10.43 32.12
N ALA B 39 32.57 10.13 31.08
CA ALA B 39 33.81 10.88 30.80
C ALA B 39 33.57 12.37 30.66
N ALA B 40 32.51 12.76 29.96
CA ALA B 40 32.17 14.18 29.79
C ALA B 40 31.88 14.89 31.10
N GLY B 41 31.26 14.20 32.04
CA GLY B 41 30.99 14.75 33.35
C GLY B 41 32.20 14.83 34.27
N LYS B 42 33.24 14.05 33.97
CA LYS B 42 34.54 14.07 34.68
C LYS B 42 34.56 13.49 36.11
N LYS B 43 33.42 13.04 36.62
CA LYS B 43 33.37 12.46 37.95
C LYS B 43 33.41 10.95 37.83
N PRO B 44 34.17 10.28 38.70
CA PRO B 44 34.20 8.82 38.65
C PRO B 44 32.84 8.18 38.98
N LEU B 45 32.67 6.95 38.55
CA LEU B 45 31.45 6.21 38.79
C LEU B 45 31.02 6.15 40.25
N ASP B 46 31.97 5.94 41.16
CA ASP B 46 31.60 5.80 42.57
C ASP B 46 31.16 7.10 43.22
N VAL B 47 31.40 8.21 42.53
CA VAL B 47 30.89 9.51 42.94
C VAL B 47 29.57 9.83 42.24
N VAL B 48 29.57 9.77 40.92
CA VAL B 48 28.42 10.27 40.16
C VAL B 48 27.20 9.34 40.23
N LEU B 49 27.38 8.03 40.28
CA LEU B 49 26.20 7.17 40.33
C LEU B 49 25.32 7.40 41.59
N PRO B 50 25.94 7.41 42.78
CA PRO B 50 25.14 7.76 43.94
C PRO B 50 24.50 9.15 43.86
N GLN B 51 25.19 10.13 43.29
CA GLN B 51 24.64 11.48 43.16
C GLN B 51 23.42 11.48 42.21
N LEU B 52 23.49 10.72 41.13
CA LEU B 52 22.36 10.60 40.21
C LEU B 52 21.20 9.91 40.89
N HIS B 53 21.48 8.88 41.66
CA HIS B 53 20.45 8.17 42.38
C HIS B 53 19.70 9.13 43.32
N GLU B 54 20.43 9.97 44.03
CA GLU B 54 19.87 10.95 44.96
C GLU B 54 19.09 12.01 44.20
N ALA B 55 19.63 12.47 43.08
CA ALA B 55 19.00 13.51 42.29
C ALA B 55 17.60 13.11 41.79
N MET B 56 17.32 11.81 41.73
CA MET B 56 15.97 11.30 41.47
C MET B 56 15.17 10.90 42.70
N GLY B 57 15.59 11.37 43.87
CA GLY B 57 14.91 11.05 45.11
C GLY B 57 14.90 9.58 45.46
N GLY B 58 15.91 8.83 45.02
CA GLY B 58 16.03 7.42 45.37
C GLY B 58 15.04 6.48 44.69
N GLN B 59 14.30 6.99 43.72
CA GLN B 59 13.25 6.21 43.06
C GLN B 59 13.65 5.69 41.69
N GLY B 60 14.58 6.36 41.02
CA GLY B 60 14.87 6.00 39.63
C GLY B 60 15.80 4.81 39.47
N ARG B 61 15.61 4.06 38.37
CA ARG B 61 16.55 3.04 37.96
C ARG B 61 17.78 3.64 37.28
N LEU B 62 18.97 3.07 37.56
CA LEU B 62 20.19 3.51 36.91
C LEU B 62 20.76 2.43 36.00
N PHE B 63 21.47 2.87 34.96
CA PHE B 63 22.19 2.00 34.03
C PHE B 63 23.59 2.53 33.87
N ALA B 64 24.57 1.61 33.83
CA ALA B 64 25.94 1.99 33.53
C ALA B 64 26.65 0.83 32.84
N GLU B 65 27.72 1.19 32.13
CA GLU B 65 28.36 0.30 31.18
C GLU B 65 29.71 -0.25 31.63
N VAL B 66 29.92 -1.53 31.34
CA VAL B 66 31.24 -2.17 31.53
C VAL B 66 32.27 -1.63 30.54
N MET B 67 33.56 -1.75 30.90
CA MET B 67 34.64 -1.29 30.03
C MET B 67 35.56 -2.43 29.52
N ALA B 68 35.59 -3.55 30.21
CA ALA B 68 36.51 -4.65 29.82
C ALA B 68 36.17 -5.23 28.46
N THR B 69 37.15 -5.90 27.84
CA THR B 69 36.97 -6.47 26.51
C THR B 69 36.83 -7.99 26.48
N THR B 70 37.00 -8.65 27.62
CA THR B 70 36.78 -10.09 27.69
C THR B 70 35.56 -10.33 28.52
N ALA B 71 34.88 -11.44 28.29
CA ALA B 71 33.66 -11.73 29.02
C ALA B 71 33.89 -11.78 30.52
N GLU B 72 34.98 -12.41 30.92
CA GLU B 72 35.33 -12.52 32.35
C GLU B 72 35.55 -11.12 32.96
N GLY B 73 36.24 -10.26 32.24
CA GLY B 73 36.49 -8.88 32.68
C GLY B 73 35.20 -8.10 32.79
N MET B 74 34.29 -8.34 31.86
CA MET B 74 32.99 -7.65 31.87
C MET B 74 32.16 -8.06 33.07
N VAL B 75 32.22 -9.34 33.42
CA VAL B 75 31.54 -9.82 34.63
C VAL B 75 32.11 -9.14 35.88
N ASN B 76 33.44 -9.05 35.96
CA ASN B 76 34.08 -8.35 37.08
C ASN B 76 33.68 -6.87 37.15
N ASP B 77 33.61 -6.20 36.00
CA ASP B 77 33.09 -4.84 35.94
C ASP B 77 31.64 -4.75 36.45
N ALA B 78 30.81 -5.69 36.07
CA ALA B 78 29.42 -5.74 36.52
C ALA B 78 29.35 -5.79 38.04
N LEU B 79 30.19 -6.63 38.63
CA LEU B 79 30.23 -6.75 40.09
C LEU B 79 30.63 -5.43 40.74
N LYS B 80 31.60 -4.74 40.16
CA LYS B 80 32.00 -3.43 40.66
C LYS B 80 30.85 -2.45 40.57
N LEU B 81 30.15 -2.43 39.43
CA LEU B 81 29.00 -1.53 39.29
C LEU B 81 27.90 -1.82 40.31
N ARG B 82 27.61 -3.09 40.51
CA ARG B 82 26.56 -3.49 41.47
C ARG B 82 26.97 -3.19 42.92
N SER B 83 28.27 -3.13 43.22
CA SER B 83 28.68 -2.73 44.54
C SER B 83 28.46 -1.23 44.77
N ILE B 84 28.44 -0.43 43.71
CA ILE B 84 28.17 1.00 43.84
C ILE B 84 26.66 1.24 43.99
N ILE B 85 25.88 0.63 43.11
CA ILE B 85 24.42 0.76 43.11
C ILE B 85 23.85 -0.64 43.03
N ALA B 86 23.27 -1.10 44.15
CA ALA B 86 22.90 -2.51 44.32
C ALA B 86 21.97 -3.05 43.23
N ASP B 87 21.07 -2.22 42.74
CA ASP B 87 20.08 -2.67 41.74
C ASP B 87 20.33 -2.11 40.33
N ILE B 88 21.55 -1.69 40.06
CA ILE B 88 21.88 -1.09 38.75
C ILE B 88 21.74 -2.12 37.64
N VAL B 89 21.32 -1.65 36.45
CA VAL B 89 21.28 -2.50 35.28
C VAL B 89 22.60 -2.29 34.54
N VAL B 90 23.24 -3.39 34.22
CA VAL B 90 24.58 -3.36 33.64
C VAL B 90 24.49 -3.40 32.12
N LYS B 91 25.04 -2.37 31.48
CA LYS B 91 25.11 -2.30 30.02
C LYS B 91 26.38 -3.00 29.48
N VAL B 92 26.18 -3.88 28.51
CA VAL B 92 27.22 -4.68 27.92
C VAL B 92 27.16 -4.49 26.40
N PRO B 93 28.27 -4.08 25.77
CA PRO B 93 28.24 -3.92 24.31
C PRO B 93 28.01 -5.24 23.63
N VAL B 94 27.19 -5.28 22.58
CA VAL B 94 26.84 -6.54 21.97
C VAL B 94 27.89 -6.90 20.91
N THR B 95 28.99 -7.44 21.44
CA THR B 95 30.08 -8.01 20.67
C THR B 95 30.13 -9.51 21.01
N ALA B 96 31.05 -10.26 20.41
CA ALA B 96 31.17 -11.67 20.74
C ALA B 96 31.40 -11.87 22.25
N GLU B 97 32.36 -11.16 22.81
CA GLU B 97 32.63 -11.32 24.24
C GLU B 97 31.49 -10.77 25.07
N GLY B 98 30.84 -9.71 24.58
CA GLY B 98 29.69 -9.17 25.27
C GLY B 98 28.53 -10.16 25.37
N LEU B 99 28.25 -10.87 24.28
CA LEU B 99 27.22 -11.91 24.34
C LEU B 99 27.57 -13.01 25.34
N ALA B 100 28.84 -13.42 25.37
CA ALA B 100 29.29 -14.39 26.36
C ALA B 100 29.05 -13.87 27.78
N ALA B 101 29.36 -12.59 28.00
CA ALA B 101 29.15 -11.94 29.30
C ALA B 101 27.69 -11.87 29.71
N ILE B 102 26.84 -11.56 28.73
CA ILE B 102 25.41 -11.50 28.97
C ILE B 102 24.88 -12.85 29.44
N LYS B 103 25.35 -13.93 28.81
CA LYS B 103 24.96 -15.27 29.28
C LYS B 103 25.43 -15.54 30.71
N MET B 104 26.65 -15.17 31.02
CA MET B 104 27.17 -15.35 32.38
C MET B 104 26.40 -14.53 33.41
N LEU B 105 26.05 -13.29 33.05
CA LEU B 105 25.34 -12.42 33.97
C LEU B 105 23.91 -12.88 34.18
N LYS B 106 23.30 -13.47 33.14
CA LYS B 106 22.00 -14.09 33.27
C LYS B 106 22.07 -15.20 34.33
N ALA B 107 23.11 -16.03 34.26
CA ALA B 107 23.28 -17.13 35.21
C ALA B 107 23.47 -16.62 36.65
N GLU B 108 24.11 -15.46 36.78
CA GLU B 108 24.33 -14.81 38.08
C GLU B 108 23.15 -13.98 38.57
N GLY B 109 22.12 -13.83 37.75
CA GLY B 109 20.92 -13.08 38.14
C GLY B 109 21.11 -11.58 38.13
N ILE B 110 22.08 -11.07 37.36
CA ILE B 110 22.33 -9.63 37.27
C ILE B 110 21.69 -9.11 35.97
N PRO B 111 20.75 -8.15 36.09
CA PRO B 111 20.06 -7.69 34.89
C PRO B 111 20.99 -6.91 33.96
N THR B 112 20.83 -7.14 32.67
CA THR B 112 21.68 -6.52 31.68
C THR B 112 20.91 -5.81 30.56
N LEU B 113 21.62 -4.89 29.92
CA LEU B 113 21.17 -4.22 28.73
C LEU B 113 22.23 -4.46 27.67
N GLY B 114 21.80 -4.86 26.47
CA GLY B 114 22.70 -5.04 25.34
C GLY B 114 22.82 -3.73 24.59
N THR B 115 24.01 -3.12 24.64
CA THR B 115 24.19 -1.79 24.06
C THR B 115 25.08 -1.79 22.80
N ALA B 116 25.25 -0.62 22.21
CA ALA B 116 25.98 -0.42 20.97
C ALA B 116 25.41 -1.32 19.86
N VAL B 117 24.07 -1.36 19.80
CA VAL B 117 23.37 -2.12 18.81
C VAL B 117 23.18 -1.27 17.55
N TYR B 118 23.72 -1.77 16.45
CA TYR B 118 23.63 -1.10 15.16
C TYR B 118 22.80 -1.92 14.16
N GLY B 119 22.33 -3.10 14.57
CA GLY B 119 21.53 -3.97 13.68
C GLY B 119 20.52 -4.77 14.48
N ALA B 120 19.40 -5.12 13.85
CA ALA B 120 18.32 -5.78 14.56
C ALA B 120 18.67 -7.21 15.00
N ALA B 121 19.33 -7.99 14.15
CA ALA B 121 19.69 -9.36 14.50
C ALA B 121 20.66 -9.36 15.67
N GLN B 122 21.62 -8.46 15.62
CA GLN B 122 22.58 -8.26 16.70
C GLN B 122 21.86 -8.01 18.01
N GLY B 123 20.89 -7.10 17.98
CA GLY B 123 20.08 -6.81 19.13
C GLY B 123 19.31 -8.02 19.64
N LEU B 124 18.68 -8.75 18.73
CA LEU B 124 17.96 -9.93 19.13
C LEU B 124 18.85 -10.95 19.82
N LEU B 125 20.05 -11.16 19.28
CA LEU B 125 20.97 -12.12 19.93
C LEU B 125 21.19 -11.77 21.39
N SER B 126 21.34 -10.49 21.69
CA SER B 126 21.58 -10.08 23.07
C SER B 126 20.39 -10.45 23.97
N ALA B 127 19.16 -10.30 23.46
CA ALA B 127 17.97 -10.66 24.23
C ALA B 127 17.88 -12.16 24.41
N LEU B 128 18.18 -12.92 23.36
CA LEU B 128 18.16 -14.39 23.47
C LEU B 128 19.19 -14.85 24.50
N ALA B 129 20.28 -14.12 24.63
CA ALA B 129 21.34 -14.45 25.60
C ALA B 129 20.98 -14.08 27.03
N GLY B 130 19.99 -13.21 27.22
CA GLY B 130 19.45 -12.89 28.53
C GLY B 130 19.19 -11.43 28.82
N ALA B 131 19.58 -10.53 27.93
CA ALA B 131 19.41 -9.08 28.21
C ALA B 131 17.94 -8.72 28.36
N GLU B 132 17.65 -7.90 29.34
CA GLU B 132 16.30 -7.42 29.64
C GLU B 132 15.95 -6.21 28.74
N TYR B 133 16.98 -5.48 28.34
CA TYR B 133 16.85 -4.32 27.46
C TYR B 133 17.85 -4.43 26.33
N VAL B 134 17.50 -3.88 25.18
CA VAL B 134 18.39 -3.80 24.03
C VAL B 134 18.38 -2.35 23.48
N ALA B 135 19.54 -1.72 23.40
CA ALA B 135 19.65 -0.31 23.05
C ALA B 135 20.30 -0.08 21.66
N PRO B 136 19.47 0.04 20.63
CA PRO B 136 20.00 0.48 19.35
C PRO B 136 20.42 1.95 19.40
N PHE B 137 21.50 2.27 18.69
CA PHE B 137 22.02 3.64 18.65
C PHE B 137 21.42 4.33 17.40
N VAL B 138 20.21 4.86 17.57
CA VAL B 138 19.38 5.33 16.47
C VAL B 138 20.08 6.37 15.61
N ASN B 139 20.58 7.43 16.23
CA ASN B 139 21.23 8.47 15.44
C ASN B 139 22.54 8.01 14.79
N ARG B 140 23.27 7.11 15.43
CA ARG B 140 24.49 6.59 14.84
C ARG B 140 24.19 5.86 13.54
N ILE B 141 23.15 5.03 13.56
CA ILE B 141 22.71 4.30 12.38
C ILE B 141 22.29 5.30 11.28
N ASP B 142 21.49 6.31 11.67
CA ASP B 142 21.06 7.38 10.78
C ASP B 142 22.23 8.16 10.20
N ALA B 143 23.21 8.50 11.03
CA ALA B 143 24.31 9.33 10.58
C ALA B 143 25.23 8.60 9.62
N GLN B 144 25.29 7.29 9.76
CA GLN B 144 26.19 6.44 9.00
C GLN B 144 25.52 5.81 7.78
N GLY B 145 24.45 6.43 7.29
CA GLY B 145 23.88 6.06 6.01
C GLY B 145 22.82 4.97 6.07
N GLY B 146 22.39 4.59 7.27
CA GLY B 146 21.37 3.56 7.43
C GLY B 146 20.03 4.20 7.75
N SER B 147 19.13 3.40 8.33
CA SER B 147 17.85 3.89 8.85
C SER B 147 17.71 3.43 10.28
N GLY B 148 17.93 4.36 11.22
CA GLY B 148 17.78 4.05 12.63
C GLY B 148 16.37 3.63 12.96
N ILE B 149 15.39 4.28 12.35
CA ILE B 149 14.01 3.93 12.60
C ILE B 149 13.65 2.53 12.06
N GLN B 150 14.12 2.18 10.87
CA GLN B 150 13.85 0.83 10.38
C GLN B 150 14.48 -0.23 11.30
N THR B 151 15.70 0.04 11.76
CA THR B 151 16.37 -0.87 12.67
C THR B 151 15.58 -1.05 13.97
N VAL B 152 15.09 0.05 14.54
CA VAL B 152 14.31 -0.01 15.75
C VAL B 152 13.00 -0.76 15.52
N THR B 153 12.35 -0.46 14.40
CA THR B 153 11.07 -1.10 14.06
C THR B 153 11.26 -2.62 13.97
N ASP B 154 12.27 -3.02 13.22
CA ASP B 154 12.62 -4.43 13.05
C ASP B 154 12.97 -5.07 14.40
N LEU B 155 13.79 -4.38 15.19
CA LEU B 155 14.22 -4.94 16.47
C LEU B 155 13.03 -5.18 17.40
N HIS B 156 12.15 -4.19 17.52
CA HIS B 156 11.01 -4.36 18.38
C HIS B 156 10.18 -5.56 17.94
N GLN B 157 9.94 -5.70 16.64
CA GLN B 157 9.18 -6.85 16.14
C GLN B 157 9.87 -8.15 16.49
N LEU B 158 11.19 -8.19 16.31
CA LEU B 158 11.95 -9.39 16.65
C LEU B 158 11.84 -9.75 18.12
N LEU B 159 11.95 -8.77 19.01
CA LEU B 159 11.83 -9.05 20.45
C LEU B 159 10.43 -9.59 20.77
N LYS B 160 9.41 -8.93 20.25
CA LYS B 160 8.06 -9.34 20.58
C LYS B 160 7.71 -10.73 20.06
N MET B 161 8.26 -11.12 18.91
CA MET B 161 8.06 -12.47 18.40
C MET B 161 8.94 -13.52 19.07
N HIS B 162 10.21 -13.18 19.29
CA HIS B 162 11.26 -14.19 19.58
C HIS B 162 11.89 -14.13 20.94
N ALA B 163 11.78 -13.02 21.65
CA ALA B 163 12.34 -12.88 23.00
C ALA B 163 11.46 -11.90 23.79
N PRO B 164 10.22 -12.29 24.04
CA PRO B 164 9.22 -11.31 24.48
C PRO B 164 9.44 -10.74 25.89
N GLN B 165 10.33 -11.32 26.68
CA GLN B 165 10.70 -10.73 27.98
C GLN B 165 11.56 -9.49 27.81
N ALA B 166 12.14 -9.27 26.63
CA ALA B 166 13.08 -8.17 26.46
C ALA B 166 12.36 -6.95 25.87
N LYS B 167 12.90 -5.78 26.16
CA LYS B 167 12.39 -4.49 25.70
C LYS B 167 13.44 -3.73 24.91
N VAL B 168 13.01 -2.99 23.91
CA VAL B 168 13.89 -2.02 23.28
C VAL B 168 14.01 -0.81 24.18
N LEU B 169 15.24 -0.37 24.43
CA LEU B 169 15.50 0.92 25.06
C LEU B 169 16.18 1.75 24.02
N ALA B 170 15.38 2.51 23.25
CA ALA B 170 15.93 3.29 22.17
C ALA B 170 16.80 4.43 22.68
N ALA B 171 17.92 4.65 22.01
CA ALA B 171 18.93 5.62 22.45
C ALA B 171 19.58 6.33 21.28
N SER B 172 20.30 7.40 21.58
CA SER B 172 21.14 8.16 20.62
C SER B 172 20.26 9.01 19.70
N PHE B 173 20.00 10.24 20.13
CA PHE B 173 19.03 11.11 19.46
C PHE B 173 19.57 12.49 19.27
N LYS B 174 19.31 13.06 18.09
CA LYS B 174 19.62 14.46 17.81
C LYS B 174 18.36 15.30 17.61
N THR B 175 17.21 14.65 17.41
CA THR B 175 15.97 15.40 17.18
C THR B 175 14.78 14.66 17.76
N PRO B 176 13.79 15.40 18.31
CA PRO B 176 12.58 14.80 18.83
C PRO B 176 11.88 13.86 17.86
N ARG B 177 11.96 14.14 16.56
CA ARG B 177 11.30 13.30 15.58
C ARG B 177 11.80 11.85 15.67
N GLN B 178 13.09 11.67 15.88
CA GLN B 178 13.63 10.32 15.98
C GLN B 178 13.02 9.59 17.17
N ALA B 179 12.87 10.29 18.28
CA ALA B 179 12.27 9.73 19.48
C ALA B 179 10.80 9.39 19.23
N LEU B 180 10.07 10.29 18.58
CA LEU B 180 8.68 10.05 18.26
C LEU B 180 8.55 8.78 17.41
N ASP B 181 9.37 8.67 16.38
CA ASP B 181 9.30 7.51 15.51
C ASP B 181 9.64 6.19 16.25
N CYS B 182 10.57 6.23 17.19
CA CYS B 182 10.81 5.05 18.01
C CYS B 182 9.61 4.67 18.88
N LEU B 183 8.97 5.68 19.47
CA LEU B 183 7.77 5.45 20.27
C LEU B 183 6.65 4.86 19.41
N LEU B 184 6.49 5.39 18.20
CA LEU B 184 5.44 4.88 17.30
C LEU B 184 5.73 3.47 16.84
N ALA B 185 7.00 3.09 16.81
CA ALA B 185 7.40 1.72 16.48
C ALA B 185 7.16 0.73 17.62
N GLY B 186 6.80 1.23 18.79
CA GLY B 186 6.40 0.39 19.90
C GLY B 186 7.41 0.25 21.02
N CYS B 187 8.52 0.96 20.97
CA CYS B 187 9.60 0.77 21.95
C CYS B 187 9.07 0.98 23.34
N GLU B 188 9.37 0.03 24.23
CA GLU B 188 8.79 0.07 25.56
C GLU B 188 9.61 0.89 26.52
N SER B 189 10.78 1.35 26.08
CA SER B 189 11.58 2.29 26.84
C SER B 189 12.40 3.15 25.90
N ILE B 190 12.86 4.28 26.42
CA ILE B 190 13.62 5.21 25.64
C ILE B 190 14.47 6.05 26.58
N THR B 191 15.62 6.51 26.11
CA THR B 191 16.45 7.43 26.86
C THR B 191 16.85 8.63 26.05
N LEU B 192 16.58 9.81 26.58
CA LEU B 192 16.75 11.06 25.86
C LEU B 192 17.92 11.87 26.38
N PRO B 193 18.74 12.43 25.48
CA PRO B 193 19.69 13.44 25.93
C PRO B 193 18.94 14.70 26.34
N LEU B 194 19.59 15.53 27.13
CA LEU B 194 18.88 16.68 27.71
C LEU B 194 18.33 17.65 26.67
N ASP B 195 19.08 17.93 25.62
CA ASP B 195 18.63 18.91 24.63
C ASP B 195 17.35 18.45 23.92
N VAL B 196 17.31 17.19 23.52
CA VAL B 196 16.11 16.62 22.89
C VAL B 196 14.92 16.59 23.85
N ALA B 197 15.16 16.19 25.11
CA ALA B 197 14.10 16.18 26.12
C ALA B 197 13.50 17.57 26.30
N GLN B 198 14.35 18.57 26.38
CA GLN B 198 13.86 19.95 26.54
C GLN B 198 13.10 20.47 25.32
N GLN B 199 13.53 20.07 24.13
CA GLN B 199 12.79 20.41 22.91
C GLN B 199 11.40 19.78 22.89
N MET B 200 11.28 18.59 23.46
CA MET B 200 10.02 17.88 23.46
C MET B 200 8.94 18.50 24.34
N ILE B 201 9.33 19.45 25.20
CA ILE B 201 8.35 20.11 26.07
C ILE B 201 8.25 21.60 25.86
N SER B 202 8.92 22.13 24.84
CA SER B 202 8.92 23.56 24.58
C SER B 202 8.58 23.84 23.10
N TYR B 203 7.45 24.49 22.85
CA TYR B 203 6.94 24.75 21.51
C TYR B 203 6.41 26.18 21.39
N PRO B 204 6.87 26.93 20.39
CA PRO B 204 6.33 28.26 20.16
C PRO B 204 4.80 28.29 19.97
N ALA B 205 4.26 27.30 19.27
CA ALA B 205 2.81 27.27 19.05
C ALA B 205 2.03 27.05 20.35
N VAL B 206 2.60 26.25 21.25
CA VAL B 206 1.97 25.99 22.55
C VAL B 206 2.03 27.27 23.42
N ASP B 207 3.19 27.91 23.45
CA ASP B 207 3.34 29.16 24.19
C ASP B 207 2.35 30.20 23.68
N ALA B 208 2.17 30.28 22.36
CA ALA B 208 1.18 31.19 21.78
C ALA B 208 -0.26 30.87 22.18
N ALA B 209 -0.61 29.57 22.24
CA ALA B 209 -1.93 29.16 22.69
C ALA B 209 -2.20 29.59 24.14
N VAL B 210 -1.20 29.40 24.99
CA VAL B 210 -1.33 29.78 26.40
C VAL B 210 -1.44 31.31 26.51
N ALA B 211 -0.64 32.04 25.74
CA ALA B 211 -0.71 33.51 25.76
C ALA B 211 -2.07 34.02 25.31
N LYS B 212 -2.66 33.37 24.32
CA LYS B 212 -3.99 33.75 23.87
C LYS B 212 -5.04 33.51 24.97
N PHE B 213 -4.97 32.38 25.65
CA PHE B 213 -5.83 32.13 26.81
C PHE B 213 -5.70 33.24 27.86
N GLU B 214 -4.47 33.62 28.16
CA GLU B 214 -4.21 34.69 29.14
C GLU B 214 -4.77 36.05 28.68
N GLN B 215 -4.58 36.40 27.42
CA GLN B 215 -5.09 37.65 26.87
C GLN B 215 -6.60 37.69 26.83
N ASP B 216 -7.23 36.59 26.46
CA ASP B 216 -8.70 36.54 26.46
C ASP B 216 -9.25 36.69 27.91
N TRP B 217 -8.60 36.03 28.85
CA TRP B 217 -9.02 36.06 30.25
C TRP B 217 -8.88 37.47 30.80
N GLN B 218 -7.75 38.10 30.50
CA GLN B 218 -7.48 39.49 30.86
C GLN B 218 -8.57 40.41 30.31
N GLY B 219 -8.88 40.24 29.03
CA GLY B 219 -9.88 41.06 28.37
C GLY B 219 -11.25 40.99 29.04
N ALA B 220 -11.62 39.83 29.55
CA ALA B 220 -12.92 39.65 30.16
C ALA B 220 -12.93 39.99 31.65
N PHE B 221 -11.85 39.68 32.36
CA PHE B 221 -11.87 39.72 33.82
C PHE B 221 -10.87 40.69 34.46
N GLY B 222 -10.05 41.34 33.65
CA GLY B 222 -9.09 42.33 34.16
C GLY B 222 -7.88 41.78 34.88
N ARG B 223 -7.64 40.47 34.79
CA ARG B 223 -6.43 39.87 35.36
C ARG B 223 -6.10 38.61 34.57
N THR B 224 -4.95 38.01 34.82
CA THR B 224 -4.57 36.76 34.14
C THR B 224 -4.61 35.55 35.08
N SER B 225 -5.00 35.77 36.33
CA SER B 225 -5.08 34.70 37.32
C SER B 225 -6.51 34.27 37.48
N ILE B 226 -6.68 33.08 38.05
CA ILE B 226 -7.97 32.44 38.06
C ILE B 226 -8.97 33.18 38.93
N HIS C 7 12.33 -18.64 20.57
CA HIS C 7 13.05 -18.86 19.29
C HIS C 7 14.20 -19.83 19.55
N GLU C 8 14.42 -20.76 18.62
CA GLU C 8 15.52 -21.71 18.72
C GLU C 8 16.56 -21.40 17.65
N LEU C 9 17.78 -21.11 18.10
CA LEU C 9 18.89 -20.80 17.23
C LEU C 9 19.88 -21.97 17.17
N TYR C 10 20.11 -22.45 15.96
CA TYR C 10 20.99 -23.58 15.71
C TYR C 10 22.18 -23.17 14.83
N LEU C 11 23.28 -23.92 14.94
CA LEU C 11 24.37 -23.84 14.01
C LEU C 11 24.30 -25.02 13.06
N ASP C 12 24.61 -24.76 11.80
CA ASP C 12 24.53 -25.71 10.71
C ASP C 12 25.97 -26.11 10.40
N THR C 13 26.45 -27.17 11.04
CA THR C 13 27.88 -27.47 11.02
C THR C 13 28.16 -28.87 11.55
N SER C 14 29.31 -29.43 11.17
CA SER C 14 29.85 -30.63 11.86
C SER C 14 31.22 -30.34 12.48
N ASP C 15 31.56 -29.05 12.65
CA ASP C 15 32.87 -28.61 13.13
C ASP C 15 32.84 -28.55 14.65
N VAL C 16 33.28 -29.64 15.28
CA VAL C 16 33.15 -29.82 16.72
C VAL C 16 33.88 -28.75 17.52
N VAL C 17 35.10 -28.41 17.10
CA VAL C 17 35.89 -27.38 17.78
C VAL C 17 35.19 -26.01 17.71
N ALA C 18 34.66 -25.66 16.54
CA ALA C 18 33.93 -24.39 16.39
C ALA C 18 32.66 -24.38 17.25
N VAL C 19 31.93 -25.49 17.30
CA VAL C 19 30.71 -25.56 18.10
C VAL C 19 31.03 -25.33 19.57
N LYS C 20 32.08 -25.97 20.05
CA LYS C 20 32.46 -25.74 21.44
C LYS C 20 32.79 -24.26 21.71
N ALA C 21 33.57 -23.65 20.83
CA ALA C 21 33.93 -22.25 20.99
C ALA C 21 32.71 -21.33 20.91
N LEU C 22 31.85 -21.56 19.92
CA LEU C 22 30.70 -20.68 19.72
C LEU C 22 29.56 -20.90 20.71
N SER C 23 29.48 -22.07 21.35
CA SER C 23 28.43 -22.31 22.34
C SER C 23 28.53 -21.44 23.59
N ARG C 24 29.72 -20.92 23.82
CA ARG C 24 29.99 -20.00 24.88
C ARG C 24 29.50 -18.56 24.57
N ILE C 25 29.43 -18.26 23.28
CA ILE C 25 29.07 -16.92 22.81
C ILE C 25 27.58 -16.86 22.47
N PHE C 26 27.13 -17.76 21.60
CA PHE C 26 25.74 -17.74 21.13
C PHE C 26 24.83 -18.48 22.09
N PRO C 27 23.56 -18.04 22.18
CA PRO C 27 22.54 -18.77 22.91
C PRO C 27 21.95 -19.88 22.03
N LEU C 28 22.66 -21.00 21.95
CA LEU C 28 22.30 -22.07 21.02
C LEU C 28 21.30 -23.04 21.60
N ALA C 29 20.37 -23.45 20.76
CA ALA C 29 19.44 -24.54 21.07
C ALA C 29 20.04 -25.88 20.65
N GLY C 30 21.06 -25.85 19.80
CA GLY C 30 21.64 -27.08 19.25
C GLY C 30 22.37 -26.91 17.94
N VAL C 31 22.51 -28.04 17.22
CA VAL C 31 23.24 -28.10 15.98
C VAL C 31 22.46 -28.93 14.98
N THR C 32 22.44 -28.47 13.74
CA THR C 32 21.84 -29.23 12.64
C THR C 32 22.95 -29.71 11.71
N THR C 33 22.79 -30.91 11.19
CA THR C 33 23.68 -31.44 10.18
C THR C 33 22.86 -31.86 8.99
N ASN C 34 23.54 -32.02 7.86
CA ASN C 34 22.96 -32.61 6.67
C ASN C 34 24.05 -33.45 5.99
N PRO C 35 23.68 -34.19 4.94
CA PRO C 35 24.67 -35.12 4.36
C PRO C 35 25.93 -34.46 3.82
N SER C 36 25.78 -33.26 3.24
CA SER C 36 26.93 -32.52 2.74
C SER C 36 27.83 -32.00 3.86
N ILE C 37 27.22 -31.52 4.93
CA ILE C 37 27.95 -31.04 6.08
C ILE C 37 28.71 -32.19 6.74
N ILE C 38 28.06 -33.32 6.90
CA ILE C 38 28.72 -34.50 7.48
C ILE C 38 29.87 -34.93 6.58
N ALA C 39 29.61 -35.06 5.28
CA ALA C 39 30.64 -35.45 4.31
C ALA C 39 31.86 -34.51 4.35
N ALA C 40 31.62 -33.21 4.43
CA ALA C 40 32.69 -32.22 4.50
C ALA C 40 33.58 -32.40 5.72
N GLY C 41 32.99 -32.80 6.85
CA GLY C 41 33.73 -33.02 8.08
C GLY C 41 34.51 -34.34 8.10
N LYS C 42 34.12 -35.27 7.23
CA LYS C 42 34.82 -36.56 7.02
C LYS C 42 34.73 -37.58 8.15
N LYS C 43 34.06 -37.26 9.24
CA LYS C 43 33.89 -38.19 10.33
C LYS C 43 32.52 -38.87 10.20
N PRO C 44 32.46 -40.19 10.46
CA PRO C 44 31.17 -40.87 10.39
C PRO C 44 30.20 -40.39 11.48
N LEU C 45 28.91 -40.59 11.23
CA LEU C 45 27.87 -40.19 12.14
C LEU C 45 28.06 -40.71 13.56
N ASP C 46 28.47 -41.98 13.71
CA ASP C 46 28.59 -42.53 15.07
C ASP C 46 29.77 -41.96 15.85
N VAL C 47 30.67 -41.25 15.17
CA VAL C 47 31.75 -40.50 15.81
C VAL C 47 31.33 -39.04 16.04
N VAL C 48 30.91 -38.36 14.99
CA VAL C 48 30.71 -36.91 15.07
C VAL C 48 29.48 -36.52 15.89
N LEU C 49 28.39 -37.28 15.81
CA LEU C 49 27.19 -36.86 16.53
C LEU C 49 27.42 -36.82 18.06
N PRO C 50 28.04 -37.87 18.64
CA PRO C 50 28.32 -37.79 20.07
C PRO C 50 29.29 -36.67 20.41
N GLN C 51 30.23 -36.38 19.52
CA GLN C 51 31.16 -35.27 19.76
C GLN C 51 30.45 -33.92 19.76
N LEU C 52 29.53 -33.74 18.82
CA LEU C 52 28.75 -32.50 18.75
C LEU C 52 27.89 -32.35 20.00
N HIS C 53 27.29 -33.45 20.43
CA HIS C 53 26.48 -33.44 21.63
C HIS C 53 27.29 -32.99 22.85
N GLU C 54 28.51 -33.51 22.96
CA GLU C 54 29.42 -33.13 24.05
C GLU C 54 29.88 -31.67 23.92
N ALA C 55 30.17 -31.24 22.69
CA ALA C 55 30.65 -29.88 22.45
C ALA C 55 29.65 -28.80 22.90
N MET C 56 28.38 -29.18 23.02
CA MET C 56 27.35 -28.30 23.61
C MET C 56 27.03 -28.60 25.06
N GLY C 57 27.91 -29.33 25.73
CA GLY C 57 27.72 -29.64 27.15
C GLY C 57 26.51 -30.51 27.43
N GLY C 58 26.11 -31.33 26.47
CA GLY C 58 24.98 -32.23 26.64
C GLY C 58 23.60 -31.57 26.68
N GLN C 59 23.52 -30.29 26.36
CA GLN C 59 22.26 -29.54 26.47
C GLN C 59 21.59 -29.31 25.13
N GLY C 60 22.34 -29.32 24.04
CA GLY C 60 21.76 -28.96 22.74
C GLY C 60 21.00 -30.08 22.07
N ARG C 61 19.99 -29.70 21.30
CA ARG C 61 19.32 -30.62 20.41
C ARG C 61 20.10 -30.88 19.13
N LEU C 62 20.08 -32.11 18.63
CA LEU C 62 20.76 -32.46 17.37
C LEU C 62 19.76 -32.87 16.30
N PHE C 63 20.13 -32.61 15.06
CA PHE C 63 19.38 -33.03 13.88
C PHE C 63 20.32 -33.71 12.89
N ALA C 64 19.87 -34.81 12.29
CA ALA C 64 20.62 -35.45 11.20
C ALA C 64 19.67 -36.12 10.22
N GLU C 65 20.18 -36.33 9.01
CA GLU C 65 19.36 -36.67 7.86
C GLU C 65 19.49 -38.11 7.38
N VAL C 66 18.35 -38.69 7.02
CA VAL C 66 18.34 -40.02 6.39
C VAL C 66 18.94 -39.97 4.98
N MET C 67 19.40 -41.12 4.49
CA MET C 67 19.96 -41.22 3.15
C MET C 67 19.16 -42.12 2.18
N ALA C 68 18.36 -43.04 2.72
CA ALA C 68 17.60 -43.97 1.87
C ALA C 68 16.56 -43.26 0.99
N THR C 69 16.18 -43.91 -0.10
CA THR C 69 15.24 -43.34 -1.06
C THR C 69 13.84 -43.94 -1.01
N THR C 70 13.64 -44.98 -0.22
CA THR C 70 12.31 -45.53 -0.03
C THR C 70 11.88 -45.20 1.37
N ALA C 71 10.57 -45.10 1.58
CA ALA C 71 10.05 -44.81 2.90
C ALA C 71 10.53 -45.80 3.98
N GLU C 72 10.49 -47.08 3.63
CA GLU C 72 10.89 -48.13 4.55
C GLU C 72 12.38 -47.97 4.92
N GLY C 73 13.20 -47.67 3.93
CA GLY C 73 14.64 -47.44 4.16
C GLY C 73 14.89 -46.22 5.02
N MET C 74 14.07 -45.17 4.82
CA MET C 74 14.22 -43.97 5.61
C MET C 74 13.86 -44.22 7.06
N VAL C 75 12.84 -45.04 7.31
CA VAL C 75 12.49 -45.41 8.68
C VAL C 75 13.66 -46.17 9.33
N ASN C 76 14.26 -47.09 8.59
CA ASN C 76 15.42 -47.83 9.12
C ASN C 76 16.60 -46.91 9.42
N ASP C 77 16.86 -45.93 8.53
CA ASP C 77 17.87 -44.89 8.81
C ASP C 77 17.55 -44.10 10.07
N ALA C 78 16.27 -43.76 10.28
CA ALA C 78 15.86 -43.05 11.47
C ALA C 78 16.20 -43.83 12.75
N LEU C 79 15.94 -45.14 12.71
CA LEU C 79 16.25 -45.99 13.86
C LEU C 79 17.74 -46.04 14.13
N LYS C 80 18.54 -46.10 13.07
CA LYS C 80 20.01 -46.05 13.23
C LYS C 80 20.43 -44.73 13.86
N LEU C 81 19.88 -43.62 13.36
CA LEU C 81 20.22 -42.31 13.93
C LEU C 81 19.85 -42.23 15.41
N ARG C 82 18.67 -42.72 15.76
CA ARG C 82 18.20 -42.68 17.15
C ARG C 82 19.01 -43.61 18.06
N SER C 83 19.63 -44.65 17.51
CA SER C 83 20.52 -45.50 18.30
C SER C 83 21.85 -44.79 18.61
N ILE C 84 22.24 -43.80 17.79
CA ILE C 84 23.44 -43.00 18.07
C ILE C 84 23.14 -41.90 19.09
N ILE C 85 22.05 -41.16 18.86
CA ILE C 85 21.63 -40.08 19.76
C ILE C 85 20.14 -40.29 20.04
N ALA C 86 19.82 -40.64 21.27
CA ALA C 86 18.49 -41.13 21.62
C ALA C 86 17.37 -40.15 21.31
N ASP C 87 17.62 -38.86 21.49
CA ASP C 87 16.58 -37.84 21.28
C ASP C 87 16.80 -36.99 20.01
N ILE C 88 17.55 -37.52 19.05
CA ILE C 88 17.85 -36.79 17.83
C ILE C 88 16.56 -36.55 17.03
N VAL C 89 16.49 -35.40 16.36
CA VAL C 89 15.41 -35.15 15.41
C VAL C 89 15.88 -35.59 14.03
N VAL C 90 15.06 -36.39 13.37
CA VAL C 90 15.40 -36.99 12.11
C VAL C 90 14.91 -36.14 10.93
N LYS C 91 15.84 -35.73 10.08
CA LYS C 91 15.52 -34.96 8.89
C LYS C 91 15.21 -35.88 7.73
N VAL C 92 14.08 -35.63 7.07
CA VAL C 92 13.62 -36.40 5.94
C VAL C 92 13.37 -35.44 4.78
N PRO C 93 13.93 -35.72 3.59
CA PRO C 93 13.66 -34.85 2.46
C PRO C 93 12.20 -34.94 2.06
N VAL C 94 11.58 -33.80 1.73
CA VAL C 94 10.14 -33.82 1.42
C VAL C 94 9.90 -34.17 -0.03
N THR C 95 9.96 -35.47 -0.29
CA THR C 95 9.66 -36.09 -1.56
C THR C 95 8.47 -37.00 -1.31
N ALA C 96 7.97 -37.68 -2.35
CA ALA C 96 6.85 -38.60 -2.17
C ALA C 96 7.18 -39.66 -1.13
N GLU C 97 8.33 -40.33 -1.26
CA GLU C 97 8.69 -41.34 -0.27
C GLU C 97 8.98 -40.73 1.10
N GLY C 98 9.56 -39.53 1.11
CA GLY C 98 9.79 -38.82 2.34
C GLY C 98 8.52 -38.55 3.12
N LEU C 99 7.49 -38.09 2.43
CA LEU C 99 6.20 -37.86 3.10
C LEU C 99 5.66 -39.15 3.71
N ALA C 100 5.77 -40.24 2.95
CA ALA C 100 5.33 -41.54 3.44
C ALA C 100 6.10 -41.91 4.69
N ALA C 101 7.40 -41.64 4.68
CA ALA C 101 8.25 -41.88 5.86
C ALA C 101 7.88 -41.04 7.05
N ILE C 102 7.59 -39.76 6.80
CA ILE C 102 7.19 -38.87 7.88
C ILE C 102 5.93 -39.40 8.58
N LYS C 103 4.95 -39.86 7.79
CA LYS C 103 3.74 -40.45 8.39
C LYS C 103 4.06 -41.66 9.25
N MET C 104 4.93 -42.52 8.75
CA MET C 104 5.35 -43.71 9.52
C MET C 104 6.09 -43.35 10.80
N LEU C 105 6.96 -42.35 10.72
CA LEU C 105 7.71 -41.92 11.89
C LEU C 105 6.83 -41.26 12.93
N LYS C 106 5.80 -40.54 12.48
CA LYS C 106 4.81 -39.96 13.38
C LYS C 106 4.12 -41.08 14.15
N ALA C 107 3.74 -42.15 13.46
CA ALA C 107 3.11 -43.31 14.12
C ALA C 107 4.03 -43.99 15.14
N GLU C 108 5.34 -43.98 14.87
CA GLU C 108 6.35 -44.52 15.79
C GLU C 108 6.77 -43.58 16.90
N GLY C 109 6.31 -42.33 16.87
CA GLY C 109 6.67 -41.35 17.89
C GLY C 109 8.08 -40.79 17.77
N ILE C 110 8.68 -40.85 16.59
CA ILE C 110 10.01 -40.28 16.36
C ILE C 110 9.85 -38.88 15.74
N PRO C 111 10.38 -37.84 16.41
CA PRO C 111 10.24 -36.48 15.83
C PRO C 111 11.01 -36.27 14.54
N THR C 112 10.38 -35.56 13.61
CA THR C 112 10.97 -35.36 12.29
C THR C 112 11.01 -33.90 11.85
N LEU C 113 11.91 -33.64 10.92
CA LEU C 113 12.01 -32.36 10.24
C LEU C 113 11.90 -32.65 8.77
N GLY C 114 11.06 -31.89 8.06
CA GLY C 114 10.92 -32.02 6.64
C GLY C 114 11.92 -31.09 5.95
N THR C 115 12.90 -31.65 5.24
CA THR C 115 13.98 -30.86 4.68
C THR C 115 13.97 -30.82 3.16
N ALA C 116 14.91 -30.09 2.59
CA ALA C 116 15.00 -29.86 1.14
C ALA C 116 13.68 -29.27 0.61
N VAL C 117 13.13 -28.33 1.36
CA VAL C 117 11.90 -27.64 0.98
C VAL C 117 12.21 -26.43 0.10
N TYR C 118 11.68 -26.47 -1.12
CA TYR C 118 11.86 -25.42 -2.09
C TYR C 118 10.55 -24.69 -2.41
N GLY C 119 9.45 -25.10 -1.79
CA GLY C 119 8.14 -24.44 -1.97
C GLY C 119 7.29 -24.52 -0.72
N ALA C 120 6.38 -23.55 -0.56
CA ALA C 120 5.61 -23.46 0.68
C ALA C 120 4.59 -24.61 0.84
N ALA C 121 3.89 -24.96 -0.24
CA ALA C 121 2.90 -26.05 -0.18
C ALA C 121 3.58 -27.40 0.14
N GLN C 122 4.72 -27.64 -0.51
CA GLN C 122 5.56 -28.80 -0.19
C GLN C 122 5.89 -28.87 1.30
N GLY C 123 6.36 -27.75 1.86
CA GLY C 123 6.63 -27.66 3.27
C GLY C 123 5.42 -27.93 4.15
N LEU C 124 4.27 -27.34 3.81
CA LEU C 124 3.08 -27.58 4.57
C LEU C 124 2.71 -29.07 4.57
N LEU C 125 2.83 -29.72 3.44
CA LEU C 125 2.48 -31.15 3.37
C LEU C 125 3.28 -31.94 4.38
N SER C 126 4.56 -31.60 4.56
CA SER C 126 5.40 -32.32 5.51
C SER C 126 4.92 -32.11 6.93
N ALA C 127 4.46 -30.92 7.26
CA ALA C 127 3.89 -30.65 8.58
C ALA C 127 2.55 -31.37 8.81
N LEU C 128 1.69 -31.35 7.81
CA LEU C 128 0.43 -32.07 7.91
C LEU C 128 0.67 -33.59 8.10
N ALA C 129 1.76 -34.10 7.53
CA ALA C 129 2.14 -35.51 7.67
C ALA C 129 2.73 -35.83 9.04
N GLY C 130 3.16 -34.83 9.80
CA GLY C 130 3.63 -35.02 11.16
C GLY C 130 4.95 -34.35 11.53
N ALA C 131 5.66 -33.75 10.57
CA ALA C 131 6.94 -33.08 10.90
C ALA C 131 6.76 -31.94 11.90
N GLU C 132 7.65 -31.88 12.89
CA GLU C 132 7.65 -30.86 13.93
C GLU C 132 8.33 -29.59 13.41
N TYR C 133 9.26 -29.76 12.46
CA TYR C 133 10.01 -28.67 11.85
C TYR C 133 9.99 -28.82 10.35
N VAL C 134 10.04 -27.69 9.64
CA VAL C 134 10.10 -27.67 8.19
C VAL C 134 11.22 -26.71 7.78
N ALA C 135 12.16 -27.20 6.97
CA ALA C 135 13.36 -26.44 6.60
C ALA C 135 13.40 -26.05 5.14
N PRO C 136 12.92 -24.84 4.82
CA PRO C 136 13.13 -24.34 3.46
C PRO C 136 14.61 -23.99 3.24
N PHE C 137 15.10 -24.24 2.03
CA PHE C 137 16.45 -23.92 1.65
C PHE C 137 16.45 -22.53 1.01
N VAL C 138 16.55 -21.53 1.87
CA VAL C 138 16.38 -20.13 1.49
C VAL C 138 17.31 -19.68 0.38
N ASN C 139 18.63 -19.90 0.55
CA ASN C 139 19.54 -19.48 -0.47
C ASN C 139 19.42 -20.25 -1.78
N ARG C 140 19.08 -21.52 -1.70
CA ARG C 140 18.90 -22.32 -2.90
C ARG C 140 17.77 -21.76 -3.75
N ILE C 141 16.68 -21.39 -3.09
CA ILE C 141 15.53 -20.77 -3.79
C ILE C 141 15.95 -19.44 -4.41
N ASP C 142 16.65 -18.61 -3.63
CA ASP C 142 17.21 -17.34 -4.11
C ASP C 142 18.17 -17.51 -5.29
N ALA C 143 19.05 -18.50 -5.21
CA ALA C 143 20.06 -18.66 -6.25
C ALA C 143 19.46 -19.16 -7.55
N GLN C 144 18.36 -19.88 -7.45
CA GLN C 144 17.72 -20.48 -8.60
C GLN C 144 16.57 -19.64 -9.18
N GLY C 145 16.58 -18.32 -8.90
CA GLY C 145 15.69 -17.40 -9.57
C GLY C 145 14.36 -17.18 -8.90
N GLY C 146 14.20 -17.68 -7.68
CA GLY C 146 12.96 -17.51 -6.93
C GLY C 146 13.13 -16.44 -5.87
N SER C 147 12.28 -16.48 -4.85
CA SER C 147 12.40 -15.63 -3.68
C SER C 147 12.35 -16.49 -2.43
N GLY C 148 13.53 -16.76 -1.85
CA GLY C 148 13.60 -17.53 -0.64
C GLY C 148 12.77 -16.90 0.47
N ILE C 149 12.83 -15.58 0.56
CA ILE C 149 12.11 -14.90 1.62
C ILE C 149 10.60 -14.99 1.43
N GLN C 150 10.11 -14.86 0.20
CA GLN C 150 8.66 -15.02 -0.01
C GLN C 150 8.23 -16.45 0.33
N THR C 151 9.05 -17.44 -0.03
CA THR C 151 8.74 -18.84 0.31
C THR C 151 8.66 -19.06 1.80
N VAL C 152 9.62 -18.51 2.55
CA VAL C 152 9.61 -18.62 3.98
C VAL C 152 8.40 -17.91 4.61
N THR C 153 8.09 -16.69 4.12
CA THR C 153 7.00 -15.91 4.61
C THR C 153 5.71 -16.68 4.45
N ASP C 154 5.50 -17.20 3.24
CA ASP C 154 4.33 -18.02 2.91
C ASP C 154 4.26 -19.28 3.76
N LEU C 155 5.40 -19.98 3.89
CA LEU C 155 5.42 -21.22 4.65
C LEU C 155 5.04 -20.98 6.11
N HIS C 156 5.63 -19.96 6.73
CA HIS C 156 5.33 -19.68 8.12
C HIS C 156 3.84 -19.38 8.29
N GLN C 157 3.27 -18.59 7.40
CA GLN C 157 1.83 -18.33 7.46
C GLN C 157 1.01 -19.62 7.34
N LEU C 158 1.41 -20.47 6.42
CA LEU C 158 0.71 -21.74 6.21
C LEU C 158 0.75 -22.62 7.46
N LEU C 159 1.91 -22.71 8.09
CA LEU C 159 2.00 -23.52 9.29
C LEU C 159 1.15 -22.95 10.40
N LYS C 160 1.20 -21.63 10.59
CA LYS C 160 0.45 -21.04 11.68
C LYS C 160 -1.07 -21.16 11.48
N MET C 161 -1.53 -21.14 10.23
CA MET C 161 -2.96 -21.34 9.95
C MET C 161 -3.39 -22.81 9.96
N HIS C 162 -2.57 -23.67 9.37
CA HIS C 162 -3.00 -25.00 8.96
C HIS C 162 -2.34 -26.18 9.69
N ALA C 163 -1.19 -25.95 10.33
CA ALA C 163 -0.47 -27.01 11.06
C ALA C 163 0.29 -26.37 12.20
N PRO C 164 -0.42 -25.81 13.17
CA PRO C 164 0.21 -24.87 14.10
C PRO C 164 1.19 -25.51 15.09
N GLN C 165 1.20 -26.83 15.20
CA GLN C 165 2.22 -27.51 16.01
C GLN C 165 3.60 -27.48 15.35
N ALA C 166 3.68 -27.17 14.06
CA ALA C 166 4.94 -27.22 13.34
C ALA C 166 5.61 -25.84 13.28
N LYS C 167 6.94 -25.84 13.20
CA LYS C 167 7.75 -24.62 13.16
C LYS C 167 8.58 -24.60 11.88
N VAL C 168 8.79 -23.42 11.32
CA VAL C 168 9.79 -23.26 10.29
C VAL C 168 11.17 -23.25 10.95
N LEU C 169 12.08 -24.04 10.40
CA LEU C 169 13.50 -23.99 10.73
C LEU C 169 14.20 -23.52 9.48
N ALA C 170 14.37 -22.20 9.35
CA ALA C 170 14.94 -21.66 8.12
C ALA C 170 16.42 -22.03 8.01
N ALA C 171 16.84 -22.38 6.81
CA ALA C 171 18.18 -22.87 6.55
C ALA C 171 18.70 -22.41 5.20
N SER C 172 20.00 -22.57 5.00
CA SER C 172 20.71 -22.29 3.74
C SER C 172 20.87 -20.79 3.56
N PHE C 173 22.00 -20.27 4.03
CA PHE C 173 22.24 -18.83 4.06
C PHE C 173 23.63 -18.47 3.57
N LYS C 174 23.71 -17.42 2.76
CA LYS C 174 24.98 -16.84 2.35
C LYS C 174 25.22 -15.44 2.93
N THR C 175 24.17 -14.81 3.45
CA THR C 175 24.32 -13.46 4.02
C THR C 175 23.38 -13.28 5.22
N PRO C 176 23.84 -12.56 6.24
CA PRO C 176 22.99 -12.23 7.40
C PRO C 176 21.61 -11.62 7.03
N ARG C 177 21.53 -10.86 5.94
CA ARG C 177 20.27 -10.24 5.56
C ARG C 177 19.19 -11.31 5.32
N GLN C 178 19.58 -12.44 4.72
CA GLN C 178 18.60 -13.52 4.50
C GLN C 178 18.08 -14.05 5.84
N ALA C 179 18.97 -14.20 6.82
CA ALA C 179 18.56 -14.66 8.14
C ALA C 179 17.65 -13.64 8.83
N LEU C 180 18.01 -12.36 8.74
CA LEU C 180 17.19 -11.31 9.31
C LEU C 180 15.78 -11.35 8.73
N ASP C 181 15.70 -11.46 7.42
CA ASP C 181 14.40 -11.46 6.76
C ASP C 181 13.55 -12.69 7.16
N CYS C 182 14.18 -13.85 7.37
CA CYS C 182 13.46 -15.02 7.88
C CYS C 182 12.94 -14.78 9.30
N LEU C 183 13.77 -14.17 10.14
CA LEU C 183 13.37 -13.85 11.51
C LEU C 183 12.19 -12.84 11.51
N LEU C 184 12.26 -11.86 10.64
CA LEU C 184 11.18 -10.86 10.54
C LEU C 184 9.88 -11.46 10.02
N ALA C 185 10.00 -12.52 9.22
CA ALA C 185 8.83 -13.26 8.74
C ALA C 185 8.17 -14.14 9.80
N GLY C 186 8.84 -14.29 10.96
CA GLY C 186 8.27 -15.00 12.09
C GLY C 186 8.81 -16.38 12.37
N CYS C 187 9.83 -16.82 11.64
CA CYS C 187 10.32 -18.19 11.78
CA CYS C 187 10.28 -18.21 11.77
C CYS C 187 10.70 -18.46 13.23
N GLU C 188 10.20 -19.56 13.76
CA GLU C 188 10.42 -19.86 15.18
C GLU C 188 11.74 -20.56 15.44
N SER C 189 12.43 -20.94 14.38
CA SER C 189 13.78 -21.50 14.49
C SER C 189 14.58 -21.20 13.25
N ILE C 190 15.89 -21.25 13.38
CA ILE C 190 16.78 -20.95 12.29
C ILE C 190 18.11 -21.66 12.53
N THR C 191 18.79 -22.03 11.46
CA THR C 191 20.12 -22.63 11.57
C THR C 191 21.10 -21.92 10.65
N LEU C 192 22.19 -21.45 11.25
CA LEU C 192 23.16 -20.63 10.57
C LEU C 192 24.47 -21.37 10.28
N PRO C 193 24.99 -21.24 9.06
CA PRO C 193 26.39 -21.66 8.86
C PRO C 193 27.34 -20.76 9.63
N LEU C 194 28.54 -21.26 9.88
CA LEU C 194 29.46 -20.56 10.77
C LEU C 194 29.83 -19.16 10.26
N ASP C 195 30.05 -19.01 8.96
CA ASP C 195 30.48 -17.70 8.42
C ASP C 195 29.41 -16.62 8.61
N VAL C 196 28.16 -16.97 8.34
CA VAL C 196 27.03 -16.04 8.54
C VAL C 196 26.86 -15.72 10.03
N ALA C 197 26.94 -16.74 10.89
CA ALA C 197 26.81 -16.53 12.34
C ALA C 197 27.88 -15.54 12.83
N GLN C 198 29.11 -15.71 12.35
CA GLN C 198 30.20 -14.84 12.78
C GLN C 198 30.06 -13.41 12.25
N GLN C 199 29.55 -13.26 11.03
CA GLN C 199 29.23 -11.94 10.51
C GLN C 199 28.14 -11.23 11.33
N MET C 200 27.20 -12.00 11.86
CA MET C 200 26.09 -11.41 12.60
C MET C 200 26.51 -10.81 13.95
N ILE C 201 27.73 -11.09 14.40
CA ILE C 201 28.19 -10.56 15.69
C ILE C 201 29.43 -9.71 15.57
N SER C 202 29.85 -9.43 14.35
CA SER C 202 31.05 -8.62 14.12
C SER C 202 30.76 -7.50 13.15
N TYR C 203 30.85 -6.25 13.62
CA TYR C 203 30.54 -5.07 12.82
C TYR C 203 31.57 -3.97 13.00
N PRO C 204 32.08 -3.40 11.90
CA PRO C 204 33.03 -2.30 12.02
C PRO C 204 32.47 -1.09 12.77
N ALA C 205 31.20 -0.78 12.54
CA ALA C 205 30.60 0.35 13.22
C ALA C 205 30.50 0.14 14.75
N VAL C 206 30.21 -1.09 15.17
CA VAL C 206 30.12 -1.42 16.57
C VAL C 206 31.51 -1.32 17.21
N ASP C 207 32.51 -1.88 16.53
CA ASP C 207 33.89 -1.79 17.03
C ASP C 207 34.32 -0.33 17.18
N ALA C 208 33.94 0.51 16.23
CA ALA C 208 34.26 1.93 16.30
C ALA C 208 33.54 2.64 17.47
N ALA C 209 32.30 2.24 17.76
CA ALA C 209 31.58 2.79 18.92
C ALA C 209 32.28 2.43 20.23
N VAL C 210 32.71 1.18 20.33
CA VAL C 210 33.40 0.72 21.54
C VAL C 210 34.75 1.43 21.68
N ALA C 211 35.48 1.59 20.58
CA ALA C 211 36.73 2.33 20.60
C ALA C 211 36.54 3.78 21.05
N LYS C 212 35.47 4.42 20.59
CA LYS C 212 35.21 5.79 20.98
C LYS C 212 34.94 5.88 22.49
N PHE C 213 34.17 4.95 23.02
CA PHE C 213 33.96 4.87 24.46
C PHE C 213 35.31 4.77 25.22
N GLU C 214 36.18 3.88 24.74
CA GLU C 214 37.50 3.68 25.36
C GLU C 214 38.36 4.95 25.30
N GLN C 215 38.38 5.60 24.15
CA GLN C 215 39.15 6.82 23.98
C GLN C 215 38.63 7.96 24.85
N ASP C 216 37.31 8.11 24.92
CA ASP C 216 36.74 9.14 25.79
C ASP C 216 37.09 8.87 27.26
N TRP C 217 37.01 7.61 27.66
CA TRP C 217 37.27 7.21 29.04
C TRP C 217 38.73 7.49 29.38
N GLN C 218 39.61 7.13 28.46
CA GLN C 218 41.05 7.40 28.58
C GLN C 218 41.32 8.87 28.73
N GLY C 219 40.68 9.68 27.90
CA GLY C 219 40.84 11.12 27.95
C GLY C 219 40.49 11.72 29.30
N ALA C 220 39.47 11.18 29.95
CA ALA C 220 39.00 11.74 31.21
C ALA C 220 39.73 11.15 32.41
N PHE C 221 40.07 9.86 32.36
CA PHE C 221 40.50 9.15 33.55
C PHE C 221 41.90 8.55 33.46
N GLY C 222 42.55 8.67 32.30
CA GLY C 222 43.91 8.18 32.12
C GLY C 222 44.08 6.68 32.02
N ARG C 223 42.99 5.93 31.82
CA ARG C 223 43.07 4.49 31.59
C ARG C 223 41.84 4.08 30.78
N THR C 224 41.81 2.84 30.31
CA THR C 224 40.65 2.33 29.56
C THR C 224 39.86 1.29 30.35
N SER C 225 40.27 1.02 31.57
CA SER C 225 39.58 0.08 32.44
C SER C 225 38.69 0.84 33.43
N ILE C 226 37.74 0.11 33.98
CA ILE C 226 36.69 0.73 34.74
C ILE C 226 37.22 1.36 36.03
N HIS D 7 -6.18 -28.32 9.17
CA HIS D 7 -6.49 -28.26 7.71
C HIS D 7 -6.87 -29.65 7.25
N GLU D 8 -7.88 -29.74 6.38
CA GLU D 8 -8.30 -31.02 5.80
C GLU D 8 -7.98 -31.06 4.33
N LEU D 9 -7.16 -32.04 3.94
CA LEU D 9 -6.75 -32.21 2.56
C LEU D 9 -7.46 -33.39 1.92
N TYR D 10 -8.13 -33.14 0.79
CA TYR D 10 -8.86 -34.16 0.06
C TYR D 10 -8.30 -34.35 -1.32
N LEU D 11 -8.56 -35.51 -1.91
CA LEU D 11 -8.38 -35.73 -3.32
C LEU D 11 -9.74 -35.70 -4.01
N ASP D 12 -9.74 -35.14 -5.22
CA ASP D 12 -10.95 -34.93 -6.01
C ASP D 12 -10.90 -35.95 -7.15
N THR D 13 -11.47 -37.13 -6.92
CA THR D 13 -11.23 -38.25 -7.82
C THR D 13 -12.21 -39.40 -7.54
N SER D 14 -12.41 -40.25 -8.55
CA SER D 14 -13.09 -41.53 -8.34
C SER D 14 -12.16 -42.72 -8.70
N ASP D 15 -10.85 -42.46 -8.79
CA ASP D 15 -9.85 -43.42 -9.23
C ASP D 15 -9.35 -44.20 -8.01
N VAL D 16 -9.98 -45.35 -7.78
CA VAL D 16 -9.77 -46.11 -6.56
C VAL D 16 -8.31 -46.60 -6.38
N VAL D 17 -7.71 -47.06 -7.47
CA VAL D 17 -6.30 -47.52 -7.43
C VAL D 17 -5.37 -46.36 -7.06
N ALA D 18 -5.58 -45.19 -7.65
CA ALA D 18 -4.76 -44.01 -7.33
C ALA D 18 -4.94 -43.57 -5.89
N VAL D 19 -6.18 -43.60 -5.39
CA VAL D 19 -6.43 -43.22 -3.99
C VAL D 19 -5.68 -44.13 -3.03
N LYS D 20 -5.74 -45.44 -3.28
CA LYS D 20 -5.01 -46.35 -2.44
C LYS D 20 -3.51 -46.04 -2.43
N ALA D 21 -2.94 -45.81 -3.60
CA ALA D 21 -1.50 -45.51 -3.72
C ALA D 21 -1.15 -44.19 -3.03
N LEU D 22 -1.96 -43.16 -3.27
CA LEU D 22 -1.67 -41.83 -2.72
C LEU D 22 -1.96 -41.68 -1.25
N SER D 23 -2.84 -42.51 -0.68
CA SER D 23 -3.17 -42.40 0.72
C SER D 23 -2.01 -42.77 1.64
N ARG D 24 -1.06 -43.49 1.10
CA ARG D 24 0.16 -43.84 1.77
C ARG D 24 1.18 -42.66 1.82
N ILE D 25 1.05 -41.75 0.86
CA ILE D 25 1.98 -40.62 0.69
C ILE D 25 1.41 -39.34 1.32
N PHE D 26 0.20 -38.97 0.91
CA PHE D 26 -0.42 -37.74 1.42
C PHE D 26 -1.13 -37.95 2.73
N PRO D 27 -1.18 -36.90 3.56
CA PRO D 27 -1.97 -36.92 4.78
C PRO D 27 -3.42 -36.54 4.46
N LEU D 28 -4.19 -37.50 3.97
CA LEU D 28 -5.54 -37.25 3.44
C LEU D 28 -6.61 -37.31 4.50
N ALA D 29 -7.54 -36.37 4.43
CA ALA D 29 -8.71 -36.39 5.26
C ALA D 29 -9.81 -37.22 4.58
N GLY D 30 -9.67 -37.46 3.29
CA GLY D 30 -10.71 -38.14 2.50
C GLY D 30 -10.68 -37.84 1.02
N VAL D 31 -11.83 -38.10 0.37
CA VAL D 31 -11.99 -37.98 -1.05
C VAL D 31 -13.32 -37.26 -1.34
N THR D 32 -13.29 -36.35 -2.32
CA THR D 32 -14.49 -35.68 -2.80
C THR D 32 -14.78 -36.20 -4.20
N THR D 33 -16.06 -36.36 -4.50
CA THR D 33 -16.50 -36.69 -5.83
C THR D 33 -17.53 -35.67 -6.27
N ASN D 34 -17.77 -35.63 -7.57
CA ASN D 34 -18.86 -34.84 -8.12
C ASN D 34 -19.42 -35.62 -9.31
N PRO D 35 -20.52 -35.14 -9.90
CA PRO D 35 -21.16 -35.96 -10.93
C PRO D 35 -20.27 -36.24 -12.13
N SER D 36 -19.43 -35.28 -12.53
CA SER D 36 -18.54 -35.47 -13.67
C SER D 36 -17.42 -36.45 -13.36
N ILE D 37 -16.88 -36.36 -12.15
CA ILE D 37 -15.87 -37.28 -11.68
C ILE D 37 -16.42 -38.72 -11.61
N ILE D 38 -17.62 -38.87 -11.05
CA ILE D 38 -18.27 -40.19 -11.00
C ILE D 38 -18.54 -40.71 -12.39
N ALA D 39 -19.11 -39.87 -13.26
CA ALA D 39 -19.36 -40.25 -14.65
C ALA D 39 -18.09 -40.70 -15.37
N ALA D 40 -17.00 -39.97 -15.19
CA ALA D 40 -15.73 -40.30 -15.84
C ALA D 40 -15.21 -41.68 -15.43
N GLY D 41 -15.43 -42.05 -14.17
CA GLY D 41 -15.00 -43.34 -13.66
C GLY D 41 -15.89 -44.50 -14.09
N LYS D 42 -17.10 -44.19 -14.53
CA LYS D 42 -18.06 -45.16 -15.11
C LYS D 42 -18.68 -46.19 -14.16
N LYS D 43 -18.31 -46.14 -12.89
CA LYS D 43 -18.88 -47.04 -11.90
C LYS D 43 -20.01 -46.31 -11.15
N PRO D 44 -21.12 -47.01 -10.89
CA PRO D 44 -22.20 -46.39 -10.11
C PRO D 44 -21.78 -46.08 -8.67
N LEU D 45 -22.51 -45.15 -8.05
CA LEU D 45 -22.24 -44.72 -6.71
C LEU D 45 -22.18 -45.86 -5.70
N ASP D 46 -23.10 -46.82 -5.81
CA ASP D 46 -23.15 -47.88 -4.81
C ASP D 46 -22.00 -48.88 -4.95
N VAL D 47 -21.27 -48.81 -6.05
CA VAL D 47 -20.03 -49.57 -6.24
C VAL D 47 -18.80 -48.73 -5.83
N VAL D 48 -18.67 -47.55 -6.42
CA VAL D 48 -17.43 -46.77 -6.26
C VAL D 48 -17.28 -46.14 -4.87
N LEU D 49 -18.35 -45.70 -4.24
CA LEU D 49 -18.19 -45.08 -2.94
C LEU D 49 -17.62 -46.05 -1.90
N PRO D 50 -18.17 -47.28 -1.80
CA PRO D 50 -17.58 -48.21 -0.83
C PRO D 50 -16.13 -48.56 -1.20
N GLN D 51 -15.81 -48.63 -2.48
CA GLN D 51 -14.43 -48.91 -2.91
C GLN D 51 -13.47 -47.78 -2.51
N LEU D 52 -13.93 -46.53 -2.67
CA LEU D 52 -13.12 -45.38 -2.22
C LEU D 52 -12.93 -45.40 -0.72
N HIS D 53 -13.99 -45.72 0.02
CA HIS D 53 -13.92 -45.77 1.46
C HIS D 53 -12.87 -46.81 1.92
N GLU D 54 -12.88 -47.97 1.27
CA GLU D 54 -11.90 -49.03 1.55
C GLU D 54 -10.49 -48.61 1.15
N ALA D 55 -10.35 -47.95 0.00
CA ALA D 55 -9.05 -47.54 -0.51
C ALA D 55 -8.31 -46.61 0.47
N MET D 56 -9.06 -45.94 1.34
CA MET D 56 -8.47 -45.12 2.39
C MET D 56 -8.42 -45.82 3.74
N GLY D 57 -8.58 -47.14 3.75
CA GLY D 57 -8.51 -47.92 4.98
C GLY D 57 -9.59 -47.60 5.97
N GLY D 58 -10.74 -47.14 5.48
CA GLY D 58 -11.87 -46.83 6.35
C GLY D 58 -11.72 -45.58 7.20
N GLN D 59 -10.69 -44.77 6.98
CA GLN D 59 -10.38 -43.60 7.80
C GLN D 59 -10.76 -42.27 7.15
N GLY D 60 -10.91 -42.25 5.84
CA GLY D 60 -11.24 -41.00 5.16
C GLY D 60 -12.71 -40.63 5.03
N ARG D 61 -12.98 -39.34 5.04
CA ARG D 61 -14.33 -38.83 4.84
C ARG D 61 -14.63 -38.81 3.37
N LEU D 62 -15.89 -39.08 3.00
CA LEU D 62 -16.32 -39.00 1.63
C LEU D 62 -17.38 -37.88 1.41
N PHE D 63 -17.37 -37.34 0.20
CA PHE D 63 -18.38 -36.37 -0.25
C PHE D 63 -18.94 -36.80 -1.60
N ALA D 64 -20.26 -36.65 -1.77
CA ALA D 64 -20.86 -36.90 -3.05
C ALA D 64 -22.09 -36.02 -3.23
N GLU D 65 -22.47 -35.86 -4.48
CA GLU D 65 -23.41 -34.80 -4.89
C GLU D 65 -24.79 -35.30 -5.30
N VAL D 66 -25.82 -34.59 -4.85
CA VAL D 66 -27.19 -34.84 -5.30
C VAL D 66 -27.37 -34.45 -6.77
N MET D 67 -28.37 -35.04 -7.42
CA MET D 67 -28.66 -34.77 -8.84
C MET D 67 -30.03 -34.10 -9.09
N ALA D 68 -30.97 -34.26 -8.15
CA ALA D 68 -32.33 -33.72 -8.32
C ALA D 68 -32.33 -32.19 -8.41
N THR D 69 -33.39 -31.65 -9.02
CA THR D 69 -33.51 -30.20 -9.23
C THR D 69 -34.53 -29.52 -8.31
N THR D 70 -35.29 -30.28 -7.53
CA THR D 70 -36.17 -29.71 -6.52
C THR D 70 -35.63 -30.02 -5.15
N ALA D 71 -35.93 -29.18 -4.17
CA ALA D 71 -35.41 -29.36 -2.83
C ALA D 71 -35.81 -30.72 -2.26
N GLU D 72 -37.05 -31.10 -2.47
CA GLU D 72 -37.56 -32.36 -1.96
C GLU D 72 -36.79 -33.55 -2.62
N GLY D 73 -36.55 -33.46 -3.91
CA GLY D 73 -35.77 -34.47 -4.63
C GLY D 73 -34.34 -34.56 -4.12
N MET D 74 -33.77 -33.41 -3.81
CA MET D 74 -32.39 -33.36 -3.31
C MET D 74 -32.31 -34.02 -1.94
N VAL D 75 -33.31 -33.79 -1.10
CA VAL D 75 -33.36 -34.44 0.21
C VAL D 75 -33.44 -35.97 0.02
N ASN D 76 -34.27 -36.42 -0.89
CA ASN D 76 -34.34 -37.86 -1.19
C ASN D 76 -33.00 -38.42 -1.69
N ASP D 77 -32.32 -37.69 -2.57
CA ASP D 77 -30.98 -38.07 -3.02
C ASP D 77 -30.00 -38.16 -1.84
N ALA D 78 -30.08 -37.21 -0.91
CA ALA D 78 -29.23 -37.23 0.28
C ALA D 78 -29.42 -38.51 1.10
N LEU D 79 -30.67 -38.91 1.25
CA LEU D 79 -30.99 -40.16 1.97
C LEU D 79 -30.44 -41.38 1.27
N LYS D 80 -30.51 -41.40 -0.06
CA LYS D 80 -29.88 -42.48 -0.83
C LYS D 80 -28.37 -42.52 -0.63
N LEU D 81 -27.73 -41.36 -0.70
CA LEU D 81 -26.29 -41.29 -0.49
C LEU D 81 -25.89 -41.77 0.90
N ARG D 82 -26.63 -41.37 1.91
CA ARG D 82 -26.35 -41.75 3.28
C ARG D 82 -26.60 -43.25 3.52
N SER D 83 -27.48 -43.85 2.73
CA SER D 83 -27.66 -45.31 2.82
C SER D 83 -26.47 -46.06 2.24
N ILE D 84 -25.71 -45.45 1.33
CA ILE D 84 -24.49 -46.09 0.77
C ILE D 84 -23.32 -45.92 1.74
N ILE D 85 -23.12 -44.69 2.22
CA ILE D 85 -22.04 -44.36 3.15
C ILE D 85 -22.65 -43.57 4.30
N ALA D 86 -22.72 -44.17 5.48
CA ALA D 86 -23.52 -43.65 6.58
C ALA D 86 -23.16 -42.23 7.00
N ASP D 87 -21.87 -41.88 6.94
CA ASP D 87 -21.43 -40.56 7.39
C ASP D 87 -21.01 -39.62 6.25
N ILE D 88 -21.45 -39.90 5.04
CA ILE D 88 -21.04 -39.14 3.87
C ILE D 88 -21.54 -37.68 4.03
N VAL D 89 -20.74 -36.74 3.53
CA VAL D 89 -21.18 -35.34 3.44
C VAL D 89 -21.81 -35.16 2.09
N VAL D 90 -23.03 -34.61 2.11
CA VAL D 90 -23.81 -34.45 0.91
C VAL D 90 -23.58 -33.06 0.26
N LYS D 91 -23.15 -33.08 -0.98
CA LYS D 91 -22.93 -31.87 -1.75
C LYS D 91 -24.22 -31.45 -2.45
N VAL D 92 -24.56 -30.18 -2.28
CA VAL D 92 -25.76 -29.59 -2.86
C VAL D 92 -25.34 -28.35 -3.65
N PRO D 93 -25.70 -28.27 -4.94
CA PRO D 93 -25.38 -27.05 -5.67
C PRO D 93 -26.12 -25.84 -5.10
N VAL D 94 -25.42 -24.69 -5.02
CA VAL D 94 -26.02 -23.54 -4.35
C VAL D 94 -26.86 -22.75 -5.35
N THR D 95 -28.06 -23.27 -5.54
CA THR D 95 -29.12 -22.68 -6.35
C THR D 95 -30.27 -22.37 -5.41
N ALA D 96 -31.37 -21.78 -5.92
CA ALA D 96 -32.52 -21.51 -5.06
C ALA D 96 -33.03 -22.80 -4.40
N GLU D 97 -33.24 -23.83 -5.19
CA GLU D 97 -33.73 -25.10 -4.61
C GLU D 97 -32.66 -25.77 -3.75
N GLY D 98 -31.40 -25.60 -4.11
CA GLY D 98 -30.30 -26.10 -3.30
C GLY D 98 -30.24 -25.48 -1.94
N LEU D 99 -30.44 -24.16 -1.85
CA LEU D 99 -30.49 -23.53 -0.54
C LEU D 99 -31.65 -24.07 0.31
N ALA D 100 -32.81 -24.25 -0.31
CA ALA D 100 -33.97 -24.78 0.38
C ALA D 100 -33.63 -26.18 0.93
N ALA D 101 -32.93 -26.97 0.10
CA ALA D 101 -32.52 -28.33 0.50
C ALA D 101 -31.51 -28.32 1.64
N ILE D 102 -30.58 -27.37 1.60
CA ILE D 102 -29.60 -27.23 2.66
C ILE D 102 -30.30 -26.94 3.99
N LYS D 103 -31.31 -26.07 3.98
CA LYS D 103 -32.06 -25.80 5.19
C LYS D 103 -32.78 -27.06 5.73
N MET D 104 -33.38 -27.82 4.83
CA MET D 104 -34.09 -29.06 5.20
C MET D 104 -33.13 -30.11 5.74
N LEU D 105 -31.96 -30.22 5.12
CA LEU D 105 -30.94 -31.18 5.59
C LEU D 105 -30.33 -30.79 6.92
N LYS D 106 -30.18 -29.48 7.17
CA LYS D 106 -29.78 -28.99 8.48
C LYS D 106 -30.78 -29.45 9.54
N ALA D 107 -32.07 -29.31 9.26
CA ALA D 107 -33.11 -29.72 10.20
C ALA D 107 -33.09 -31.24 10.45
N GLU D 108 -32.71 -32.01 9.43
CA GLU D 108 -32.56 -33.47 9.55
C GLU D 108 -31.24 -33.92 10.16
N GLY D 109 -30.29 -33.00 10.38
CA GLY D 109 -28.98 -33.34 10.94
C GLY D 109 -28.02 -34.02 9.95
N ILE D 110 -28.23 -33.85 8.65
CA ILE D 110 -27.35 -34.43 7.65
C ILE D 110 -26.36 -33.35 7.18
N PRO D 111 -25.05 -33.61 7.32
CA PRO D 111 -24.07 -32.56 6.97
C PRO D 111 -24.02 -32.31 5.49
N THR D 112 -23.89 -31.04 5.11
CA THR D 112 -23.86 -30.66 3.72
C THR D 112 -22.67 -29.79 3.33
N LEU D 113 -22.42 -29.78 2.04
CA LEU D 113 -21.46 -28.89 1.43
C LEU D 113 -22.19 -28.16 0.33
N GLY D 114 -22.02 -26.85 0.28
CA GLY D 114 -22.60 -26.03 -0.78
C GLY D 114 -21.63 -25.95 -1.94
N THR D 115 -21.98 -26.53 -3.09
CA THR D 115 -21.07 -26.65 -4.20
C THR D 115 -21.49 -25.78 -5.40
N ALA D 116 -20.67 -25.81 -6.44
CA ALA D 116 -20.84 -25.00 -7.64
C ALA D 116 -20.93 -23.50 -7.29
N VAL D 117 -20.06 -23.09 -6.38
CA VAL D 117 -20.01 -21.70 -5.93
C VAL D 117 -19.07 -20.90 -6.83
N TYR D 118 -19.65 -19.88 -7.48
CA TYR D 118 -18.94 -19.01 -8.38
C TYR D 118 -18.83 -17.58 -7.85
N GLY D 119 -19.42 -17.31 -6.69
CA GLY D 119 -19.39 -15.99 -6.06
C GLY D 119 -19.39 -16.09 -4.55
N ALA D 120 -18.80 -15.11 -3.87
CA ALA D 120 -18.61 -15.15 -2.43
C ALA D 120 -19.93 -15.01 -1.66
N ALA D 121 -20.82 -14.13 -2.09
CA ALA D 121 -22.11 -13.97 -1.43
C ALA D 121 -22.97 -15.25 -1.55
N GLN D 122 -23.00 -15.81 -2.75
CA GLN D 122 -23.65 -17.09 -3.00
C GLN D 122 -23.14 -18.15 -2.01
N GLY D 123 -21.82 -18.27 -1.88
CA GLY D 123 -21.23 -19.19 -0.92
C GLY D 123 -21.64 -18.92 0.50
N LEU D 124 -21.60 -17.64 0.91
CA LEU D 124 -22.02 -17.28 2.28
C LEU D 124 -23.46 -17.71 2.55
N LEU D 125 -24.34 -17.50 1.57
CA LEU D 125 -25.75 -17.90 1.76
C LEU D 125 -25.88 -19.39 2.10
N SER D 126 -25.10 -20.23 1.43
CA SER D 126 -25.14 -21.67 1.70
C SER D 126 -24.72 -21.96 3.15
N ALA D 127 -23.70 -21.25 3.65
CA ALA D 127 -23.27 -21.45 5.05
C ALA D 127 -24.30 -20.95 6.05
N LEU D 128 -24.91 -19.80 5.76
CA LEU D 128 -25.97 -19.30 6.63
C LEU D 128 -27.16 -20.28 6.66
N ALA D 129 -27.39 -20.98 5.58
CA ALA D 129 -28.47 -21.97 5.49
C ALA D 129 -28.17 -23.28 6.24
N GLY D 130 -26.89 -23.51 6.54
CA GLY D 130 -26.49 -24.67 7.33
C GLY D 130 -25.32 -25.48 6.81
N ALA D 131 -24.82 -25.20 5.61
CA ALA D 131 -23.69 -25.97 5.06
C ALA D 131 -22.44 -25.85 5.95
N GLU D 132 -21.80 -27.00 6.17
CA GLU D 132 -20.57 -27.09 6.97
C GLU D 132 -19.35 -26.71 6.12
N TYR D 133 -19.46 -26.94 4.82
CA TYR D 133 -18.42 -26.62 3.86
C TYR D 133 -19.00 -25.87 2.68
N VAL D 134 -18.19 -24.98 2.09
CA VAL D 134 -18.57 -24.26 0.89
C VAL D 134 -17.45 -24.42 -0.13
N ALA D 135 -17.78 -24.87 -1.33
CA ALA D 135 -16.79 -25.17 -2.37
C ALA D 135 -16.87 -24.23 -3.58
N PRO D 136 -16.07 -23.15 -3.56
CA PRO D 136 -15.91 -22.38 -4.78
C PRO D 136 -15.17 -23.15 -5.86
N PHE D 137 -15.54 -22.95 -7.11
CA PHE D 137 -14.89 -23.58 -8.24
C PHE D 137 -13.84 -22.61 -8.77
N VAL D 138 -12.67 -22.67 -8.16
CA VAL D 138 -11.58 -21.71 -8.40
C VAL D 138 -11.19 -21.59 -9.85
N ASN D 139 -10.86 -22.70 -10.50
CA ASN D 139 -10.45 -22.62 -11.89
C ASN D 139 -11.54 -22.21 -12.84
N ARG D 140 -12.79 -22.59 -12.55
CA ARG D 140 -13.90 -22.19 -13.39
C ARG D 140 -14.03 -20.64 -13.39
N ILE D 141 -13.93 -20.06 -12.21
CA ILE D 141 -14.00 -18.61 -12.05
C ILE D 141 -12.83 -17.96 -12.83
N ASP D 142 -11.62 -18.50 -12.66
CA ASP D 142 -10.41 -18.07 -13.39
C ASP D 142 -10.57 -18.21 -14.90
N ALA D 143 -11.10 -19.34 -15.35
CA ALA D 143 -11.19 -19.58 -16.79
C ALA D 143 -12.22 -18.67 -17.47
N GLN D 144 -13.21 -18.26 -16.69
CA GLN D 144 -14.32 -17.48 -17.22
C GLN D 144 -14.14 -15.97 -17.00
N GLY D 145 -12.90 -15.54 -16.83
CA GLY D 145 -12.59 -14.11 -16.84
C GLY D 145 -12.71 -13.44 -15.49
N GLY D 146 -12.87 -14.19 -14.43
CA GLY D 146 -12.92 -13.63 -13.08
C GLY D 146 -11.59 -13.79 -12.36
N SER D 147 -11.66 -13.74 -11.03
CA SER D 147 -10.52 -14.07 -10.18
C SER D 147 -10.97 -15.10 -9.15
N GLY D 148 -10.60 -16.35 -9.38
CA GLY D 148 -10.87 -17.39 -8.42
C GLY D 148 -10.29 -17.12 -7.06
N ILE D 149 -9.07 -16.59 -7.05
CA ILE D 149 -8.40 -16.31 -5.78
C ILE D 149 -9.09 -15.18 -5.01
N GLN D 150 -9.53 -14.13 -5.71
CA GLN D 150 -10.25 -13.06 -5.00
C GLN D 150 -11.55 -13.63 -4.43
N THR D 151 -12.26 -14.45 -5.20
CA THR D 151 -13.50 -15.07 -4.71
C THR D 151 -13.29 -15.91 -3.46
N VAL D 152 -12.24 -16.73 -3.45
CA VAL D 152 -11.91 -17.53 -2.31
C VAL D 152 -11.53 -16.68 -1.10
N THR D 153 -10.73 -15.66 -1.35
CA THR D 153 -10.28 -14.76 -0.30
C THR D 153 -11.47 -14.09 0.36
N ASP D 154 -12.36 -13.55 -0.48
CA ASP D 154 -13.60 -12.91 -0.01
C ASP D 154 -14.49 -13.91 0.74
N LEU D 155 -14.66 -15.10 0.17
CA LEU D 155 -15.53 -16.12 0.78
C LEU D 155 -15.04 -16.51 2.17
N HIS D 156 -13.74 -16.76 2.29
CA HIS D 156 -13.20 -17.13 3.57
C HIS D 156 -13.43 -16.04 4.62
N GLN D 157 -13.18 -14.77 4.23
CA GLN D 157 -13.43 -13.67 5.14
C GLN D 157 -14.90 -13.60 5.55
N LEU D 158 -15.79 -13.75 4.58
CA LEU D 158 -17.23 -13.74 4.87
C LEU D 158 -17.63 -14.86 5.86
N LEU D 159 -17.10 -16.06 5.66
CA LEU D 159 -17.44 -17.16 6.59
C LEU D 159 -16.92 -16.86 7.97
N LYS D 160 -15.67 -16.40 8.08
CA LYS D 160 -15.09 -16.18 9.39
C LYS D 160 -15.79 -15.06 10.15
N MET D 161 -16.27 -14.03 9.44
CA MET D 161 -17.06 -12.98 10.07
C MET D 161 -18.51 -13.34 10.36
N HIS D 162 -19.15 -14.00 9.41
CA HIS D 162 -20.62 -14.12 9.39
C HIS D 162 -21.21 -15.52 9.58
N ALA D 163 -20.42 -16.57 9.37
CA ALA D 163 -20.89 -17.95 9.56
C ALA D 163 -19.70 -18.82 9.99
N PRO D 164 -19.18 -18.53 11.17
CA PRO D 164 -17.87 -19.06 11.53
C PRO D 164 -17.79 -20.58 11.73
N GLN D 165 -18.93 -21.26 11.82
CA GLN D 165 -18.91 -22.73 11.83
C GLN D 165 -18.59 -23.36 10.50
N ALA D 166 -18.66 -22.59 9.43
CA ALA D 166 -18.47 -23.13 8.11
C ALA D 166 -17.04 -22.94 7.64
N LYS D 167 -16.61 -23.85 6.76
CA LYS D 167 -15.26 -23.83 6.19
C LYS D 167 -15.31 -23.74 4.68
N VAL D 168 -14.32 -23.07 4.09
CA VAL D 168 -14.14 -23.14 2.65
C VAL D 168 -13.46 -24.47 2.31
N LEU D 169 -14.02 -25.20 1.36
CA LEU D 169 -13.36 -26.36 0.76
C LEU D 169 -13.06 -25.97 -0.70
N ALA D 170 -11.87 -25.39 -0.91
CA ALA D 170 -11.53 -24.92 -2.23
C ALA D 170 -11.36 -26.07 -3.22
N ALA D 171 -11.87 -25.88 -4.42
CA ALA D 171 -11.90 -26.92 -5.43
C ALA D 171 -11.70 -26.36 -6.82
N SER D 172 -11.43 -27.27 -7.77
CA SER D 172 -11.29 -26.97 -9.21
C SER D 172 -9.94 -26.28 -9.51
N PHE D 173 -8.93 -27.09 -9.82
CA PHE D 173 -7.57 -26.59 -9.95
C PHE D 173 -6.90 -27.14 -11.19
N LYS D 174 -6.17 -26.29 -11.87
CA LYS D 174 -5.30 -26.71 -12.99
C LYS D 174 -3.81 -26.55 -12.68
N THR D 175 -3.48 -25.80 -11.63
CA THR D 175 -2.07 -25.61 -11.29
C THR D 175 -1.89 -25.50 -9.78
N PRO D 176 -0.77 -26.05 -9.25
CA PRO D 176 -0.45 -25.90 -7.82
C PRO D 176 -0.50 -24.46 -7.28
N ARG D 177 -0.19 -23.47 -8.11
CA ARG D 177 -0.21 -22.07 -7.66
C ARG D 177 -1.61 -21.65 -7.19
N GLN D 178 -2.64 -22.14 -7.87
CA GLN D 178 -4.01 -21.83 -7.43
C GLN D 178 -4.28 -22.41 -6.06
N ALA D 179 -3.80 -23.63 -5.83
CA ALA D 179 -4.01 -24.27 -4.52
C ALA D 179 -3.24 -23.53 -3.44
N LEU D 180 -2.00 -23.15 -3.74
CA LEU D 180 -1.20 -22.40 -2.81
C LEU D 180 -1.92 -21.11 -2.41
N ASP D 181 -2.42 -20.40 -3.40
CA ASP D 181 -3.08 -19.13 -3.13
C ASP D 181 -4.34 -19.30 -2.29
N CYS D 182 -5.07 -20.39 -2.50
CA CYS D 182 -6.22 -20.70 -1.61
C CYS D 182 -5.79 -20.97 -0.18
N LEU D 183 -4.70 -21.73 -0.02
CA LEU D 183 -4.17 -22.01 1.29
C LEU D 183 -3.69 -20.73 2.00
N LEU D 184 -3.05 -19.84 1.24
CA LEU D 184 -2.58 -18.58 1.81
C LEU D 184 -3.75 -17.65 2.19
N ALA D 185 -4.89 -17.81 1.51
CA ALA D 185 -6.09 -17.05 1.82
C ALA D 185 -6.78 -17.54 3.09
N GLY D 186 -6.35 -18.70 3.61
CA GLY D 186 -6.84 -19.22 4.87
C GLY D 186 -7.79 -20.42 4.77
N CYS D 187 -8.03 -20.96 3.59
CA CYS D 187 -9.03 -22.00 3.41
CA CYS D 187 -9.07 -21.98 3.42
C CYS D 187 -8.74 -23.17 4.33
N GLU D 188 -9.74 -23.61 5.07
CA GLU D 188 -9.52 -24.65 6.06
C GLU D 188 -9.57 -26.05 5.48
N SER D 189 -9.97 -26.15 4.22
CA SER D 189 -9.95 -27.43 3.50
C SER D 189 -9.76 -27.19 2.02
N ILE D 190 -9.30 -28.22 1.34
CA ILE D 190 -9.04 -28.13 -0.08
C ILE D 190 -9.16 -29.53 -0.67
N THR D 191 -9.55 -29.60 -1.93
CA THR D 191 -9.54 -30.86 -2.65
C THR D 191 -8.81 -30.73 -3.98
N LEU D 192 -7.87 -31.64 -4.20
CA LEU D 192 -6.99 -31.57 -5.35
C LEU D 192 -7.25 -32.69 -6.35
N PRO D 193 -7.26 -32.35 -7.65
CA PRO D 193 -7.22 -33.38 -8.64
C PRO D 193 -5.85 -34.07 -8.61
N LEU D 194 -5.81 -35.28 -9.15
CA LEU D 194 -4.58 -36.08 -9.04
C LEU D 194 -3.36 -35.43 -9.66
N ASP D 195 -3.52 -34.81 -10.84
CA ASP D 195 -2.36 -34.23 -11.53
C ASP D 195 -1.73 -33.07 -10.73
N VAL D 196 -2.56 -32.21 -10.18
CA VAL D 196 -2.07 -31.12 -9.34
C VAL D 196 -1.44 -31.63 -8.04
N ALA D 197 -2.06 -32.62 -7.40
CA ALA D 197 -1.50 -33.22 -6.19
C ALA D 197 -0.11 -33.79 -6.46
N GLN D 198 0.05 -34.47 -7.57
CA GLN D 198 1.35 -35.06 -7.92
C GLN D 198 2.42 -34.01 -8.23
N GLN D 199 2.01 -32.93 -8.89
CA GLN D 199 2.93 -31.82 -9.14
C GLN D 199 3.40 -31.18 -7.84
N MET D 200 2.53 -31.17 -6.83
CA MET D 200 2.87 -30.51 -5.56
C MET D 200 3.92 -31.25 -4.75
N ILE D 201 4.23 -32.49 -5.12
CA ILE D 201 5.24 -33.26 -4.39
C ILE D 201 6.42 -33.67 -5.24
N SER D 202 6.48 -33.18 -6.47
CA SER D 202 7.57 -33.55 -7.37
C SER D 202 8.21 -32.30 -7.99
N TYR D 203 9.48 -32.05 -7.67
CA TYR D 203 10.20 -30.85 -8.13
C TYR D 203 11.59 -31.21 -8.60
N PRO D 204 11.95 -30.78 -9.80
CA PRO D 204 13.34 -30.98 -10.27
C PRO D 204 14.42 -30.41 -9.34
N ALA D 205 14.15 -29.25 -8.75
CA ALA D 205 15.13 -28.64 -7.84
C ALA D 205 15.32 -29.48 -6.58
N VAL D 206 14.25 -30.07 -6.08
CA VAL D 206 14.31 -30.89 -4.87
C VAL D 206 15.08 -32.17 -5.20
N ASP D 207 14.76 -32.77 -6.33
CA ASP D 207 15.49 -33.97 -6.76
C ASP D 207 17.00 -33.69 -6.90
N ALA D 208 17.35 -32.53 -7.45
CA ALA D 208 18.74 -32.11 -7.58
C ALA D 208 19.43 -31.91 -6.24
N ALA D 209 18.71 -31.37 -5.24
CA ALA D 209 19.26 -31.23 -3.90
C ALA D 209 19.57 -32.58 -3.27
N VAL D 210 18.65 -33.52 -3.42
CA VAL D 210 18.84 -34.85 -2.87
C VAL D 210 20.00 -35.55 -3.57
N ALA D 211 20.10 -35.41 -4.90
CA ALA D 211 21.20 -36.00 -5.65
C ALA D 211 22.54 -35.42 -5.21
N LYS D 212 22.59 -34.12 -4.93
CA LYS D 212 23.82 -33.52 -4.44
C LYS D 212 24.22 -34.08 -3.08
N PHE D 213 23.25 -34.23 -2.18
CA PHE D 213 23.52 -34.88 -0.90
C PHE D 213 24.13 -36.30 -1.09
N GLU D 214 23.53 -37.06 -1.99
CA GLU D 214 24.02 -38.42 -2.30
C GLU D 214 25.46 -38.40 -2.87
N GLN D 215 25.72 -37.49 -3.80
CA GLN D 215 27.05 -37.40 -4.42
C GLN D 215 28.11 -36.96 -3.41
N ASP D 216 27.77 -36.02 -2.54
CA ASP D 216 28.71 -35.60 -1.50
C ASP D 216 29.00 -36.74 -0.51
N TRP D 217 27.96 -37.48 -0.13
CA TRP D 217 28.09 -38.60 0.79
C TRP D 217 28.96 -39.69 0.16
N GLN D 218 28.68 -40.00 -1.10
CA GLN D 218 29.48 -40.96 -1.88
C GLN D 218 30.96 -40.55 -1.93
N GLY D 219 31.20 -39.27 -2.21
CA GLY D 219 32.55 -38.75 -2.28
C GLY D 219 33.34 -38.94 -1.00
N ALA D 220 32.68 -38.81 0.15
CA ALA D 220 33.35 -38.91 1.43
C ALA D 220 33.41 -40.34 1.96
N PHE D 221 32.39 -41.13 1.72
CA PHE D 221 32.25 -42.41 2.40
C PHE D 221 32.22 -43.64 1.48
N GLY D 222 32.24 -43.43 0.18
CA GLY D 222 32.26 -44.52 -0.78
C GLY D 222 30.95 -45.29 -0.95
N ARG D 223 29.85 -44.76 -0.44
CA ARG D 223 28.53 -45.35 -0.69
C ARG D 223 27.48 -44.23 -0.59
N THR D 224 26.23 -44.52 -0.93
CA THR D 224 25.14 -43.53 -0.83
C THR D 224 24.16 -43.87 0.29
N SER D 225 24.43 -44.94 1.03
CA SER D 225 23.58 -45.35 2.13
C SER D 225 24.20 -44.90 3.44
N ILE D 226 23.38 -44.86 4.46
CA ILE D 226 23.76 -44.25 5.71
C ILE D 226 24.88 -45.04 6.42
N HIS E 7 -24.64 -13.34 11.66
CA HIS E 7 -25.12 -12.34 10.67
C HIS E 7 -26.63 -12.47 10.55
N GLU E 8 -27.33 -11.33 10.50
CA GLU E 8 -28.76 -11.31 10.33
C GLU E 8 -29.13 -10.80 8.93
N LEU E 9 -29.80 -11.64 8.17
CA LEU E 9 -30.21 -11.31 6.80
C LEU E 9 -31.70 -11.02 6.76
N TYR E 10 -32.06 -9.82 6.28
CA TYR E 10 -33.44 -9.41 6.16
C TYR E 10 -33.82 -9.16 4.71
N LEU E 11 -35.13 -9.23 4.43
CA LEU E 11 -35.67 -8.75 3.20
C LEU E 11 -36.34 -7.40 3.44
N ASP E 12 -36.18 -6.50 2.46
CA ASP E 12 -36.67 -5.13 2.54
C ASP E 12 -37.91 -5.06 1.63
N THR E 13 -39.07 -5.33 2.20
CA THR E 13 -40.28 -5.55 1.38
C THR E 13 -41.54 -5.50 2.21
N SER E 14 -42.68 -5.28 1.56
CA SER E 14 -43.99 -5.51 2.17
C SER E 14 -44.80 -6.55 1.39
N ASP E 15 -44.13 -7.32 0.51
CA ASP E 15 -44.76 -8.26 -0.40
C ASP E 15 -44.89 -9.60 0.33
N VAL E 16 -46.05 -9.82 0.91
CA VAL E 16 -46.30 -10.96 1.79
C VAL E 16 -46.13 -12.31 1.07
N VAL E 17 -46.66 -12.42 -0.14
CA VAL E 17 -46.53 -13.65 -0.92
C VAL E 17 -45.04 -13.96 -1.19
N ALA E 18 -44.27 -12.94 -1.58
CA ALA E 18 -42.85 -13.14 -1.85
C ALA E 18 -42.08 -13.53 -0.60
N VAL E 19 -42.42 -12.94 0.54
CA VAL E 19 -41.76 -13.28 1.79
C VAL E 19 -42.01 -14.75 2.14
N LYS E 20 -43.25 -15.19 2.00
CA LYS E 20 -43.53 -16.59 2.25
C LYS E 20 -42.71 -17.52 1.34
N ALA E 21 -42.67 -17.22 0.05
CA ALA E 21 -41.93 -18.04 -0.91
C ALA E 21 -40.42 -18.02 -0.62
N LEU E 22 -39.88 -16.84 -0.36
CA LEU E 22 -38.44 -16.71 -0.14
C LEU E 22 -37.97 -17.20 1.22
N SER E 23 -38.84 -17.25 2.23
CA SER E 23 -38.43 -17.70 3.56
C SER E 23 -38.06 -19.19 3.59
N ARG E 24 -38.52 -19.92 2.59
CA ARG E 24 -38.17 -21.32 2.39
C ARG E 24 -36.77 -21.50 1.76
N ILE E 25 -36.29 -20.47 1.07
CA ILE E 25 -35.03 -20.51 0.35
C ILE E 25 -33.92 -19.84 1.14
N PHE E 26 -34.16 -18.60 1.55
CA PHE E 26 -33.15 -17.85 2.27
C PHE E 26 -33.20 -18.13 3.76
N PRO E 27 -32.04 -18.05 4.43
CA PRO E 27 -31.97 -18.09 5.88
C PRO E 27 -32.27 -16.71 6.48
N LEU E 28 -33.56 -16.36 6.57
CA LEU E 28 -33.96 -15.00 6.96
C LEU E 28 -34.07 -14.80 8.45
N ALA E 29 -33.61 -13.65 8.92
CA ALA E 29 -33.80 -13.24 10.29
C ALA E 29 -35.12 -12.46 10.45
N GLY E 30 -35.67 -12.01 9.33
CA GLY E 30 -36.89 -11.22 9.37
C GLY E 30 -37.07 -10.32 8.15
N VAL E 31 -37.88 -9.27 8.34
CA VAL E 31 -38.26 -8.37 7.28
C VAL E 31 -38.19 -6.94 7.78
N THR E 32 -37.67 -6.05 6.94
CA THR E 32 -37.67 -4.61 7.24
C THR E 32 -38.65 -3.92 6.31
N THR E 33 -39.33 -2.92 6.85
CA THR E 33 -40.19 -2.06 6.05
C THR E 33 -39.77 -0.62 6.28
N ASN E 34 -40.18 0.25 5.36
CA ASN E 34 -40.06 1.67 5.53
C ASN E 34 -41.31 2.32 4.92
N PRO E 35 -41.45 3.64 5.06
CA PRO E 35 -42.72 4.26 4.62
C PRO E 35 -43.00 4.10 3.14
N SER E 36 -41.96 4.17 2.31
CA SER E 36 -42.13 3.98 0.85
C SER E 36 -42.51 2.55 0.50
N ILE E 37 -41.91 1.59 1.17
CA ILE E 37 -42.23 0.20 0.98
C ILE E 37 -43.68 -0.11 1.40
N ILE E 38 -44.07 0.39 2.57
CA ILE E 38 -45.44 0.21 3.02
C ILE E 38 -46.41 0.88 2.05
N ALA E 39 -46.12 2.12 1.66
CA ALA E 39 -46.97 2.83 0.68
C ALA E 39 -47.12 2.05 -0.63
N ALA E 40 -46.02 1.48 -1.11
CA ALA E 40 -46.03 0.72 -2.38
C ALA E 40 -46.92 -0.52 -2.30
N GLY E 41 -47.01 -1.13 -1.12
CA GLY E 41 -47.84 -2.30 -0.91
C GLY E 41 -49.32 -1.97 -0.72
N LYS E 42 -49.62 -0.72 -0.38
CA LYS E 42 -51.00 -0.19 -0.29
C LYS E 42 -51.86 -0.71 0.87
N LYS E 43 -51.31 -1.56 1.73
CA LYS E 43 -52.03 -2.07 2.88
C LYS E 43 -51.58 -1.29 4.12
N PRO E 44 -52.52 -0.97 5.00
CA PRO E 44 -52.12 -0.30 6.24
C PRO E 44 -51.29 -1.19 7.15
N LEU E 45 -50.54 -0.54 8.03
CA LEU E 45 -49.67 -1.23 8.96
C LEU E 45 -50.35 -2.31 9.78
N ASP E 46 -51.56 -2.04 10.26
CA ASP E 46 -52.23 -3.01 11.12
C ASP E 46 -52.74 -4.23 10.37
N VAL E 47 -52.75 -4.17 9.04
CA VAL E 47 -52.98 -5.32 8.20
C VAL E 47 -51.68 -6.02 7.79
N VAL E 48 -50.74 -5.27 7.21
CA VAL E 48 -49.57 -5.90 6.57
C VAL E 48 -48.55 -6.43 7.59
N LEU E 49 -48.36 -5.76 8.71
CA LEU E 49 -47.35 -6.24 9.66
C LEU E 49 -47.69 -7.65 10.23
N PRO E 50 -48.94 -7.86 10.69
CA PRO E 50 -49.29 -9.23 11.08
C PRO E 50 -49.17 -10.26 9.94
N GLN E 51 -49.52 -9.88 8.71
CA GLN E 51 -49.35 -10.80 7.58
C GLN E 51 -47.89 -11.16 7.33
N LEU E 52 -47.01 -10.17 7.41
CA LEU E 52 -45.56 -10.43 7.24
C LEU E 52 -45.05 -11.34 8.34
N HIS E 53 -45.50 -11.10 9.56
CA HIS E 53 -45.10 -11.91 10.69
C HIS E 53 -45.49 -13.37 10.48
N GLU E 54 -46.70 -13.59 9.97
CA GLU E 54 -47.19 -14.94 9.64
C GLU E 54 -46.42 -15.55 8.47
N ALA E 55 -46.14 -14.76 7.45
CA ALA E 55 -45.45 -15.24 6.26
C ALA E 55 -44.06 -15.82 6.58
N MET E 56 -43.48 -15.41 7.70
CA MET E 56 -42.23 -16.00 8.21
C MET E 56 -42.44 -17.04 9.30
N GLY E 57 -43.66 -17.57 9.42
CA GLY E 57 -43.95 -18.61 10.41
C GLY E 57 -43.79 -18.16 11.84
N GLY E 58 -43.98 -16.87 12.11
CA GLY E 58 -43.88 -16.34 13.46
C GLY E 58 -42.48 -16.27 14.05
N GLN E 59 -41.45 -16.51 13.25
CA GLN E 59 -40.08 -16.59 13.76
C GLN E 59 -39.26 -15.33 13.43
N GLY E 60 -39.63 -14.59 12.40
CA GLY E 60 -38.81 -13.46 11.99
C GLY E 60 -39.01 -12.19 12.81
N ARG E 61 -37.94 -11.38 12.93
CA ARG E 61 -37.99 -10.04 13.51
C ARG E 61 -38.53 -9.05 12.47
N LEU E 62 -39.36 -8.12 12.91
CA LEU E 62 -39.92 -7.08 12.02
C LEU E 62 -39.43 -5.72 12.43
N PHE E 63 -39.34 -4.84 11.44
CA PHE E 63 -38.96 -3.44 11.62
C PHE E 63 -39.97 -2.57 10.89
N ALA E 64 -40.34 -1.44 11.51
CA ALA E 64 -41.16 -0.46 10.84
C ALA E 64 -40.86 0.93 11.39
N GLU E 65 -41.20 1.94 10.58
CA GLU E 65 -40.72 3.30 10.78
C GLU E 65 -41.81 4.27 11.28
N VAL E 66 -41.41 5.13 12.20
CA VAL E 66 -42.28 6.24 12.64
C VAL E 66 -42.44 7.27 11.53
N MET E 67 -43.53 8.04 11.60
CA MET E 67 -43.81 9.10 10.63
C MET E 67 -43.78 10.51 11.21
N ALA E 68 -43.96 10.64 12.51
CA ALA E 68 -43.99 11.97 13.15
C ALA E 68 -42.66 12.71 13.05
N THR E 69 -42.70 14.03 13.17
CA THR E 69 -41.52 14.87 13.05
C THR E 69 -41.02 15.43 14.37
N THR E 70 -41.76 15.26 15.45
CA THR E 70 -41.29 15.68 16.76
C THR E 70 -40.98 14.45 17.58
N ALA E 71 -40.07 14.59 18.54
CA ALA E 71 -39.65 13.44 19.34
C ALA E 71 -40.83 12.80 20.06
N GLU E 72 -41.69 13.65 20.62
CA GLU E 72 -42.85 13.16 21.36
C GLU E 72 -43.80 12.40 20.43
N GLY E 73 -44.00 12.92 19.21
CA GLY E 73 -44.83 12.23 18.22
C GLY E 73 -44.24 10.90 17.79
N MET E 74 -42.91 10.86 17.69
CA MET E 74 -42.24 9.63 17.30
C MET E 74 -42.38 8.56 18.37
N VAL E 75 -42.34 8.96 19.62
CA VAL E 75 -42.53 8.04 20.72
C VAL E 75 -43.96 7.49 20.66
N ASN E 76 -44.94 8.36 20.41
CA ASN E 76 -46.32 7.89 20.24
C ASN E 76 -46.49 6.92 19.08
N ASP E 77 -45.83 7.22 17.96
CA ASP E 77 -45.82 6.30 16.81
C ASP E 77 -45.20 4.94 17.19
N ALA E 78 -44.11 4.97 17.96
CA ALA E 78 -43.46 3.73 18.43
C ALA E 78 -44.43 2.86 19.24
N LEU E 79 -45.19 3.52 20.13
CA LEU E 79 -46.19 2.80 20.93
C LEU E 79 -47.28 2.20 20.06
N LYS E 80 -47.74 2.93 19.05
CA LYS E 80 -48.69 2.36 18.08
C LYS E 80 -48.12 1.16 17.35
N LEU E 81 -46.89 1.28 16.89
CA LEU E 81 -46.25 0.13 16.22
C LEU E 81 -46.14 -1.10 17.12
N ARG E 82 -45.72 -0.88 18.36
CA ARG E 82 -45.57 -1.96 19.32
C ARG E 82 -46.92 -2.59 19.72
N SER E 83 -48.00 -1.84 19.61
CA SER E 83 -49.33 -2.41 19.83
C SER E 83 -49.75 -3.33 18.69
N ILE E 84 -49.20 -3.15 17.49
CA ILE E 84 -49.48 -4.03 16.37
C ILE E 84 -48.61 -5.30 16.45
N ILE E 85 -47.32 -5.11 16.67
CA ILE E 85 -46.35 -6.23 16.78
C ILE E 85 -45.54 -5.99 18.04
N ALA E 86 -45.76 -6.82 19.06
CA ALA E 86 -45.27 -6.57 20.41
C ALA E 86 -43.75 -6.41 20.48
N ASP E 87 -43.01 -7.18 19.68
CA ASP E 87 -41.55 -7.14 19.73
C ASP E 87 -40.91 -6.44 18.49
N ILE E 88 -41.68 -5.59 17.81
CA ILE E 88 -41.16 -4.91 16.63
C ILE E 88 -40.01 -3.97 17.00
N VAL E 89 -39.02 -3.85 16.11
CA VAL E 89 -37.99 -2.84 16.23
C VAL E 89 -38.43 -1.58 15.51
N VAL E 90 -38.36 -0.47 16.20
CA VAL E 90 -38.87 0.80 15.70
C VAL E 90 -37.76 1.61 15.01
N LYS E 91 -37.98 1.95 13.73
CA LYS E 91 -37.04 2.72 12.95
C LYS E 91 -37.32 4.20 13.10
N VAL E 92 -36.28 4.94 13.43
CA VAL E 92 -36.38 6.38 13.66
C VAL E 92 -35.36 7.08 12.78
N PRO E 93 -35.79 8.06 11.95
CA PRO E 93 -34.81 8.75 11.14
C PRO E 93 -33.82 9.52 11.99
N VAL E 94 -32.54 9.50 11.62
CA VAL E 94 -31.54 10.16 12.44
C VAL E 94 -31.43 11.67 12.11
N THR E 95 -32.39 12.41 12.69
CA THR E 95 -32.45 13.86 12.64
C THR E 95 -32.34 14.34 14.08
N ALA E 96 -32.36 15.65 14.30
CA ALA E 96 -32.30 16.17 15.67
C ALA E 96 -33.43 15.61 16.54
N GLU E 97 -34.65 15.70 16.06
CA GLU E 97 -35.80 15.17 16.81
C GLU E 97 -35.74 13.64 16.91
N GLY E 98 -35.25 13.00 15.85
CA GLY E 98 -35.05 11.55 15.90
C GLY E 98 -34.08 11.11 16.98
N LEU E 99 -32.95 11.79 17.12
CA LEU E 99 -32.01 11.44 18.18
C LEU E 99 -32.65 11.61 19.56
N ALA E 100 -33.41 12.69 19.74
CA ALA E 100 -34.14 12.91 20.99
C ALA E 100 -35.10 11.75 21.26
N ALA E 101 -35.79 11.30 20.21
CA ALA E 101 -36.71 10.16 20.32
C ALA E 101 -36.00 8.86 20.65
N ILE E 102 -34.84 8.63 20.03
CA ILE E 102 -34.07 7.44 20.30
C ILE E 102 -33.69 7.39 21.80
N LYS E 103 -33.29 8.52 22.35
CA LYS E 103 -32.96 8.58 23.78
C LYS E 103 -34.17 8.24 24.64
N MET E 104 -35.31 8.80 24.30
CA MET E 104 -36.55 8.52 25.04
C MET E 104 -36.96 7.06 24.95
N LEU E 105 -36.81 6.46 23.77
CA LEU E 105 -37.18 5.08 23.58
C LEU E 105 -36.23 4.14 24.30
N LYS E 106 -34.96 4.52 24.39
CA LYS E 106 -33.99 3.76 25.17
C LYS E 106 -34.45 3.73 26.63
N ALA E 107 -34.88 4.86 27.15
CA ALA E 107 -35.35 4.96 28.54
C ALA E 107 -36.60 4.10 28.76
N GLU E 108 -37.43 3.97 27.74
CA GLU E 108 -38.65 3.14 27.78
C GLU E 108 -38.41 1.67 27.48
N GLY E 109 -37.20 1.30 27.11
CA GLY E 109 -36.86 -0.10 26.81
C GLY E 109 -37.42 -0.60 25.49
N ILE E 110 -37.71 0.30 24.54
CA ILE E 110 -38.17 -0.10 23.21
C ILE E 110 -37.00 -0.07 22.21
N PRO E 111 -36.71 -1.20 21.56
CA PRO E 111 -35.53 -1.25 20.71
C PRO E 111 -35.72 -0.39 19.47
N THR E 112 -34.64 0.28 19.05
CA THR E 112 -34.71 1.16 17.89
C THR E 112 -33.63 0.89 16.84
N LEU E 113 -33.91 1.33 15.63
CA LEU E 113 -32.95 1.38 14.56
C LEU E 113 -32.89 2.83 14.06
N GLY E 114 -31.68 3.36 13.91
CA GLY E 114 -31.46 4.69 13.41
C GLY E 114 -31.37 4.62 11.92
N THR E 115 -32.36 5.21 11.23
CA THR E 115 -32.44 5.09 9.77
C THR E 115 -32.19 6.40 9.02
N ALA E 116 -32.22 6.33 7.68
CA ALA E 116 -31.92 7.47 6.80
C ALA E 116 -30.54 8.06 7.15
N VAL E 117 -29.59 7.18 7.34
CA VAL E 117 -28.20 7.53 7.61
C VAL E 117 -27.44 7.71 6.31
N TYR E 118 -26.92 8.91 6.12
CA TYR E 118 -26.14 9.27 4.94
C TYR E 118 -24.68 9.58 5.28
N GLY E 119 -24.33 9.52 6.57
CA GLY E 119 -22.95 9.78 7.01
C GLY E 119 -22.59 8.95 8.23
N ALA E 120 -21.32 8.63 8.38
CA ALA E 120 -20.87 7.73 9.45
C ALA E 120 -21.02 8.34 10.85
N ALA E 121 -20.65 9.62 11.01
CA ALA E 121 -20.79 10.28 12.31
C ALA E 121 -22.27 10.38 12.74
N GLN E 122 -23.14 10.76 11.80
CA GLN E 122 -24.57 10.75 12.01
C GLN E 122 -25.05 9.37 12.54
N GLY E 123 -24.61 8.32 11.87
CA GLY E 123 -24.96 6.96 12.29
C GLY E 123 -24.46 6.66 13.68
N LEU E 124 -23.20 6.99 13.96
CA LEU E 124 -22.63 6.75 15.29
C LEU E 124 -23.47 7.46 16.38
N LEU E 125 -23.88 8.70 16.13
CA LEU E 125 -24.67 9.43 17.12
C LEU E 125 -25.94 8.66 17.48
N SER E 126 -26.58 8.04 16.51
CA SER E 126 -27.80 7.27 16.78
C SER E 126 -27.50 6.08 17.71
N ALA E 127 -26.35 5.42 17.52
CA ALA E 127 -25.97 4.31 18.38
C ALA E 127 -25.63 4.77 19.79
N LEU E 128 -24.89 5.86 19.90
CA LEU E 128 -24.57 6.42 21.21
C LEU E 128 -25.85 6.81 21.96
N ALA E 129 -26.87 7.24 21.22
CA ALA E 129 -28.18 7.61 21.81
C ALA E 129 -29.01 6.38 22.26
N GLY E 130 -28.66 5.19 21.77
CA GLY E 130 -29.32 3.96 22.19
C GLY E 130 -29.75 3.01 21.11
N ALA E 131 -29.65 3.38 19.82
CA ALA E 131 -30.10 2.49 18.76
C ALA E 131 -29.30 1.19 18.75
N GLU E 132 -30.00 0.08 18.54
CA GLU E 132 -29.41 -1.25 18.45
C GLU E 132 -28.88 -1.52 17.04
N TYR E 133 -29.52 -0.89 16.05
CA TYR E 133 -29.12 -1.00 14.64
C TYR E 133 -29.01 0.40 14.04
N VAL E 134 -28.15 0.51 13.05
CA VAL E 134 -27.98 1.77 12.30
C VAL E 134 -27.98 1.42 10.81
N ALA E 135 -28.87 2.05 10.05
CA ALA E 135 -29.08 1.73 8.65
C ALA E 135 -28.63 2.86 7.70
N PRO E 136 -27.40 2.77 7.19
CA PRO E 136 -26.98 3.67 6.12
C PRO E 136 -27.68 3.32 4.82
N PHE E 137 -28.05 4.35 4.04
CA PHE E 137 -28.71 4.15 2.76
C PHE E 137 -27.60 4.13 1.68
N VAL E 138 -27.07 2.94 1.47
CA VAL E 138 -25.88 2.73 0.64
C VAL E 138 -26.04 3.28 -0.77
N ASN E 139 -27.09 2.86 -1.46
CA ASN E 139 -27.25 3.33 -2.84
C ASN E 139 -27.55 4.82 -2.95
N ARG E 140 -28.25 5.37 -1.96
CA ARG E 140 -28.55 6.80 -1.98
C ARG E 140 -27.25 7.59 -1.93
N ILE E 141 -26.34 7.19 -1.06
CA ILE E 141 -25.04 7.83 -0.94
C ILE E 141 -24.25 7.70 -2.27
N ASP E 142 -24.24 6.49 -2.83
CA ASP E 142 -23.65 6.20 -4.15
C ASP E 142 -24.26 7.05 -5.27
N ALA E 143 -25.57 7.16 -5.28
CA ALA E 143 -26.26 7.86 -6.38
C ALA E 143 -26.03 9.36 -6.31
N GLN E 144 -25.80 9.87 -5.11
CA GLN E 144 -25.63 11.30 -4.88
C GLN E 144 -24.18 11.74 -4.86
N GLY E 145 -23.29 10.94 -5.44
CA GLY E 145 -21.92 11.37 -5.70
C GLY E 145 -20.95 11.07 -4.59
N GLY E 146 -21.37 10.27 -3.61
CA GLY E 146 -20.50 9.90 -2.51
C GLY E 146 -19.96 8.48 -2.72
N SER E 147 -19.56 7.86 -1.62
CA SER E 147 -19.21 6.42 -1.62
C SER E 147 -19.97 5.72 -0.50
N GLY E 148 -21.03 5.00 -0.88
CA GLY E 148 -21.80 4.23 0.08
C GLY E 148 -20.95 3.22 0.82
N ILE E 149 -20.04 2.58 0.09
CA ILE E 149 -19.19 1.57 0.72
C ILE E 149 -18.20 2.18 1.70
N GLN E 150 -17.62 3.34 1.37
CA GLN E 150 -16.74 4.01 2.36
C GLN E 150 -17.53 4.40 3.60
N THR E 151 -18.75 4.92 3.42
CA THR E 151 -19.58 5.29 4.55
C THR E 151 -19.90 4.10 5.46
N VAL E 152 -20.26 2.97 4.85
CA VAL E 152 -20.53 1.75 5.60
C VAL E 152 -19.28 1.25 6.32
N THR E 153 -18.16 1.25 5.61
CA THR E 153 -16.88 0.80 6.17
C THR E 153 -16.56 1.62 7.42
N ASP E 154 -16.65 2.94 7.27
CA ASP E 154 -16.39 3.88 8.37
C ASP E 154 -17.38 3.69 9.52
N LEU E 155 -18.65 3.57 9.20
CA LEU E 155 -19.68 3.40 10.21
C LEU E 155 -19.45 2.14 11.04
N HIS E 156 -19.19 1.02 10.37
CA HIS E 156 -18.95 -0.21 11.10
C HIS E 156 -17.75 -0.09 12.05
N GLN E 157 -16.66 0.50 11.56
CA GLN E 157 -15.50 0.74 12.41
C GLN E 157 -15.88 1.58 13.61
N LEU E 158 -16.66 2.65 13.38
CA LEU E 158 -17.05 3.54 14.46
C LEU E 158 -17.91 2.83 15.51
N LEU E 159 -18.85 2.00 15.07
CA LEU E 159 -19.66 1.25 16.03
C LEU E 159 -18.79 0.29 16.83
N LYS E 160 -17.93 -0.46 16.16
CA LYS E 160 -17.13 -1.45 16.86
C LYS E 160 -16.18 -0.80 17.86
N MET E 161 -15.66 0.39 17.58
CA MET E 161 -14.80 1.09 18.53
C MET E 161 -15.56 1.81 19.63
N HIS E 162 -16.66 2.46 19.27
CA HIS E 162 -17.28 3.47 20.11
C HIS E 162 -18.67 3.17 20.66
N ALA E 163 -19.37 2.22 20.05
CA ALA E 163 -20.72 1.82 20.48
C ALA E 163 -20.92 0.37 20.15
N PRO E 164 -20.17 -0.52 20.82
CA PRO E 164 -20.04 -1.88 20.32
C PRO E 164 -21.31 -2.73 20.46
N GLN E 165 -22.28 -2.28 21.24
CA GLN E 165 -23.57 -2.99 21.30
C GLN E 165 -24.41 -2.79 20.03
N ALA E 166 -24.06 -1.80 19.19
CA ALA E 166 -24.85 -1.50 18.00
C ALA E 166 -24.29 -2.18 16.76
N LYS E 167 -25.17 -2.48 15.82
CA LYS E 167 -24.83 -3.15 14.58
C LYS E 167 -25.21 -2.29 13.37
N VAL E 168 -24.44 -2.41 12.31
CA VAL E 168 -24.87 -1.83 11.03
C VAL E 168 -25.88 -2.76 10.42
N LEU E 169 -27.00 -2.20 9.98
CA LEU E 169 -27.96 -2.90 9.14
C LEU E 169 -27.93 -2.18 7.80
N ALA E 170 -27.08 -2.67 6.90
CA ALA E 170 -26.90 -1.99 5.60
C ALA E 170 -28.14 -2.15 4.74
N ALA E 171 -28.53 -1.06 4.08
CA ALA E 171 -29.75 -1.01 3.33
C ALA E 171 -29.57 -0.17 2.07
N SER E 172 -30.56 -0.27 1.17
CA SER E 172 -30.65 0.52 -0.07
C SER E 172 -29.66 0.03 -1.11
N PHE E 173 -30.11 -0.91 -1.93
CA PHE E 173 -29.24 -1.62 -2.87
C PHE E 173 -29.86 -1.72 -4.23
N LYS E 174 -29.03 -1.50 -5.25
CA LYS E 174 -29.45 -1.70 -6.63
C LYS E 174 -28.67 -2.84 -7.30
N THR E 175 -27.58 -3.29 -6.69
CA THR E 175 -26.78 -4.37 -7.26
C THR E 175 -26.17 -5.23 -6.18
N PRO E 176 -26.11 -6.54 -6.41
CA PRO E 176 -25.46 -7.45 -5.46
C PRO E 176 -24.06 -7.02 -5.03
N ARG E 177 -23.30 -6.37 -5.90
CA ARG E 177 -21.94 -5.95 -5.55
C ARG E 177 -21.94 -5.03 -4.33
N GLN E 178 -22.94 -4.15 -4.25
CA GLN E 178 -23.03 -3.26 -3.09
C GLN E 178 -23.22 -4.03 -1.82
N ALA E 179 -24.09 -5.04 -1.87
CA ALA E 179 -24.33 -5.90 -0.72
C ALA E 179 -23.07 -6.69 -0.34
N LEU E 180 -22.38 -7.24 -1.33
CA LEU E 180 -21.12 -7.96 -1.07
C LEU E 180 -20.10 -7.07 -0.38
N ASP E 181 -19.93 -5.84 -0.89
CA ASP E 181 -18.97 -4.93 -0.29
C ASP E 181 -19.35 -4.54 1.15
N CYS E 182 -20.63 -4.40 1.45
CA CYS E 182 -21.06 -4.17 2.83
C CYS E 182 -20.73 -5.37 3.73
N LEU E 183 -20.96 -6.58 3.22
CA LEU E 183 -20.64 -7.79 3.96
C LEU E 183 -19.15 -7.90 4.21
N LEU E 184 -18.34 -7.55 3.22
CA LEU E 184 -16.88 -7.60 3.36
C LEU E 184 -16.37 -6.54 4.35
N ALA E 185 -17.11 -5.45 4.48
CA ALA E 185 -16.79 -4.40 5.44
C ALA E 185 -17.09 -4.80 6.89
N GLY E 186 -17.79 -5.92 7.07
CA GLY E 186 -18.10 -6.44 8.39
C GLY E 186 -19.52 -6.23 8.90
N CYS E 187 -20.42 -5.71 8.09
CA CYS E 187 -21.77 -5.37 8.58
CA CYS E 187 -21.75 -5.34 8.61
C CYS E 187 -22.43 -6.61 9.16
N GLU E 188 -22.96 -6.48 10.36
CA GLU E 188 -23.51 -7.64 11.05
C GLU E 188 -24.94 -7.95 10.66
N SER E 189 -25.55 -7.07 9.88
CA SER E 189 -26.88 -7.29 9.36
C SER E 189 -27.04 -6.52 8.06
N ILE E 190 -28.00 -6.97 7.26
CA ILE E 190 -28.22 -6.38 5.96
C ILE E 190 -29.67 -6.65 5.60
N THR E 191 -30.25 -5.75 4.81
CA THR E 191 -31.57 -5.97 4.28
C THR E 191 -31.58 -5.75 2.77
N LEU E 192 -32.11 -6.72 2.06
CA LEU E 192 -32.07 -6.75 0.61
C LEU E 192 -33.45 -6.55 -0.01
N PRO E 193 -33.53 -5.70 -1.05
CA PRO E 193 -34.75 -5.69 -1.85
C PRO E 193 -34.87 -7.00 -2.63
N LEU E 194 -36.08 -7.33 -3.05
CA LEU E 194 -36.32 -8.64 -3.65
C LEU E 194 -35.51 -8.89 -4.92
N ASP E 195 -35.36 -7.88 -5.77
CA ASP E 195 -34.63 -8.07 -7.04
C ASP E 195 -33.14 -8.37 -6.84
N VAL E 196 -32.50 -7.64 -5.92
CA VAL E 196 -31.10 -7.93 -5.56
C VAL E 196 -30.96 -9.32 -4.89
N ALA E 197 -31.87 -9.66 -3.98
CA ALA E 197 -31.83 -10.98 -3.33
C ALA E 197 -31.91 -12.10 -4.37
N GLN E 198 -32.81 -11.95 -5.33
CA GLN E 198 -32.97 -12.98 -6.37
C GLN E 198 -31.75 -13.08 -7.28
N GLN E 199 -31.13 -11.94 -7.59
CA GLN E 199 -29.90 -11.94 -8.36
C GLN E 199 -28.78 -12.65 -7.63
N MET E 200 -28.77 -12.55 -6.32
CA MET E 200 -27.70 -13.15 -5.54
C MET E 200 -27.74 -14.67 -5.48
N ILE E 201 -28.83 -15.26 -5.95
CA ILE E 201 -28.94 -16.75 -5.96
C ILE E 201 -29.15 -17.32 -7.35
N SER E 202 -29.05 -16.49 -8.38
CA SER E 202 -29.25 -16.95 -9.74
C SER E 202 -28.10 -16.48 -10.63
N TYR E 203 -27.33 -17.42 -11.18
CA TYR E 203 -26.15 -17.14 -11.99
C TYR E 203 -26.10 -18.03 -13.23
N PRO E 204 -25.92 -17.45 -14.41
CA PRO E 204 -25.76 -18.25 -15.63
C PRO E 204 -24.59 -19.24 -15.58
N ALA E 205 -23.47 -18.84 -14.97
CA ALA E 205 -22.31 -19.76 -14.84
C ALA E 205 -22.63 -20.95 -13.93
N VAL E 206 -23.40 -20.73 -12.88
CA VAL E 206 -23.78 -21.80 -11.94
C VAL E 206 -24.74 -22.75 -12.64
N ASP E 207 -25.73 -22.20 -13.34
CA ASP E 207 -26.66 -23.02 -14.11
C ASP E 207 -25.90 -23.89 -15.12
N ALA E 208 -24.91 -23.30 -15.79
CA ALA E 208 -24.11 -24.04 -16.77
C ALA E 208 -23.29 -25.15 -16.13
N ALA E 209 -22.78 -24.93 -14.93
CA ALA E 209 -22.05 -25.97 -14.18
C ALA E 209 -22.98 -27.15 -13.86
N VAL E 210 -24.18 -26.83 -13.39
CA VAL E 210 -25.15 -27.87 -13.02
C VAL E 210 -25.57 -28.63 -14.28
N ALA E 211 -25.78 -27.93 -15.40
CA ALA E 211 -26.15 -28.57 -16.66
C ALA E 211 -25.06 -29.51 -17.15
N LYS E 212 -23.80 -29.10 -17.00
CA LYS E 212 -22.69 -29.95 -17.40
C LYS E 212 -22.66 -31.24 -16.55
N PHE E 213 -22.87 -31.11 -15.24
CA PHE E 213 -22.95 -32.27 -14.36
C PHE E 213 -24.06 -33.23 -14.83
N GLU E 214 -25.22 -32.67 -15.16
CA GLU E 214 -26.36 -33.46 -15.67
C GLU E 214 -26.04 -34.17 -16.99
N GLN E 215 -25.43 -33.45 -17.93
CA GLN E 215 -25.06 -34.02 -19.23
C GLN E 215 -24.00 -35.11 -19.11
N ASP E 216 -23.01 -34.91 -18.25
CA ASP E 216 -21.99 -35.95 -18.03
C ASP E 216 -22.61 -37.20 -17.38
N TRP E 217 -23.51 -36.99 -16.43
CA TRP E 217 -24.19 -38.10 -15.74
C TRP E 217 -25.05 -38.89 -16.74
N GLN E 218 -25.81 -38.15 -17.56
CA GLN E 218 -26.63 -38.75 -18.61
C GLN E 218 -25.78 -39.58 -19.56
N GLY E 219 -24.65 -39.02 -19.99
CA GLY E 219 -23.75 -39.69 -20.90
C GLY E 219 -23.27 -41.03 -20.37
N ALA E 220 -23.03 -41.10 -19.07
CA ALA E 220 -22.50 -42.32 -18.47
C ALA E 220 -23.57 -43.30 -18.05
N PHE E 221 -24.70 -42.80 -17.55
CA PHE E 221 -25.68 -43.66 -16.88
C PHE E 221 -27.07 -43.68 -17.51
N GLY E 222 -27.28 -42.90 -18.56
CA GLY E 222 -28.55 -42.90 -19.29
C GLY E 222 -29.71 -42.23 -18.60
N ARG E 223 -29.46 -41.47 -17.53
CA ARG E 223 -30.50 -40.68 -16.89
C ARG E 223 -29.83 -39.47 -16.22
N THR E 224 -30.62 -38.55 -15.70
CA THR E 224 -30.08 -37.37 -14.99
C THR E 224 -30.37 -37.41 -13.50
N SER E 225 -31.01 -38.47 -13.05
CA SER E 225 -31.31 -38.66 -11.64
C SER E 225 -30.30 -39.59 -11.00
N ILE E 226 -30.23 -39.53 -9.68
CA ILE E 226 -29.16 -40.20 -8.96
C ILE E 226 -29.27 -41.72 -9.06
N HIS F 7 -0.34 28.07 -11.48
CA HIS F 7 -1.45 27.99 -10.50
C HIS F 7 -2.09 29.38 -10.38
N GLU F 8 -3.42 29.43 -10.35
CA GLU F 8 -4.14 30.68 -10.15
C GLU F 8 -4.78 30.73 -8.75
N LEU F 9 -4.38 31.73 -7.96
CA LEU F 9 -4.86 31.91 -6.60
C LEU F 9 -5.83 33.07 -6.53
N TYR F 10 -7.04 32.80 -6.06
CA TYR F 10 -8.12 33.79 -5.97
C TYR F 10 -8.55 33.98 -4.51
N LEU F 11 -9.11 35.15 -4.24
CA LEU F 11 -9.82 35.40 -2.98
C LEU F 11 -11.32 35.36 -3.21
N ASP F 12 -12.02 34.77 -2.26
CA ASP F 12 -13.46 34.49 -2.37
C ASP F 12 -14.13 35.51 -1.46
N THR F 13 -14.46 36.66 -2.01
CA THR F 13 -14.86 37.82 -1.20
C THR F 13 -15.51 38.92 -2.03
N SER F 14 -16.28 39.77 -1.36
CA SER F 14 -16.74 41.03 -1.97
C SER F 14 -16.26 42.24 -1.15
N ASP F 15 -15.27 42.00 -0.28
CA ASP F 15 -14.74 43.03 0.65
C ASP F 15 -13.63 43.82 -0.05
N VAL F 16 -14.01 44.97 -0.63
CA VAL F 16 -13.12 45.73 -1.52
C VAL F 16 -11.87 46.21 -0.79
N VAL F 17 -12.06 46.73 0.41
CA VAL F 17 -10.95 47.23 1.23
C VAL F 17 -9.95 46.11 1.53
N ALA F 18 -10.45 44.93 1.87
CA ALA F 18 -9.57 43.79 2.15
C ALA F 18 -8.83 43.34 0.91
N VAL F 19 -9.50 43.31 -0.24
CA VAL F 19 -8.86 42.92 -1.49
C VAL F 19 -7.70 43.86 -1.82
N LYS F 20 -7.94 45.17 -1.66
CA LYS F 20 -6.85 46.16 -1.94
C LYS F 20 -5.65 45.89 -1.03
N ALA F 21 -5.91 45.67 0.26
CA ALA F 21 -4.84 45.40 1.22
C ALA F 21 -4.10 44.09 0.94
N LEU F 22 -4.86 43.02 0.66
CA LEU F 22 -4.25 41.71 0.44
C LEU F 22 -3.61 41.54 -0.94
N SER F 23 -4.01 42.33 -1.94
CA SER F 23 -3.40 42.21 -3.25
C SER F 23 -1.91 42.62 -3.27
N ARG F 24 -1.51 43.39 -2.27
CA ARG F 24 -0.14 43.81 -2.08
C ARG F 24 0.73 42.68 -1.48
N ILE F 25 0.07 41.75 -0.80
CA ILE F 25 0.76 40.67 -0.09
C ILE F 25 0.71 39.38 -0.92
N PHE F 26 -0.49 38.97 -1.31
CA PHE F 26 -0.66 37.69 -2.03
C PHE F 26 -0.44 37.86 -3.52
N PRO F 27 0.06 36.80 -4.18
CA PRO F 27 0.17 36.78 -5.63
C PRO F 27 -1.16 36.35 -6.26
N LEU F 28 -2.10 37.28 -6.34
CA LEU F 28 -3.47 36.97 -6.74
C LEU F 28 -3.65 36.96 -8.25
N ALA F 29 -4.44 36.01 -8.71
CA ALA F 29 -4.93 35.99 -10.08
C ALA F 29 -6.22 36.79 -10.22
N GLY F 30 -6.88 37.06 -9.11
CA GLY F 30 -8.21 37.69 -9.13
C GLY F 30 -9.08 37.42 -7.92
N VAL F 31 -10.38 37.61 -8.12
CA VAL F 31 -11.38 37.48 -7.06
C VAL F 31 -12.59 36.72 -7.58
N THR F 32 -13.12 35.80 -6.77
CA THR F 32 -14.35 35.11 -7.09
C THR F 32 -15.44 35.61 -6.16
N THR F 33 -16.66 35.70 -6.69
CA THR F 33 -17.81 36.04 -5.89
C THR F 33 -18.88 34.98 -6.13
N ASN F 34 -19.85 34.91 -5.23
CA ASN F 34 -21.05 34.10 -5.40
C ASN F 34 -22.21 34.86 -4.80
N PRO F 35 -23.45 34.37 -4.99
CA PRO F 35 -24.60 35.17 -4.55
C PRO F 35 -24.63 35.48 -3.06
N SER F 36 -24.17 34.55 -2.23
CA SER F 36 -24.11 34.77 -0.79
C SER F 36 -23.06 35.81 -0.43
N ILE F 37 -21.91 35.74 -1.09
CA ILE F 37 -20.82 36.69 -0.85
C ILE F 37 -21.24 38.11 -1.27
N ILE F 38 -21.87 38.22 -2.43
CA ILE F 38 -22.39 39.51 -2.88
C ILE F 38 -23.45 40.00 -1.91
N ALA F 39 -24.40 39.15 -1.53
CA ALA F 39 -25.47 39.54 -0.60
C ALA F 39 -24.89 40.05 0.75
N ALA F 40 -23.86 39.36 1.26
CA ALA F 40 -23.23 39.75 2.53
C ALA F 40 -22.58 41.12 2.47
N GLY F 41 -22.05 41.49 1.31
CA GLY F 41 -21.44 42.80 1.13
C GLY F 41 -22.45 43.93 0.92
N LYS F 42 -23.67 43.58 0.56
CA LYS F 42 -24.82 44.51 0.41
C LYS F 42 -24.76 45.50 -0.76
N LYS F 43 -23.71 45.46 -1.57
CA LYS F 43 -23.61 46.34 -2.73
C LYS F 43 -24.05 45.57 -3.97
N PRO F 44 -24.80 46.22 -4.87
CA PRO F 44 -25.18 45.54 -6.11
C PRO F 44 -23.98 45.22 -7.00
N LEU F 45 -24.17 44.25 -7.88
CA LEU F 45 -23.14 43.85 -8.83
C LEU F 45 -22.53 45.00 -9.63
N ASP F 46 -23.37 45.92 -10.13
CA ASP F 46 -22.84 46.99 -10.98
C ASP F 46 -22.01 48.03 -10.21
N VAL F 47 -22.10 47.99 -8.89
CA VAL F 47 -21.22 48.79 -8.04
C VAL F 47 -19.97 47.98 -7.62
N VAL F 48 -20.17 46.79 -7.05
CA VAL F 48 -19.06 46.08 -6.41
C VAL F 48 -18.08 45.45 -7.41
N LEU F 49 -18.57 44.97 -8.56
CA LEU F 49 -17.65 44.32 -9.49
C LEU F 49 -16.58 45.32 -10.02
N PRO F 50 -17.00 46.53 -10.44
CA PRO F 50 -15.97 47.49 -10.86
C PRO F 50 -15.04 47.91 -9.70
N GLN F 51 -15.55 48.00 -8.49
CA GLN F 51 -14.69 48.29 -7.34
C GLN F 51 -13.66 47.20 -7.09
N LEU F 52 -14.08 45.95 -7.20
CA LEU F 52 -13.16 44.83 -7.02
C LEU F 52 -12.11 44.81 -8.10
N HIS F 53 -12.53 45.10 -9.34
CA HIS F 53 -11.60 45.15 -10.44
C HIS F 53 -10.51 46.22 -10.20
N GLU F 54 -10.92 47.36 -9.69
CA GLU F 54 -9.95 48.42 -9.37
C GLU F 54 -9.08 48.06 -8.19
N ALA F 55 -9.67 47.45 -7.16
CA ALA F 55 -8.94 47.10 -5.96
C ALA F 55 -7.77 46.16 -6.27
N MET F 56 -7.83 45.47 -7.41
CA MET F 56 -6.67 44.68 -7.90
C MET F 56 -5.85 45.38 -8.97
N GLY F 57 -5.98 46.69 -9.08
CA GLY F 57 -5.21 47.46 -10.05
C GLY F 57 -5.50 47.11 -11.49
N GLY F 58 -6.71 46.63 -11.78
CA GLY F 58 -7.11 46.31 -13.14
C GLY F 58 -6.48 45.08 -13.74
N GLN F 59 -5.77 44.29 -12.94
CA GLN F 59 -5.04 43.14 -13.44
C GLN F 59 -5.75 41.81 -13.16
N GLY F 60 -6.59 41.76 -12.15
CA GLY F 60 -7.16 40.48 -11.72
C GLY F 60 -8.35 40.05 -12.54
N ARG F 61 -8.52 38.72 -12.67
CA ARG F 61 -9.72 38.14 -13.24
C ARG F 61 -10.87 38.11 -12.23
N LEU F 62 -12.09 38.37 -12.69
CA LEU F 62 -13.26 38.32 -11.84
C LEU F 62 -14.21 37.19 -12.26
N PHE F 63 -14.93 36.65 -11.28
CA PHE F 63 -15.97 35.61 -11.47
C PHE F 63 -17.23 36.04 -10.73
N ALA F 64 -18.38 35.86 -11.38
CA ALA F 64 -19.66 36.11 -10.72
C ALA F 64 -20.72 35.19 -11.28
N GLU F 65 -21.77 35.00 -10.50
CA GLU F 65 -22.73 33.92 -10.70
C GLU F 65 -24.09 34.38 -11.20
N VAL F 66 -24.64 33.62 -12.14
CA VAL F 66 -26.01 33.83 -12.61
C VAL F 66 -27.03 33.46 -11.54
N MET F 67 -28.24 34.02 -11.63
CA MET F 67 -29.30 33.74 -10.67
C MET F 67 -30.51 33.02 -11.26
N ALA F 68 -30.71 33.14 -12.57
CA ALA F 68 -31.90 32.57 -13.22
C ALA F 68 -31.92 31.04 -13.11
N THR F 69 -33.10 30.47 -13.22
CA THR F 69 -33.29 29.02 -13.09
C THR F 69 -33.54 28.30 -14.42
N THR F 70 -33.73 29.04 -15.51
CA THR F 70 -33.83 28.41 -16.85
C THR F 70 -32.58 28.74 -17.62
N ALA F 71 -32.22 27.85 -18.55
CA ALA F 71 -31.01 28.06 -19.34
C ALA F 71 -31.01 29.41 -20.08
N GLU F 72 -32.14 29.75 -20.66
CA GLU F 72 -32.29 30.99 -21.39
C GLU F 72 -32.09 32.19 -20.45
N GLY F 73 -32.65 32.12 -19.25
CA GLY F 73 -32.48 33.16 -18.25
C GLY F 73 -31.04 33.28 -17.80
N MET F 74 -30.35 32.15 -17.67
CA MET F 74 -28.94 32.15 -17.29
C MET F 74 -28.05 32.79 -18.35
N VAL F 75 -28.34 32.54 -19.63
CA VAL F 75 -27.63 33.18 -20.70
C VAL F 75 -27.84 34.69 -20.67
N ASN F 76 -29.08 35.12 -20.45
CA ASN F 76 -29.34 36.56 -20.29
C ASN F 76 -28.57 37.16 -19.11
N ASP F 77 -28.53 36.45 -17.98
CA ASP F 77 -27.74 36.90 -16.82
C ASP F 77 -26.25 37.02 -17.18
N ALA F 78 -25.74 36.06 -17.94
CA ALA F 78 -24.36 36.09 -18.39
C ALA F 78 -24.06 37.36 -19.20
N LEU F 79 -24.98 37.71 -20.09
CA LEU F 79 -24.84 38.93 -20.89
C LEU F 79 -24.83 40.17 -20.01
N LYS F 80 -25.69 40.21 -18.99
CA LYS F 80 -25.69 41.31 -18.05
C LYS F 80 -24.35 41.42 -17.32
N LEU F 81 -23.85 40.28 -16.84
CA LEU F 81 -22.57 40.29 -16.13
C LEU F 81 -21.45 40.79 -17.02
N ARG F 82 -21.42 40.32 -18.27
CA ARG F 82 -20.39 40.72 -19.21
C ARG F 82 -20.49 42.21 -19.60
N SER F 83 -21.66 42.78 -19.49
CA SER F 83 -21.80 44.23 -19.73
C SER F 83 -21.24 45.04 -18.56
N ILE F 84 -21.14 44.46 -17.36
CA ILE F 84 -20.52 45.13 -16.22
C ILE F 84 -19.00 45.00 -16.31
N ILE F 85 -18.51 43.78 -16.53
CA ILE F 85 -17.07 43.49 -16.61
C ILE F 85 -16.86 42.67 -17.87
N ALA F 86 -16.23 43.27 -18.87
CA ALA F 86 -16.19 42.70 -20.23
C ALA F 86 -15.58 41.29 -20.31
N ASP F 87 -14.57 41.01 -19.50
CA ASP F 87 -13.89 39.72 -19.54
C ASP F 87 -14.22 38.82 -18.33
N ILE F 88 -15.34 39.08 -17.67
CA ILE F 88 -15.71 38.30 -16.46
C ILE F 88 -15.97 36.84 -16.84
N VAL F 89 -15.63 35.94 -15.93
CA VAL F 89 -16.00 34.53 -16.09
C VAL F 89 -17.32 34.30 -15.38
N VAL F 90 -18.25 33.67 -16.07
CA VAL F 90 -19.62 33.51 -15.58
C VAL F 90 -19.79 32.15 -14.90
N LYS F 91 -20.14 32.18 -13.63
CA LYS F 91 -20.37 30.99 -12.84
C LYS F 91 -21.82 30.53 -13.03
N VAL F 92 -21.98 29.24 -13.35
CA VAL F 92 -23.28 28.64 -13.58
C VAL F 92 -23.39 27.41 -12.66
N PRO F 93 -24.45 27.31 -11.88
CA PRO F 93 -24.59 26.10 -11.03
C PRO F 93 -24.79 24.87 -11.90
N VAL F 94 -24.16 23.75 -11.51
CA VAL F 94 -24.21 22.56 -12.36
C VAL F 94 -25.47 21.76 -12.02
N THR F 95 -26.57 22.24 -12.58
CA THR F 95 -27.88 21.60 -12.57
C THR F 95 -28.23 21.26 -14.02
N ALA F 96 -29.37 20.63 -14.26
CA ALA F 96 -29.79 20.33 -15.62
C ALA F 96 -29.85 21.59 -16.49
N GLU F 97 -30.53 22.63 -16.01
CA GLU F 97 -30.61 23.86 -16.80
C GLU F 97 -29.25 24.55 -16.88
N GLY F 98 -28.44 24.43 -15.82
CA GLY F 98 -27.10 24.97 -15.84
C GLY F 98 -26.21 24.36 -16.91
N LEU F 99 -26.27 23.04 -17.03
CA LEU F 99 -25.53 22.39 -18.10
C LEU F 99 -25.98 22.86 -19.49
N ALA F 100 -27.30 22.99 -19.67
CA ALA F 100 -27.82 23.50 -20.93
C ALA F 100 -27.27 24.92 -21.21
N ALA F 101 -27.24 25.74 -20.16
CA ALA F 101 -26.68 27.11 -20.26
C ALA F 101 -25.19 27.13 -20.59
N ILE F 102 -24.43 26.22 -19.98
CA ILE F 102 -23.02 26.12 -20.25
C ILE F 102 -22.76 25.77 -21.73
N LYS F 103 -23.56 24.86 -22.30
CA LYS F 103 -23.45 24.57 -23.73
C LYS F 103 -23.73 25.79 -24.58
N MET F 104 -24.78 26.53 -24.24
CA MET F 104 -25.12 27.73 -25.00
C MET F 104 -24.03 28.79 -24.89
N LEU F 105 -23.47 28.95 -23.70
CA LEU F 105 -22.44 29.97 -23.50
C LEU F 105 -21.14 29.61 -24.22
N LYS F 106 -20.83 28.31 -24.29
CA LYS F 106 -19.72 27.83 -25.06
C LYS F 106 -19.91 28.25 -26.53
N ALA F 107 -21.11 28.09 -27.06
CA ALA F 107 -21.40 28.45 -28.46
C ALA F 107 -21.26 29.96 -28.68
N GLU F 108 -21.58 30.75 -27.66
CA GLU F 108 -21.43 32.20 -27.69
C GLU F 108 -20.03 32.70 -27.40
N GLY F 109 -19.12 31.82 -27.00
CA GLY F 109 -17.74 32.21 -26.70
C GLY F 109 -17.56 32.93 -25.35
N ILE F 110 -18.47 32.72 -24.41
CA ILE F 110 -18.38 33.33 -23.09
C ILE F 110 -17.83 32.29 -22.10
N PRO F 111 -16.71 32.60 -21.43
CA PRO F 111 -16.11 31.61 -20.54
C PRO F 111 -16.96 31.36 -19.31
N THR F 112 -17.04 30.09 -18.90
CA THR F 112 -17.87 29.73 -17.77
C THR F 112 -17.13 28.90 -16.74
N LEU F 113 -17.67 28.94 -15.54
CA LEU F 113 -17.26 28.07 -14.44
C LEU F 113 -18.48 27.31 -13.98
N GLY F 114 -18.35 26.00 -13.79
CA GLY F 114 -19.42 25.17 -13.29
C GLY F 114 -19.32 25.12 -11.77
N THR F 115 -20.31 25.69 -11.08
CA THR F 115 -20.24 25.82 -9.63
C THR F 115 -21.26 24.95 -8.90
N ALA F 116 -21.22 25.02 -7.57
CA ALA F 116 -22.08 24.21 -6.70
C ALA F 116 -21.91 22.73 -7.02
N VAL F 117 -20.67 22.34 -7.21
CA VAL F 117 -20.32 20.95 -7.49
C VAL F 117 -20.11 20.19 -6.17
N TYR F 118 -20.90 19.15 -5.98
CA TYR F 118 -20.85 18.29 -4.79
C TYR F 118 -20.41 16.88 -5.14
N GLY F 119 -20.17 16.61 -6.43
CA GLY F 119 -19.69 15.27 -6.87
C GLY F 119 -18.80 15.38 -8.09
N ALA F 120 -17.88 14.43 -8.25
CA ALA F 120 -16.91 14.47 -9.32
C ALA F 120 -17.53 14.30 -10.71
N ALA F 121 -18.47 13.37 -10.88
CA ALA F 121 -19.10 13.16 -12.18
C ALA F 121 -19.87 14.39 -12.61
N GLN F 122 -20.60 14.97 -11.68
CA GLN F 122 -21.31 16.22 -11.90
C GLN F 122 -20.36 17.29 -12.43
N GLY F 123 -19.23 17.44 -11.76
CA GLY F 123 -18.20 18.39 -12.17
C GLY F 123 -17.67 18.11 -13.56
N LEU F 124 -17.37 16.86 -13.85
CA LEU F 124 -16.90 16.50 -15.17
C LEU F 124 -17.92 16.87 -16.24
N LEU F 125 -19.19 16.64 -15.99
CA LEU F 125 -20.21 16.96 -17.01
C LEU F 125 -20.14 18.44 -17.40
N SER F 126 -19.91 19.31 -16.42
CA SER F 126 -19.83 20.74 -16.68
C SER F 126 -18.64 21.09 -17.57
N ALA F 127 -17.50 20.43 -17.38
CA ALA F 127 -16.34 20.59 -18.25
C ALA F 127 -16.60 20.05 -19.66
N LEU F 128 -17.22 18.88 -19.75
CA LEU F 128 -17.55 18.33 -21.08
C LEU F 128 -18.51 19.23 -21.83
N ALA F 129 -19.37 19.94 -21.11
CA ALA F 129 -20.31 20.90 -21.70
C ALA F 129 -19.65 22.24 -22.13
N GLY F 130 -18.46 22.52 -21.62
CA GLY F 130 -17.69 23.66 -22.07
C GLY F 130 -17.08 24.53 -20.98
N ALA F 131 -17.36 24.24 -19.71
CA ALA F 131 -16.80 25.06 -18.63
C ALA F 131 -15.27 24.99 -18.61
N GLU F 132 -14.64 26.14 -18.40
CA GLU F 132 -13.21 26.25 -18.31
C GLU F 132 -12.73 25.91 -16.90
N TYR F 133 -13.61 26.15 -15.91
CA TYR F 133 -13.32 25.90 -14.50
C TYR F 133 -14.47 25.13 -13.90
N VAL F 134 -14.16 24.28 -12.91
CA VAL F 134 -15.16 23.56 -12.17
C VAL F 134 -14.86 23.73 -10.66
N ALA F 135 -15.86 24.20 -9.90
CA ALA F 135 -15.69 24.56 -8.49
C ALA F 135 -16.45 23.63 -7.53
N PRO F 136 -15.78 22.57 -7.06
CA PRO F 136 -16.36 21.76 -5.99
C PRO F 136 -16.41 22.56 -4.67
N PHE F 137 -17.47 22.36 -3.88
CA PHE F 137 -17.63 23.03 -2.60
C PHE F 137 -17.08 22.11 -1.51
N VAL F 138 -15.78 22.21 -1.30
CA VAL F 138 -15.03 21.27 -0.49
C VAL F 138 -15.58 21.14 0.92
N ASN F 139 -15.72 22.26 1.61
CA ASN F 139 -16.22 22.19 2.98
C ASN F 139 -17.66 21.74 3.10
N ARG F 140 -18.49 22.06 2.10
CA ARG F 140 -19.88 21.61 2.12
C ARG F 140 -19.93 20.09 2.08
N ILE F 141 -19.11 19.50 1.20
CA ILE F 141 -19.06 18.06 1.06
C ILE F 141 -18.57 17.45 2.40
N ASP F 142 -17.51 18.03 2.96
CA ASP F 142 -16.98 17.62 4.27
C ASP F 142 -18.01 17.75 5.41
N ALA F 143 -18.73 18.86 5.43
CA ALA F 143 -19.66 19.11 6.53
C ALA F 143 -20.86 18.16 6.48
N GLN F 144 -21.20 17.72 5.27
CA GLN F 144 -22.37 16.88 5.07
C GLN F 144 -22.06 15.40 5.03
N GLY F 145 -20.93 15.01 5.59
CA GLY F 145 -20.65 13.60 5.79
C GLY F 145 -19.89 12.91 4.69
N GLY F 146 -19.41 13.67 3.70
CA GLY F 146 -18.64 13.12 2.62
C GLY F 146 -17.15 13.35 2.82
N SER F 147 -16.40 13.31 1.71
CA SER F 147 -14.98 13.66 1.71
C SER F 147 -14.75 14.68 0.59
N GLY F 148 -14.64 15.94 0.97
CA GLY F 148 -14.35 16.99 0.01
C GLY F 148 -13.04 16.75 -0.70
N ILE F 149 -12.04 16.25 0.02
CA ILE F 149 -10.75 16.01 -0.59
C ILE F 149 -10.80 14.85 -1.60
N GLN F 150 -11.53 13.78 -1.28
CA GLN F 150 -11.65 12.70 -2.25
C GLN F 150 -12.39 13.19 -3.50
N THR F 151 -13.43 13.99 -3.32
CA THR F 151 -14.16 14.55 -4.44
C THR F 151 -13.28 15.41 -5.34
N VAL F 152 -12.46 16.28 -4.73
CA VAL F 152 -11.54 17.08 -5.48
C VAL F 152 -10.48 16.24 -6.20
N THR F 153 -9.95 15.24 -5.51
CA THR F 153 -8.93 14.36 -6.07
C THR F 153 -9.47 13.65 -7.31
N ASP F 154 -10.64 13.06 -7.16
CA ASP F 154 -11.35 12.39 -8.26
C ASP F 154 -11.65 13.37 -9.41
N LEU F 155 -12.16 14.55 -9.08
CA LEU F 155 -12.52 15.52 -10.11
C LEU F 155 -11.32 15.95 -10.93
N HIS F 156 -10.21 16.28 -10.27
CA HIS F 156 -9.02 16.68 -10.99
C HIS F 156 -8.54 15.56 -11.92
N GLN F 157 -8.54 14.33 -11.45
CA GLN F 157 -8.18 13.20 -12.32
C GLN F 157 -9.11 13.09 -13.51
N LEU F 158 -10.41 13.24 -13.27
CA LEU F 158 -11.37 13.18 -14.36
C LEU F 158 -11.13 14.27 -15.40
N LEU F 159 -10.88 15.49 -14.96
CA LEU F 159 -10.64 16.57 -15.93
C LEU F 159 -9.38 16.28 -16.74
N LYS F 160 -8.30 15.89 -16.07
CA LYS F 160 -7.04 15.67 -16.77
C LYS F 160 -7.13 14.52 -17.79
N MET F 161 -7.94 13.50 -17.50
CA MET F 161 -8.14 12.41 -18.46
C MET F 161 -9.15 12.73 -19.55
N HIS F 162 -10.26 13.35 -19.17
CA HIS F 162 -11.44 13.41 -20.01
C HIS F 162 -11.85 14.77 -20.56
N ALA F 163 -11.35 15.86 -19.95
CA ALA F 163 -11.67 17.21 -20.38
C ALA F 163 -10.48 18.12 -20.05
N PRO F 164 -9.36 17.90 -20.71
CA PRO F 164 -8.10 18.45 -20.21
C PRO F 164 -7.97 19.98 -20.37
N GLN F 165 -8.84 20.62 -21.13
CA GLN F 165 -8.89 22.08 -21.19
C GLN F 165 -9.44 22.69 -19.91
N ALA F 166 -10.10 21.92 -19.05
CA ALA F 166 -10.75 22.45 -17.87
C ALA F 166 -9.87 22.30 -16.64
N LYS F 167 -10.04 23.21 -15.70
CA LYS F 167 -9.31 23.24 -14.43
C LYS F 167 -10.27 23.15 -13.26
N VAL F 168 -9.82 22.51 -12.19
CA VAL F 168 -10.53 22.61 -10.92
C VAL F 168 -10.21 23.96 -10.29
N LEU F 169 -11.24 24.66 -9.85
CA LEU F 169 -11.10 25.85 -8.99
C LEU F 169 -11.71 25.46 -7.65
N ALA F 170 -10.88 24.94 -6.76
CA ALA F 170 -11.38 24.45 -5.48
C ALA F 170 -11.87 25.62 -4.62
N ALA F 171 -12.99 25.41 -3.97
CA ALA F 171 -13.65 26.45 -3.19
C ALA F 171 -14.30 25.90 -1.92
N SER F 172 -14.68 26.80 -1.01
CA SER F 172 -15.41 26.51 0.22
C SER F 172 -14.48 25.88 1.25
N PHE F 173 -13.88 26.72 2.08
CA PHE F 173 -12.86 26.28 3.04
C PHE F 173 -13.09 26.86 4.41
N LYS F 174 -12.86 26.02 5.43
CA LYS F 174 -12.88 26.49 6.82
C LYS F 174 -11.50 26.39 7.47
N THR F 175 -10.58 25.65 6.85
CA THR F 175 -9.24 25.50 7.41
C THR F 175 -8.19 25.40 6.32
N PRO F 176 -6.99 25.96 6.56
CA PRO F 176 -5.90 25.86 5.62
C PRO F 176 -5.56 24.42 5.17
N ARG F 177 -5.75 23.44 6.04
CA ARG F 177 -5.47 22.05 5.68
C ARG F 177 -6.30 21.57 4.49
N GLN F 178 -7.56 22.01 4.42
CA GLN F 178 -8.39 21.68 3.25
C GLN F 178 -7.78 22.23 1.97
N ALA F 179 -7.31 23.47 2.03
CA ALA F 179 -6.71 24.10 0.86
C ALA F 179 -5.42 23.39 0.46
N LEU F 180 -4.61 23.06 1.46
CA LEU F 180 -3.35 22.34 1.22
C LEU F 180 -3.65 21.02 0.52
N ASP F 181 -4.62 20.28 1.04
CA ASP F 181 -4.96 19.00 0.42
C ASP F 181 -5.48 19.14 -1.04
N CYS F 182 -6.22 20.19 -1.32
CA CYS F 182 -6.62 20.44 -2.71
C CYS F 182 -5.44 20.75 -3.62
N LEU F 183 -4.51 21.56 -3.13
CA LEU F 183 -3.30 21.87 -3.87
C LEU F 183 -2.47 20.59 -4.12
N LEU F 184 -2.35 19.73 -3.11
CA LEU F 184 -1.60 18.47 -3.25
C LEU F 184 -2.28 17.52 -4.23
N ALA F 185 -3.59 17.62 -4.36
CA ALA F 185 -4.35 16.81 -5.33
C ALA F 185 -4.19 17.29 -6.76
N GLY F 186 -3.57 18.46 -6.94
CA GLY F 186 -3.21 18.97 -8.27
C GLY F 186 -4.05 20.13 -8.79
N CYS F 187 -4.97 20.66 -7.98
CA CYS F 187 -5.91 21.67 -8.47
CA CYS F 187 -5.94 21.64 -8.49
C CYS F 187 -5.16 22.84 -9.04
N GLU F 188 -5.53 23.24 -10.27
CA GLU F 188 -4.80 24.29 -10.93
C GLU F 188 -5.22 25.69 -10.55
N SER F 189 -6.29 25.78 -9.76
CA SER F 189 -6.73 27.04 -9.21
C SER F 189 -7.46 26.80 -7.90
N ILE F 190 -7.55 27.86 -7.10
CA ILE F 190 -8.19 27.78 -5.81
C ILE F 190 -8.66 29.16 -5.42
N THR F 191 -9.74 29.22 -4.64
CA THR F 191 -10.22 30.48 -4.09
C THR F 191 -10.44 30.39 -2.58
N LEU F 192 -9.81 31.30 -1.86
CA LEU F 192 -9.78 31.28 -0.41
C LEU F 192 -10.63 32.36 0.20
N PRO F 193 -11.43 32.02 1.23
CA PRO F 193 -12.03 33.08 2.02
C PRO F 193 -10.92 33.83 2.80
N LEU F 194 -11.23 35.03 3.22
CA LEU F 194 -10.21 35.87 3.83
C LEU F 194 -9.59 35.27 5.09
N ASP F 195 -10.41 34.65 5.93
CA ASP F 195 -9.88 34.14 7.21
C ASP F 195 -8.85 33.03 6.97
N VAL F 196 -9.18 32.12 6.06
CA VAL F 196 -8.25 31.04 5.74
C VAL F 196 -6.98 31.56 5.07
N ALA F 197 -7.13 32.55 4.16
CA ALA F 197 -5.97 33.15 3.50
C ALA F 197 -5.02 33.78 4.53
N GLN F 198 -5.58 34.46 5.51
CA GLN F 198 -4.77 35.09 6.55
C GLN F 198 -4.09 34.07 7.46
N GLN F 199 -4.78 32.97 7.77
CA GLN F 199 -4.16 31.90 8.55
C GLN F 199 -2.99 31.29 7.82
N MET F 200 -3.07 31.24 6.48
CA MET F 200 -2.03 30.60 5.69
C MET F 200 -0.72 31.38 5.64
N ILE F 201 -0.73 32.63 6.11
CA ILE F 201 0.49 33.44 6.14
C ILE F 201 0.90 33.89 7.53
N SER F 202 0.24 33.39 8.57
CA SER F 202 0.54 33.80 9.93
C SER F 202 0.71 32.57 10.83
N TYR F 203 1.92 32.36 11.34
CA TYR F 203 2.26 31.18 12.13
C TYR F 203 3.07 31.57 13.35
N PRO F 204 2.65 31.15 14.54
CA PRO F 204 3.46 31.39 15.74
C PRO F 204 4.90 30.86 15.64
N ALA F 205 5.09 29.69 15.04
CA ALA F 205 6.44 29.13 14.91
C ALA F 205 7.35 29.99 14.00
N VAL F 206 6.77 30.55 12.95
CA VAL F 206 7.51 31.38 12.02
C VAL F 206 7.88 32.69 12.72
N ASP F 207 6.92 33.27 13.43
CA ASP F 207 7.19 34.51 14.17
C ASP F 207 8.33 34.28 15.17
N ALA F 208 8.32 33.12 15.83
CA ALA F 208 9.36 32.79 16.79
C ALA F 208 10.72 32.62 16.12
N ALA F 209 10.76 32.05 14.93
CA ALA F 209 12.01 31.92 14.17
C ALA F 209 12.60 33.30 13.82
N VAL F 210 11.72 34.21 13.38
CA VAL F 210 12.15 35.53 13.01
C VAL F 210 12.64 36.29 14.27
N ALA F 211 11.94 36.13 15.38
CA ALA F 211 12.34 36.77 16.64
C ALA F 211 13.70 36.25 17.11
N LYS F 212 13.95 34.96 16.95
CA LYS F 212 15.26 34.39 17.33
C LYS F 212 16.38 34.96 16.45
N PHE F 213 16.14 35.08 15.15
CA PHE F 213 17.10 35.74 14.27
C PHE F 213 17.42 37.18 14.76
N GLU F 214 16.38 37.92 15.07
CA GLU F 214 16.53 39.30 15.56
C GLU F 214 17.32 39.34 16.89
N GLN F 215 16.99 38.45 17.81
CA GLN F 215 17.68 38.41 19.11
C GLN F 215 19.15 38.03 18.96
N ASP F 216 19.45 37.05 18.12
CA ASP F 216 20.84 36.67 17.89
C ASP F 216 21.64 37.82 17.25
N TRP F 217 21.03 38.48 16.29
CA TRP F 217 21.64 39.63 15.62
C TRP F 217 21.92 40.76 16.62
N GLN F 218 20.91 41.06 17.43
CA GLN F 218 21.03 42.07 18.49
C GLN F 218 22.18 41.75 19.42
N GLY F 219 22.22 40.50 19.86
CA GLY F 219 23.25 40.04 20.79
C GLY F 219 24.65 40.29 20.27
N ALA F 220 24.86 40.10 18.98
CA ALA F 220 26.16 40.25 18.39
C ALA F 220 26.48 41.67 18.00
N PHE F 221 25.51 42.39 17.48
CA PHE F 221 25.77 43.67 16.81
C PHE F 221 25.15 44.89 17.46
N GLY F 222 24.35 44.70 18.51
CA GLY F 222 23.73 45.79 19.24
C GLY F 222 22.57 46.49 18.58
N ARG F 223 22.02 45.89 17.52
CA ARG F 223 20.81 46.42 16.88
C ARG F 223 20.10 45.25 16.19
N THR F 224 18.89 45.50 15.69
CA THR F 224 18.13 44.46 14.97
C THR F 224 18.03 44.75 13.48
N SER F 225 18.66 45.84 13.03
CA SER F 225 18.65 46.22 11.63
C SER F 225 19.96 45.81 10.98
N ILE F 226 19.93 45.75 9.67
CA ILE F 226 21.03 45.14 8.93
C ILE F 226 22.30 45.97 9.04
N HIS G 7 21.64 19.25 -9.30
CA HIS G 7 21.44 19.49 -7.83
C HIS G 7 22.50 20.51 -7.37
N GLU G 8 22.09 21.45 -6.51
CA GLU G 8 22.99 22.44 -5.94
C GLU G 8 23.20 22.15 -4.46
N LEU G 9 24.46 21.91 -4.08
CA LEU G 9 24.84 21.62 -2.70
C LEU G 9 25.54 22.80 -2.07
N TYR G 10 24.99 23.30 -0.96
CA TYR G 10 25.51 24.44 -0.23
C TYR G 10 25.95 24.05 1.16
N LEU G 11 26.88 24.84 1.72
CA LEU G 11 27.17 24.80 3.14
C LEU G 11 26.49 25.97 3.85
N ASP G 12 26.01 25.69 5.06
CA ASP G 12 25.23 26.66 5.85
C ASP G 12 26.16 27.12 6.97
N THR G 13 26.89 28.20 6.74
CA THR G 13 28.03 28.55 7.61
C THR G 13 28.52 29.94 7.33
N SER G 14 29.21 30.52 8.31
CA SER G 14 30.00 31.74 8.07
C SER G 14 31.49 31.51 8.41
N ASP G 15 31.90 30.24 8.49
CA ASP G 15 33.25 29.85 8.93
C ASP G 15 34.15 29.79 7.70
N VAL G 16 34.85 30.90 7.45
CA VAL G 16 35.60 31.08 6.20
C VAL G 16 36.71 30.05 6.04
N VAL G 17 37.45 29.76 7.10
CA VAL G 17 38.51 28.75 7.07
C VAL G 17 37.94 27.37 6.71
N ALA G 18 36.82 27.00 7.32
CA ALA G 18 36.20 25.70 7.02
C ALA G 18 35.72 25.63 5.57
N VAL G 19 35.14 26.72 5.07
CA VAL G 19 34.64 26.74 3.70
C VAL G 19 35.81 26.51 2.75
N LYS G 20 36.92 27.19 2.99
CA LYS G 20 38.07 27.02 2.11
C LYS G 20 38.54 25.56 2.12
N ALA G 21 38.62 24.97 3.29
CA ALA G 21 39.06 23.57 3.40
C ALA G 21 38.07 22.62 2.73
N LEU G 22 36.79 22.83 2.98
CA LEU G 22 35.76 21.92 2.44
C LEU G 22 35.48 22.10 0.95
N SER G 23 35.77 23.27 0.39
CA SER G 23 35.50 23.53 -1.04
C SER G 23 36.37 22.65 -1.93
N ARG G 24 37.47 22.17 -1.39
CA ARG G 24 38.35 21.27 -2.06
C ARG G 24 37.82 19.81 -2.10
N ILE G 25 36.97 19.47 -1.14
CA ILE G 25 36.44 18.14 -0.97
C ILE G 25 35.06 18.03 -1.59
N PHE G 26 34.15 18.90 -1.18
CA PHE G 26 32.76 18.82 -1.64
C PHE G 26 32.59 19.53 -2.96
N PRO G 27 31.67 19.03 -3.80
CA PRO G 27 31.25 19.75 -5.00
C PRO G 27 30.22 20.83 -4.65
N LEU G 28 30.70 21.97 -4.16
CA LEU G 28 29.81 23.03 -3.67
C LEU G 28 29.33 23.98 -4.74
N ALA G 29 28.06 24.35 -4.64
CA ALA G 29 27.48 25.39 -5.46
C ALA G 29 27.66 26.75 -4.80
N GLY G 30 27.95 26.76 -3.49
CA GLY G 30 28.06 27.99 -2.73
C GLY G 30 27.86 27.83 -1.25
N VAL G 31 27.52 28.94 -0.60
CA VAL G 31 27.34 29.04 0.84
C VAL G 31 26.09 29.84 1.16
N THR G 32 25.32 29.37 2.14
CA THR G 32 24.16 30.10 2.63
C THR G 32 24.51 30.63 4.02
N THR G 33 24.01 31.82 4.32
CA THR G 33 24.10 32.37 5.63
C THR G 33 22.69 32.76 6.09
N ASN G 34 22.55 32.92 7.39
CA ASN G 34 21.33 33.50 7.97
C ASN G 34 21.75 34.40 9.14
N PRO G 35 20.80 35.11 9.75
CA PRO G 35 21.20 36.06 10.81
C PRO G 35 21.89 35.43 12.03
N SER G 36 21.47 34.23 12.42
CA SER G 36 22.09 33.53 13.54
C SER G 36 23.50 33.06 13.20
N ILE G 37 23.67 32.57 11.97
CA ILE G 37 24.98 32.11 11.51
C ILE G 37 25.95 33.28 11.44
N ILE G 38 25.49 34.39 10.89
CA ILE G 38 26.32 35.58 10.81
C ILE G 38 26.67 36.06 12.21
N ALA G 39 25.67 36.15 13.08
CA ALA G 39 25.91 36.58 14.46
C ALA G 39 26.93 35.68 15.17
N ALA G 40 26.82 34.37 14.98
CA ALA G 40 27.74 33.40 15.61
C ALA G 40 29.18 33.60 15.17
N GLY G 41 29.39 33.96 13.92
CA GLY G 41 30.72 34.22 13.40
C GLY G 41 31.31 35.57 13.80
N LYS G 42 30.44 36.49 14.23
CA LYS G 42 30.84 37.80 14.80
C LYS G 42 31.41 38.85 13.84
N LYS G 43 31.53 38.51 12.56
CA LYS G 43 32.04 39.46 11.57
C LYS G 43 30.86 40.08 10.85
N PRO G 44 30.93 41.40 10.58
CA PRO G 44 29.83 42.03 9.84
C PRO G 44 29.74 41.51 8.40
N LEU G 45 28.57 41.68 7.81
CA LEU G 45 28.33 41.25 6.46
C LEU G 45 29.34 41.75 5.45
N ASP G 46 29.72 43.03 5.54
CA ASP G 46 30.60 43.61 4.53
C ASP G 46 32.03 43.09 4.63
N VAL G 47 32.34 42.42 5.74
CA VAL G 47 33.60 41.68 5.89
C VAL G 47 33.46 40.21 5.47
N VAL G 48 32.50 39.52 6.08
CA VAL G 48 32.44 38.07 5.93
C VAL G 48 31.97 37.63 4.54
N LEU G 49 31.05 38.36 3.91
CA LEU G 49 30.54 37.89 2.62
C LEU G 49 31.64 37.88 1.56
N PRO G 50 32.44 38.96 1.44
CA PRO G 50 33.55 38.89 0.48
C PRO G 50 34.58 37.80 0.83
N GLN G 51 34.80 37.56 2.11
CA GLN G 51 35.72 36.48 2.52
C GLN G 51 35.19 35.11 2.12
N LEU G 52 33.89 34.89 2.30
CA LEU G 52 33.26 33.62 1.89
C LEU G 52 33.36 33.46 0.39
N HIS G 53 33.11 34.53 -0.35
CA HIS G 53 33.18 34.48 -1.79
C HIS G 53 34.57 34.06 -2.26
N GLU G 54 35.60 34.61 -1.61
CA GLU G 54 36.96 34.22 -1.96
C GLU G 54 37.31 32.84 -1.53
N ALA G 55 36.83 32.41 -0.36
CA ALA G 55 37.11 31.08 0.15
C ALA G 55 36.63 29.99 -0.82
N MET G 56 35.66 30.32 -1.67
CA MET G 56 35.22 29.40 -2.74
C MET G 56 35.85 29.70 -4.10
N GLY G 57 36.93 30.46 -4.11
CA GLY G 57 37.63 30.78 -5.35
C GLY G 57 36.82 31.60 -6.33
N GLY G 58 35.90 32.42 -5.82
CA GLY G 58 35.07 33.27 -6.68
C GLY G 58 34.03 32.56 -7.53
N GLN G 59 33.81 31.28 -7.32
CA GLN G 59 32.88 30.50 -8.13
C GLN G 59 31.52 30.25 -7.46
N GLY G 60 31.48 30.27 -6.13
CA GLY G 60 30.24 29.88 -5.45
C GLY G 60 29.18 30.96 -5.37
N ARG G 61 27.92 30.55 -5.37
CA ARG G 61 26.82 31.45 -5.10
C ARG G 61 26.67 31.72 -3.59
N LEU G 62 26.35 32.95 -3.23
CA LEU G 62 26.08 33.30 -1.83
C LEU G 62 24.62 33.70 -1.59
N PHE G 63 24.17 33.46 -0.36
CA PHE G 63 22.82 33.84 0.10
C PHE G 63 22.94 34.54 1.44
N ALA G 64 22.19 35.61 1.61
CA ALA G 64 22.10 36.26 2.93
C ALA G 64 20.73 36.88 3.11
N GLU G 65 20.39 37.11 4.37
CA GLU G 65 19.04 37.42 4.78
C GLU G 65 18.81 38.87 5.19
N VAL G 66 17.67 39.41 4.78
CA VAL G 66 17.22 40.74 5.24
C VAL G 66 16.81 40.70 6.71
N MET G 67 16.84 41.87 7.36
CA MET G 67 16.48 41.99 8.76
C MET G 67 15.24 42.85 9.04
N ALA G 68 14.90 43.75 8.13
CA ALA G 68 13.78 44.67 8.33
C ALA G 68 12.45 43.92 8.43
N THR G 69 11.46 44.57 9.06
CA THR G 69 10.16 43.97 9.27
C THR G 69 9.04 44.55 8.39
N THR G 70 9.32 45.58 7.60
CA THR G 70 8.38 46.06 6.60
C THR G 70 8.91 45.75 5.21
N ALA G 71 8.00 45.60 4.25
CA ALA G 71 8.39 45.23 2.91
C ALA G 71 9.40 46.24 2.32
N GLU G 72 9.13 47.52 2.54
CA GLU G 72 9.97 48.60 2.02
C GLU G 72 11.37 48.52 2.64
N GLY G 73 11.43 48.26 3.94
CA GLY G 73 12.70 48.05 4.62
C GLY G 73 13.47 46.83 4.11
N MET G 74 12.75 45.76 3.81
CA MET G 74 13.37 44.55 3.27
C MET G 74 13.95 44.77 1.90
N VAL G 75 13.27 45.56 1.07
CA VAL G 75 13.82 45.91 -0.24
C VAL G 75 15.11 46.73 -0.08
N ASN G 76 15.10 47.68 0.86
CA ASN G 76 16.32 48.45 1.13
C ASN G 76 17.46 47.54 1.61
N ASP G 77 17.16 46.58 2.48
CA ASP G 77 18.18 45.59 2.92
C ASP G 77 18.72 44.80 1.74
N ALA G 78 17.84 44.39 0.82
CA ALA G 78 18.26 43.67 -0.37
C ALA G 78 19.26 44.46 -1.21
N LEU G 79 18.99 45.76 -1.38
CA LEU G 79 19.89 46.63 -2.09
C LEU G 79 21.26 46.74 -1.39
N LYS G 80 21.26 46.83 -0.08
CA LYS G 80 22.51 46.83 0.69
C LYS G 80 23.28 45.54 0.48
N LEU G 81 22.58 44.40 0.55
CA LEU G 81 23.25 43.11 0.32
C LEU G 81 23.84 42.99 -1.07
N ARG G 82 23.10 43.42 -2.08
CA ARG G 82 23.57 43.38 -3.45
C ARG G 82 24.76 44.33 -3.70
N SER G 83 24.86 45.40 -2.93
CA SER G 83 26.02 46.29 -3.04
C SER G 83 27.29 45.63 -2.45
N ILE G 84 27.14 44.65 -1.55
CA ILE G 84 28.28 43.91 -1.02
C ILE G 84 28.70 42.79 -1.97
N ILE G 85 27.72 42.00 -2.44
CA ILE G 85 27.95 40.90 -3.37
C ILE G 85 26.94 41.04 -4.51
N ALA G 86 27.43 41.41 -5.69
CA ALA G 86 26.56 41.83 -6.80
C ALA G 86 25.51 40.82 -7.21
N ASP G 87 25.86 39.53 -7.17
CA ASP G 87 24.94 38.48 -7.60
C ASP G 87 24.35 37.67 -6.43
N ILE G 88 24.36 38.23 -5.23
CA ILE G 88 23.86 37.49 -4.05
C ILE G 88 22.35 37.20 -4.21
N VAL G 89 21.93 36.03 -3.71
CA VAL G 89 20.50 35.74 -3.57
C VAL G 89 20.04 36.22 -2.21
N VAL G 90 18.96 36.99 -2.21
CA VAL G 90 18.45 37.60 -1.00
C VAL G 90 17.38 36.73 -0.34
N LYS G 91 17.62 36.36 0.92
CA LYS G 91 16.67 35.56 1.69
C LYS G 91 15.69 36.47 2.41
N VAL G 92 14.41 36.18 2.24
CA VAL G 92 13.33 36.94 2.84
C VAL G 92 12.43 35.97 3.64
N PRO G 93 12.16 36.27 4.92
CA PRO G 93 11.29 35.37 5.68
C PRO G 93 9.87 35.41 5.12
N VAL G 94 9.22 34.26 5.04
CA VAL G 94 7.91 34.20 4.41
C VAL G 94 6.85 34.55 5.42
N THR G 95 6.71 35.85 5.64
CA THR G 95 5.67 36.47 6.45
C THR G 95 4.81 37.33 5.51
N ALA G 96 3.78 38.00 6.03
CA ALA G 96 2.96 38.86 5.18
C ALA G 96 3.85 39.95 4.52
N GLU G 97 4.64 40.67 5.30
CA GLU G 97 5.51 41.70 4.71
C GLU G 97 6.59 41.09 3.82
N GLY G 98 7.07 39.91 4.17
CA GLY G 98 8.02 39.18 3.34
C GLY G 98 7.49 38.84 1.96
N LEU G 99 6.26 38.37 1.89
CA LEU G 99 5.64 38.10 0.60
C LEU G 99 5.52 39.37 -0.24
N ALA G 100 5.10 40.45 0.40
CA ALA G 100 5.04 41.74 -0.29
C ALA G 100 6.42 42.13 -0.84
N ALA G 101 7.47 41.91 -0.04
CA ALA G 101 8.84 42.20 -0.48
C ALA G 101 9.32 41.33 -1.61
N ILE G 102 8.96 40.04 -1.56
CA ILE G 102 9.31 39.13 -2.62
C ILE G 102 8.70 39.61 -3.94
N LYS G 103 7.45 40.05 -3.92
CA LYS G 103 6.82 40.60 -5.14
C LYS G 103 7.56 41.82 -5.68
N MET G 104 7.93 42.72 -4.77
CA MET G 104 8.69 43.91 -5.17
C MET G 104 10.04 43.58 -5.74
N LEU G 105 10.72 42.61 -5.13
CA LEU G 105 12.05 42.23 -5.58
C LEU G 105 12.01 41.51 -6.94
N LYS G 106 10.94 40.76 -7.17
CA LYS G 106 10.70 40.15 -8.48
C LYS G 106 10.60 41.24 -9.54
N ALA G 107 9.84 42.28 -9.24
CA ALA G 107 9.69 43.40 -10.18
C ALA G 107 11.02 44.11 -10.45
N GLU G 108 11.91 44.15 -9.45
CA GLU G 108 13.24 44.74 -9.57
C GLU G 108 14.28 43.82 -10.18
N GLY G 109 13.93 42.54 -10.40
CA GLY G 109 14.85 41.58 -10.97
C GLY G 109 15.93 41.07 -10.01
N ILE G 110 15.69 41.16 -8.70
CA ILE G 110 16.66 40.66 -7.69
C ILE G 110 16.21 39.28 -7.22
N PRO G 111 17.06 38.25 -7.37
CA PRO G 111 16.63 36.89 -7.06
C PRO G 111 16.45 36.71 -5.55
N THR G 112 15.40 35.98 -5.17
CA THR G 112 15.09 35.79 -3.75
C THR G 112 14.92 34.34 -3.38
N LEU G 113 15.06 34.10 -2.09
CA LEU G 113 14.77 32.85 -1.49
C LEU G 113 13.77 33.15 -0.36
N GLY G 114 12.69 32.35 -0.29
CA GLY G 114 11.71 32.46 0.78
C GLY G 114 12.13 31.56 1.92
N THR G 115 12.48 32.15 3.06
CA THR G 115 13.01 31.39 4.17
C THR G 115 12.07 31.34 5.37
N ALA G 116 12.51 30.65 6.42
CA ALA G 116 11.71 30.42 7.62
C ALA G 116 10.37 29.79 7.27
N VAL G 117 10.43 28.83 6.36
CA VAL G 117 9.24 28.09 5.93
C VAL G 117 9.00 26.89 6.87
N TYR G 118 7.84 26.90 7.50
CA TYR G 118 7.42 25.85 8.42
C TYR G 118 6.21 25.05 7.89
N GLY G 119 5.70 25.44 6.72
CA GLY G 119 4.56 24.73 6.11
C GLY G 119 4.61 24.80 4.60
N ALA G 120 4.04 23.80 3.94
CA ALA G 120 4.15 23.68 2.49
C ALA G 120 3.40 24.78 1.75
N ALA G 121 2.19 25.11 2.18
CA ALA G 121 1.42 26.16 1.52
C ALA G 121 2.12 27.52 1.63
N GLN G 122 2.62 27.82 2.83
CA GLN G 122 3.42 29.01 3.06
C GLN G 122 4.57 29.08 2.06
N GLY G 123 5.30 27.98 1.92
CA GLY G 123 6.39 27.92 0.96
C GLY G 123 5.95 28.15 -0.48
N LEU G 124 4.83 27.52 -0.87
CA LEU G 124 4.33 27.72 -2.21
C LEU G 124 3.99 29.17 -2.48
N LEU G 125 3.36 29.84 -1.52
CA LEU G 125 3.03 31.25 -1.70
C LEU G 125 4.27 32.08 -2.04
N SER G 126 5.40 31.79 -1.39
CA SER G 126 6.63 32.54 -1.67
C SER G 126 7.11 32.32 -3.11
N ALA G 127 6.99 31.10 -3.62
CA ALA G 127 7.33 30.82 -5.02
C ALA G 127 6.37 31.49 -6.02
N LEU G 128 5.06 31.45 -5.72
CA LEU G 128 4.11 32.13 -6.56
C LEU G 128 4.37 33.64 -6.60
N ALA G 129 4.88 34.19 -5.51
CA ALA G 129 5.24 35.61 -5.45
C ALA G 129 6.52 35.97 -6.20
N GLY G 130 7.35 34.98 -6.52
CA GLY G 130 8.55 35.18 -7.30
C GLY G 130 9.84 34.59 -6.78
N ALA G 131 9.85 33.99 -5.59
CA ALA G 131 11.09 33.39 -5.07
C ALA G 131 11.57 32.25 -5.99
N GLU G 132 12.87 32.20 -6.20
CA GLU G 132 13.53 31.20 -7.00
C GLU G 132 13.81 29.95 -6.16
N TYR G 133 13.98 30.15 -4.86
CA TYR G 133 14.22 29.09 -3.90
C TYR G 133 13.27 29.23 -2.71
N VAL G 134 12.91 28.11 -2.10
CA VAL G 134 12.11 28.09 -0.89
C VAL G 134 12.79 27.18 0.12
N ALA G 135 13.05 27.70 1.32
CA ALA G 135 13.81 26.97 2.34
C ALA G 135 12.97 26.58 3.57
N PRO G 136 12.41 25.36 3.55
CA PRO G 136 11.81 24.84 4.77
C PRO G 136 12.86 24.56 5.83
N PHE G 137 12.51 24.79 7.10
CA PHE G 137 13.39 24.54 8.22
C PHE G 137 13.07 23.14 8.75
N VAL G 138 13.68 22.14 8.12
CA VAL G 138 13.36 20.75 8.35
C VAL G 138 13.45 20.37 9.83
N ASN G 139 14.59 20.61 10.45
CA ASN G 139 14.73 20.18 11.85
C ASN G 139 13.84 20.94 12.81
N ARG G 140 13.55 22.21 12.52
CA ARG G 140 12.64 23.00 13.36
C ARG G 140 11.25 22.39 13.36
N ILE G 141 10.78 22.01 12.18
CA ILE G 141 9.48 21.34 12.06
C ILE G 141 9.49 19.99 12.81
N ASP G 142 10.56 19.20 12.62
CA ASP G 142 10.77 17.92 13.34
C ASP G 142 10.80 18.13 14.86
N ALA G 143 11.52 19.15 15.30
CA ALA G 143 11.70 19.35 16.75
C ALA G 143 10.42 19.81 17.43
N GLN G 144 9.56 20.47 16.68
CA GLN G 144 8.35 21.06 17.20
C GLN G 144 7.12 20.17 16.97
N GLY G 145 7.34 18.87 16.80
CA GLY G 145 6.27 17.91 16.82
C GLY G 145 5.59 17.69 15.48
N GLY G 146 6.17 18.19 14.40
CA GLY G 146 5.64 17.95 13.08
C GLY G 146 6.44 16.88 12.34
N SER G 147 6.38 16.93 11.03
CA SER G 147 7.23 16.08 10.16
C SER G 147 7.90 16.95 9.12
N GLY G 148 9.18 17.22 9.36
CA GLY G 148 9.95 18.03 8.41
C GLY G 148 10.01 17.37 7.05
N ILE G 149 10.13 16.05 7.03
CA ILE G 149 10.21 15.35 5.76
C ILE G 149 8.87 15.40 5.00
N GLN G 150 7.74 15.24 5.69
CA GLN G 150 6.44 15.36 5.00
C GLN G 150 6.27 16.77 4.43
N THR G 151 6.66 17.79 5.20
CA THR G 151 6.58 19.15 4.73
C THR G 151 7.42 19.39 3.47
N VAL G 152 8.64 18.88 3.47
CA VAL G 152 9.50 18.99 2.31
C VAL G 152 8.93 18.25 1.11
N THR G 153 8.43 17.05 1.35
CA THR G 153 7.88 16.21 0.30
C THR G 153 6.71 16.95 -0.37
N ASP G 154 5.82 17.46 0.47
CA ASP G 154 4.64 18.20 0.04
C ASP G 154 5.04 19.48 -0.69
N LEU G 155 5.98 20.23 -0.13
CA LEU G 155 6.45 21.46 -0.76
C LEU G 155 7.05 21.22 -2.14
N HIS G 156 7.92 20.23 -2.27
CA HIS G 156 8.51 19.93 -3.58
C HIS G 156 7.44 19.60 -4.61
N GLN G 157 6.49 18.75 -4.23
CA GLN G 157 5.37 18.43 -5.12
C GLN G 157 4.58 19.68 -5.51
N LEU G 158 4.31 20.56 -4.54
CA LEU G 158 3.60 21.78 -4.83
C LEU G 158 4.37 22.68 -5.82
N LEU G 159 5.67 22.83 -5.64
CA LEU G 159 6.45 23.65 -6.57
C LEU G 159 6.43 23.05 -7.98
N LYS G 160 6.63 21.74 -8.07
CA LYS G 160 6.73 21.12 -9.38
C LYS G 160 5.41 21.20 -10.12
N MET G 161 4.28 21.14 -9.40
CA MET G 161 2.96 21.28 -10.03
C MET G 161 2.57 22.73 -10.33
N HIS G 162 2.83 23.62 -9.38
CA HIS G 162 2.19 24.95 -9.33
C HIS G 162 3.13 26.14 -9.55
N ALA G 163 4.43 25.96 -9.34
CA ALA G 163 5.42 27.05 -9.53
C ALA G 163 6.75 26.43 -9.97
N PRO G 164 6.76 25.85 -11.18
CA PRO G 164 7.85 24.95 -11.54
C PRO G 164 9.23 25.63 -11.75
N GLN G 165 9.27 26.95 -11.84
CA GLN G 165 10.55 27.67 -11.89
C GLN G 165 11.26 27.68 -10.52
N ALA G 166 10.55 27.37 -9.44
CA ALA G 166 11.12 27.47 -8.11
C ALA G 166 11.66 26.13 -7.64
N LYS G 167 12.67 26.18 -6.78
CA LYS G 167 13.32 25.00 -6.22
C LYS G 167 13.22 24.99 -4.71
N VAL G 168 13.13 23.81 -4.12
CA VAL G 168 13.29 23.68 -2.67
C VAL G 168 14.79 23.73 -2.36
N LEU G 169 15.15 24.55 -1.39
CA LEU G 169 16.49 24.55 -0.81
C LEU G 169 16.34 24.12 0.64
N ALA G 170 16.43 22.81 0.85
CA ALA G 170 16.16 22.27 2.19
C ALA G 170 17.25 22.66 3.16
N ALA G 171 16.85 23.02 4.39
CA ALA G 171 17.75 23.56 5.37
C ALA G 171 17.37 23.10 6.77
N SER G 172 18.29 23.31 7.71
CA SER G 172 18.09 23.05 9.15
C SER G 172 18.14 21.56 9.44
N PHE G 173 19.35 21.07 9.73
CA PHE G 173 19.60 19.66 9.86
C PHE G 173 20.43 19.33 11.09
N LYS G 174 20.05 18.25 11.76
CA LYS G 174 20.84 17.72 12.87
C LYS G 174 21.42 16.35 12.57
N THR G 175 20.94 15.69 11.53
CA THR G 175 21.44 14.37 11.18
C THR G 175 21.43 14.15 9.67
N PRO G 176 22.44 13.44 9.14
CA PRO G 176 22.47 13.09 7.73
C PRO G 176 21.18 12.46 7.20
N ARG G 177 20.49 11.66 8.02
CA ARG G 177 19.24 11.02 7.58
C ARG G 177 18.19 12.05 7.11
N GLN G 178 18.09 13.18 7.79
CA GLN G 178 17.17 14.23 7.39
C GLN G 178 17.53 14.75 6.00
N ALA G 179 18.83 14.95 5.75
CA ALA G 179 19.30 15.40 4.44
C ALA G 179 19.03 14.36 3.35
N LEU G 180 19.29 13.09 3.66
CA LEU G 180 19.02 12.00 2.71
C LEU G 180 17.53 11.98 2.34
N ASP G 181 16.67 12.10 3.34
CA ASP G 181 15.23 12.05 3.08
C ASP G 181 14.77 13.25 2.23
N CYS G 182 15.37 14.42 2.41
CA CYS G 182 15.07 15.56 1.56
C CYS G 182 15.49 15.32 0.12
N LEU G 183 16.69 14.74 -0.03
CA LEU G 183 17.20 14.42 -1.36
C LEU G 183 16.30 13.39 -2.05
N LEU G 184 15.86 12.39 -1.30
CA LEU G 184 14.95 11.36 -1.87
C LEU G 184 13.60 11.94 -2.25
N ALA G 185 13.16 12.99 -1.55
CA ALA G 185 11.91 13.67 -1.84
C ALA G 185 12.01 14.54 -3.12
N GLY G 186 13.21 14.73 -3.64
CA GLY G 186 13.41 15.41 -4.91
C GLY G 186 13.99 16.82 -4.82
N CYS G 187 14.37 17.29 -3.63
CA CYS G 187 14.80 18.68 -3.46
CA CYS G 187 14.78 18.69 -3.47
C CYS G 187 15.96 18.99 -4.38
N GLU G 188 15.85 20.07 -5.14
CA GLU G 188 16.84 20.39 -6.14
C GLU G 188 18.04 21.14 -5.57
N SER G 189 17.95 21.52 -4.29
CA SER G 189 19.08 22.12 -3.61
C SER G 189 18.96 21.86 -2.11
N ILE G 190 20.10 21.96 -1.43
CA ILE G 190 20.15 21.69 -0.02
C ILE G 190 21.33 22.44 0.57
N THR G 191 21.23 22.83 1.83
CA THR G 191 22.33 23.44 2.52
C THR G 191 22.58 22.76 3.86
N LEU G 192 23.83 22.37 4.06
CA LEU G 192 24.21 21.54 5.20
C LEU G 192 25.08 22.31 6.20
N PRO G 193 24.76 22.17 7.50
CA PRO G 193 25.72 22.66 8.49
C PRO G 193 26.98 21.81 8.43
N LEU G 194 28.06 22.35 8.96
CA LEU G 194 29.35 21.68 8.84
C LEU G 194 29.37 20.30 9.46
N ASP G 195 28.79 20.15 10.65
CA ASP G 195 28.86 18.86 11.33
C ASP G 195 28.16 17.75 10.54
N VAL G 196 26.99 18.05 10.00
CA VAL G 196 26.25 17.06 9.20
C VAL G 196 26.98 16.76 7.90
N ALA G 197 27.53 17.78 7.25
CA ALA G 197 28.34 17.58 6.03
C ALA G 197 29.52 16.65 6.28
N GLN G 198 30.23 16.85 7.39
CA GLN G 198 31.36 16.00 7.71
C GLN G 198 30.96 14.57 8.06
N GLN G 199 29.83 14.41 8.71
CA GLN G 199 29.30 13.06 8.98
C GLN G 199 28.98 12.32 7.68
N MET G 200 28.51 13.06 6.69
CA MET G 200 28.08 12.44 5.43
C MET G 200 29.24 11.87 4.62
N ILE G 201 30.48 12.19 4.99
CA ILE G 201 31.63 11.72 4.23
C ILE G 201 32.59 10.88 5.10
N SER G 202 32.21 10.58 6.33
CA SER G 202 33.06 9.82 7.23
C SER G 202 32.29 8.67 7.86
N TYR G 203 32.66 7.44 7.56
CA TYR G 203 31.94 6.24 8.00
C TYR G 203 32.91 5.17 8.48
N PRO G 204 32.70 4.63 9.69
CA PRO G 204 33.54 3.55 10.15
C PRO G 204 33.59 2.35 9.20
N ALA G 205 32.46 2.00 8.60
CA ALA G 205 32.40 0.83 7.73
C ALA G 205 33.20 1.07 6.44
N VAL G 206 33.22 2.31 5.95
CA VAL G 206 33.99 2.66 4.75
C VAL G 206 35.49 2.62 5.09
N ASP G 207 35.84 3.18 6.23
CA ASP G 207 37.25 3.15 6.67
C ASP G 207 37.74 1.72 6.81
N ALA G 208 36.89 0.84 7.33
CA ALA G 208 37.23 -0.56 7.48
C ALA G 208 37.40 -1.26 6.14
N ALA G 209 36.56 -0.93 5.16
CA ALA G 209 36.71 -1.49 3.81
C ALA G 209 38.05 -1.09 3.17
N VAL G 210 38.40 0.18 3.31
CA VAL G 210 39.65 0.67 2.76
C VAL G 210 40.84 0.01 3.48
N ALA G 211 40.74 -0.13 4.80
CA ALA G 211 41.81 -0.80 5.56
C ALA G 211 41.99 -2.24 5.15
N LYS G 212 40.88 -2.94 4.89
CA LYS G 212 40.97 -4.32 4.41
C LYS G 212 41.68 -4.39 3.05
N PHE G 213 41.33 -3.48 2.14
CA PHE G 213 42.03 -3.40 0.86
C PHE G 213 43.53 -3.23 1.05
N GLU G 214 43.89 -2.31 1.94
CA GLU G 214 45.32 -2.05 2.24
C GLU G 214 46.02 -3.28 2.83
N GLN G 215 45.37 -3.96 3.78
CA GLN G 215 45.94 -5.14 4.41
C GLN G 215 46.10 -6.27 3.41
N ASP G 216 45.11 -6.50 2.54
CA ASP G 216 45.23 -7.54 1.54
C ASP G 216 46.38 -7.24 0.56
N TRP G 217 46.50 -5.99 0.17
CA TRP G 217 47.54 -5.56 -0.75
C TRP G 217 48.93 -5.74 -0.12
N GLN G 218 49.05 -5.32 1.14
CA GLN G 218 50.29 -5.51 1.93
C GLN G 218 50.67 -6.99 2.01
N GLY G 219 49.68 -7.84 2.31
CA GLY G 219 49.90 -9.27 2.42
C GLY G 219 50.47 -9.86 1.13
N ALA G 220 50.02 -9.40 -0.02
CA ALA G 220 50.44 -9.95 -1.29
C ALA G 220 51.73 -9.33 -1.81
N PHE G 221 51.91 -8.03 -1.60
CA PHE G 221 52.95 -7.29 -2.30
C PHE G 221 53.98 -6.62 -1.41
N GLY G 222 53.80 -6.70 -0.09
CA GLY G 222 54.75 -6.13 0.86
C GLY G 222 54.75 -4.61 0.99
N ARG G 223 53.73 -3.93 0.44
CA ARG G 223 53.57 -2.49 0.63
C ARG G 223 52.08 -2.16 0.53
N THR G 224 51.71 -0.91 0.81
CA THR G 224 50.30 -0.50 0.70
C THR G 224 50.10 0.49 -0.45
N SER G 225 51.17 0.78 -1.18
CA SER G 225 51.12 1.70 -2.31
C SER G 225 51.06 0.91 -3.60
N ILE G 226 50.62 1.58 -4.65
CA ILE G 226 50.28 0.90 -5.89
C ILE G 226 51.51 0.30 -6.56
N HIS H 7 22.29 -1.67 -20.61
CA HIS H 7 22.84 -2.20 -19.33
C HIS H 7 24.26 -2.72 -19.59
N GLU H 8 25.18 -2.45 -18.67
CA GLU H 8 26.56 -2.95 -18.76
C GLU H 8 26.77 -4.01 -17.68
N LEU H 9 27.10 -5.22 -18.11
CA LEU H 9 27.37 -6.32 -17.23
C LEU H 9 28.88 -6.61 -17.15
N TYR H 10 29.41 -6.61 -15.93
CA TYR H 10 30.83 -6.86 -15.68
C TYR H 10 31.02 -8.10 -14.81
N LEU H 11 32.20 -8.71 -14.91
CA LEU H 11 32.67 -9.69 -13.94
C LEU H 11 33.68 -9.04 -12.99
N ASP H 12 33.59 -9.44 -11.74
CA ASP H 12 34.39 -8.87 -10.65
C ASP H 12 35.44 -9.94 -10.29
N THR H 13 36.59 -9.84 -10.92
CA THR H 13 37.57 -10.95 -10.88
C THR H 13 38.91 -10.55 -11.45
N SER H 14 39.97 -11.27 -11.06
CA SER H 14 41.27 -11.18 -11.71
C SER H 14 41.67 -12.54 -12.31
N ASP H 15 40.70 -13.46 -12.45
CA ASP H 15 40.93 -14.84 -12.88
C ASP H 15 40.86 -14.91 -14.40
N VAL H 16 42.02 -14.83 -15.04
CA VAL H 16 42.09 -14.64 -16.49
C VAL H 16 41.44 -15.83 -17.22
N VAL H 17 41.68 -17.06 -16.73
CA VAL H 17 41.12 -18.30 -17.32
C VAL H 17 39.60 -18.30 -17.28
N ALA H 18 39.05 -17.89 -16.14
CA ALA H 18 37.61 -17.79 -16.01
C ALA H 18 37.01 -16.68 -16.86
N VAL H 19 37.69 -15.54 -16.98
CA VAL H 19 37.22 -14.48 -17.86
C VAL H 19 37.14 -14.96 -19.31
N LYS H 20 38.19 -15.65 -19.76
CA LYS H 20 38.16 -16.17 -21.12
C LYS H 20 36.95 -17.03 -21.34
N ALA H 21 36.73 -17.96 -20.43
CA ALA H 21 35.71 -18.98 -20.61
C ALA H 21 34.33 -18.34 -20.56
N LEU H 22 34.15 -17.40 -19.63
CA LEU H 22 32.87 -16.74 -19.47
C LEU H 22 32.57 -15.63 -20.47
N SER H 23 33.59 -15.03 -21.11
CA SER H 23 33.34 -14.01 -22.14
C SER H 23 32.62 -14.56 -23.35
N ARG H 24 32.73 -15.85 -23.57
CA ARG H 24 32.08 -16.53 -24.68
C ARG H 24 30.58 -16.75 -24.40
N ILE H 25 30.23 -16.80 -23.12
CA ILE H 25 28.87 -17.13 -22.67
C ILE H 25 28.08 -15.86 -22.34
N PHE H 26 28.64 -15.03 -21.47
CA PHE H 26 27.97 -13.81 -21.06
C PHE H 26 28.20 -12.67 -22.05
N PRO H 27 27.22 -11.78 -22.20
CA PRO H 27 27.39 -10.54 -22.91
C PRO H 27 28.09 -9.50 -22.02
N LEU H 28 29.42 -9.60 -21.91
CA LEU H 28 30.18 -8.76 -20.97
C LEU H 28 30.55 -7.41 -21.54
N ALA H 29 30.43 -6.39 -20.72
CA ALA H 29 30.95 -5.07 -21.03
C ALA H 29 32.39 -4.93 -20.60
N GLY H 30 32.86 -5.82 -19.73
CA GLY H 30 34.22 -5.77 -19.21
C GLY H 30 34.42 -6.47 -17.89
N VAL H 31 35.47 -6.07 -17.19
CA VAL H 31 35.89 -6.66 -15.93
C VAL H 31 36.25 -5.57 -14.94
N THR H 32 35.82 -5.76 -13.70
CA THR H 32 36.20 -4.86 -12.61
C THR H 32 37.16 -5.58 -11.68
N THR H 33 38.13 -4.84 -11.15
CA THR H 33 39.01 -5.36 -10.15
C THR H 33 39.00 -4.41 -8.96
N ASN H 34 39.46 -4.93 -7.83
CA ASN H 34 39.71 -4.11 -6.65
C ASN H 34 40.96 -4.63 -5.98
N PRO H 35 41.45 -3.94 -4.93
CA PRO H 35 42.73 -4.34 -4.35
C PRO H 35 42.74 -5.74 -3.75
N SER H 36 41.63 -6.19 -3.16
CA SER H 36 41.54 -7.55 -2.64
C SER H 36 41.54 -8.59 -3.75
N ILE H 37 40.82 -8.32 -4.82
CA ILE H 37 40.77 -9.21 -5.97
C ILE H 37 42.15 -9.32 -6.62
N ILE H 38 42.84 -8.19 -6.80
CA ILE H 38 44.18 -8.21 -7.37
C ILE H 38 45.15 -8.94 -6.46
N ALA H 39 45.12 -8.62 -5.16
CA ALA H 39 45.96 -9.31 -4.18
C ALA H 39 45.74 -10.82 -4.17
N ALA H 40 44.49 -11.25 -4.24
CA ALA H 40 44.16 -12.68 -4.25
C ALA H 40 44.79 -13.40 -5.47
N GLY H 41 44.84 -12.72 -6.61
CA GLY H 41 45.38 -13.29 -7.84
C GLY H 41 46.91 -13.33 -7.85
N LYS H 42 47.54 -12.50 -7.00
CA LYS H 42 49.00 -12.46 -6.78
C LYS H 42 49.84 -11.91 -7.93
N LYS H 43 49.23 -11.49 -9.02
CA LYS H 43 49.96 -10.93 -10.13
C LYS H 43 49.89 -9.42 -10.01
N PRO H 44 51.01 -8.73 -10.28
CA PRO H 44 50.97 -7.28 -10.29
C PRO H 44 50.08 -6.69 -11.41
N LEU H 45 49.65 -5.45 -11.19
CA LEU H 45 48.75 -4.77 -12.11
C LEU H 45 49.27 -4.71 -13.54
N ASP H 46 50.57 -4.47 -13.71
CA ASP H 46 51.12 -4.34 -15.06
C ASP H 46 51.22 -5.67 -15.81
N VAL H 47 51.04 -6.78 -15.11
CA VAL H 47 50.88 -8.11 -15.71
C VAL H 47 49.40 -8.48 -15.92
N VAL H 48 48.60 -8.41 -14.85
CA VAL H 48 47.23 -8.93 -14.93
C VAL H 48 46.28 -8.05 -15.75
N LEU H 49 46.43 -6.74 -15.71
CA LEU H 49 45.47 -5.89 -16.45
C LEU H 49 45.54 -6.13 -17.97
N PRO H 50 46.76 -6.14 -18.55
CA PRO H 50 46.83 -6.50 -19.99
C PRO H 50 46.32 -7.91 -20.29
N GLN H 51 46.54 -8.86 -19.39
CA GLN H 51 46.00 -10.22 -19.59
C GLN H 51 44.48 -10.23 -19.60
N LEU H 52 43.88 -9.48 -18.67
CA LEU H 52 42.41 -9.42 -18.61
C LEU H 52 41.85 -8.75 -19.85
N HIS H 53 42.53 -7.71 -20.30
CA HIS H 53 42.12 -7.02 -21.52
C HIS H 53 42.13 -7.97 -22.73
N GLU H 54 43.19 -8.80 -22.83
CA GLU H 54 43.29 -9.81 -23.88
C GLU H 54 42.22 -10.89 -23.73
N ALA H 55 41.97 -11.34 -22.51
CA ALA H 55 41.01 -12.43 -22.24
C ALA H 55 39.59 -12.08 -22.70
N MET H 56 39.31 -10.78 -22.84
CA MET H 56 38.06 -10.30 -23.45
C MET H 56 38.18 -9.89 -24.90
N GLY H 57 39.23 -10.33 -25.57
CA GLY H 57 39.42 -10.02 -26.98
C GLY H 57 39.59 -8.55 -27.30
N GLY H 58 40.12 -7.79 -26.34
CA GLY H 58 40.38 -6.36 -26.54
C GLY H 58 39.15 -5.47 -26.59
N GLN H 59 37.98 -6.00 -26.27
CA GLN H 59 36.73 -5.26 -26.41
C GLN H 59 36.19 -4.75 -25.07
N GLY H 60 36.56 -5.39 -23.97
CA GLY H 60 35.95 -5.05 -22.68
C GLY H 60 36.57 -3.83 -22.01
N ARG H 61 35.74 -3.10 -21.25
CA ARG H 61 36.22 -2.04 -20.38
C ARG H 61 36.79 -2.59 -19.10
N LEU H 62 37.89 -2.00 -18.62
CA LEU H 62 38.51 -2.42 -17.36
C LEU H 62 38.38 -1.32 -16.31
N PHE H 63 38.36 -1.74 -15.06
CA PHE H 63 38.35 -0.86 -13.88
C PHE H 63 39.41 -1.35 -12.89
N ALA H 64 40.14 -0.41 -12.30
CA ALA H 64 41.06 -0.73 -11.23
C ALA H 64 41.17 0.43 -10.27
N GLU H 65 41.59 0.11 -9.07
CA GLU H 65 41.49 1.01 -7.92
C GLU H 65 42.82 1.62 -7.47
N VAL H 66 42.79 2.91 -7.13
CA VAL H 66 43.92 3.58 -6.49
C VAL H 66 44.18 3.07 -5.08
N MET H 67 45.40 3.23 -4.60
CA MET H 67 45.76 2.80 -3.24
C MET H 67 46.17 3.95 -2.30
N ALA H 68 46.59 5.07 -2.85
CA ALA H 68 47.05 6.21 -2.03
C ALA H 68 45.93 6.77 -1.16
N THR H 69 46.32 7.45 -0.07
CA THR H 69 45.38 8.00 0.88
C THR H 69 45.21 9.51 0.80
N THR H 70 46.02 10.20 0.00
CA THR H 70 45.85 11.62 -0.21
C THR H 70 45.38 11.84 -1.63
N ALA H 71 44.66 12.93 -1.86
CA ALA H 71 44.11 13.20 -3.16
C ALA H 71 45.18 13.27 -4.25
N GLU H 72 46.28 13.92 -3.93
CA GLU H 72 47.38 14.06 -4.85
C GLU H 72 47.99 12.67 -5.19
N GLY H 73 48.14 11.83 -4.19
CA GLY H 73 48.64 10.46 -4.39
C GLY H 73 47.69 9.64 -5.24
N MET H 74 46.40 9.84 -5.05
CA MET H 74 45.39 9.10 -5.81
C MET H 74 45.42 9.51 -7.27
N VAL H 75 45.62 10.80 -7.53
CA VAL H 75 45.78 11.27 -8.91
C VAL H 75 47.02 10.63 -9.55
N ASN H 76 48.12 10.57 -8.83
CA ASN H 76 49.30 9.90 -9.34
C ASN H 76 49.05 8.42 -9.63
N ASP H 77 48.35 7.74 -8.73
CA ASP H 77 47.96 6.34 -8.97
C ASP H 77 47.12 6.21 -10.23
N ALA H 78 46.19 7.13 -10.45
CA ALA H 78 45.34 7.13 -11.65
C ALA H 78 46.18 7.22 -12.91
N LEU H 79 47.21 8.08 -12.89
CA LEU H 79 48.12 8.21 -14.05
C LEU H 79 48.88 6.92 -14.30
N LYS H 80 49.32 6.26 -13.24
CA LYS H 80 49.99 4.96 -13.37
C LYS H 80 49.07 3.92 -13.98
N LEU H 81 47.83 3.86 -13.47
CA LEU H 81 46.85 2.92 -14.04
C LEU H 81 46.60 3.18 -15.51
N ARG H 82 46.44 4.44 -15.88
CA ARG H 82 46.17 4.81 -17.27
C ARG H 82 47.37 4.52 -18.18
N SER H 83 48.58 4.51 -17.63
CA SER H 83 49.76 4.14 -18.43
C SER H 83 49.78 2.63 -18.71
N ILE H 84 49.10 1.83 -17.89
CA ILE H 84 49.02 0.38 -18.14
C ILE H 84 47.90 0.09 -19.15
N ILE H 85 46.73 0.68 -18.93
CA ILE H 85 45.57 0.50 -19.81
C ILE H 85 45.02 1.88 -20.10
N ALA H 86 45.18 2.32 -21.34
CA ALA H 86 44.95 3.73 -21.70
C ALA H 86 43.54 4.23 -21.40
N ASP H 87 42.54 3.38 -21.55
CA ASP H 87 41.15 3.80 -21.36
C ASP H 87 40.54 3.23 -20.07
N ILE H 88 41.37 2.83 -19.13
CA ILE H 88 40.86 2.23 -17.89
C ILE H 88 40.02 3.26 -17.11
N VAL H 89 38.99 2.77 -16.43
CA VAL H 89 38.24 3.61 -15.49
C VAL H 89 38.86 3.43 -14.12
N VAL H 90 39.16 4.55 -13.48
CA VAL H 90 39.84 4.56 -12.20
C VAL H 90 38.85 4.58 -11.03
N LYS H 91 38.95 3.59 -10.17
CA LYS H 91 38.13 3.49 -8.99
C LYS H 91 38.78 4.23 -7.83
N VAL H 92 37.99 5.08 -7.21
CA VAL H 92 38.46 5.90 -6.08
C VAL H 92 37.51 5.67 -4.90
N PRO H 93 38.03 5.31 -3.72
CA PRO H 93 37.13 5.14 -2.58
C PRO H 93 36.49 6.46 -2.20
N VAL H 94 35.21 6.44 -1.85
CA VAL H 94 34.51 7.69 -1.57
C VAL H 94 34.70 8.09 -0.11
N THR H 95 35.87 8.68 0.14
CA THR H 95 36.29 9.25 1.40
C THR H 95 36.50 10.74 1.13
N ALA H 96 36.88 11.51 2.16
CA ALA H 96 37.13 12.94 1.95
C ALA H 96 38.20 13.17 0.89
N GLU H 97 39.34 12.50 1.03
CA GLU H 97 40.40 12.67 0.04
C GLU H 97 39.99 12.08 -1.31
N GLY H 98 39.24 11.00 -1.29
CA GLY H 98 38.71 10.45 -2.51
C GLY H 98 37.83 11.40 -3.30
N LEU H 99 36.95 12.09 -2.61
CA LEU H 99 36.13 13.09 -3.30
C LEU H 99 36.97 14.18 -3.91
N ALA H 100 37.98 14.62 -3.18
CA ALA H 100 38.89 15.66 -3.68
C ALA H 100 39.59 15.15 -4.95
N ALA H 101 40.00 13.88 -4.93
CA ALA H 101 40.65 13.26 -6.09
C ALA H 101 39.71 13.14 -7.27
N ILE H 102 38.45 12.79 -7.01
CA ILE H 102 37.45 12.68 -8.07
C ILE H 102 37.30 14.03 -8.78
N LYS H 103 37.27 15.11 -8.03
CA LYS H 103 37.17 16.43 -8.63
C LYS H 103 38.37 16.72 -9.51
N MET H 104 39.56 16.40 -9.01
CA MET H 104 40.79 16.63 -9.77
C MET H 104 40.84 15.79 -11.05
N LEU H 105 40.37 14.55 -10.95
CA LEU H 105 40.37 13.65 -12.10
C LEU H 105 39.35 14.07 -13.14
N LYS H 106 38.22 14.62 -12.69
CA LYS H 106 37.26 15.21 -13.60
C LYS H 106 37.91 16.33 -14.40
N ALA H 107 38.66 17.21 -13.71
CA ALA H 107 39.33 18.33 -14.38
C ALA H 107 40.38 17.85 -15.40
N GLU H 108 41.02 16.70 -15.12
CA GLU H 108 41.97 16.08 -16.01
C GLU H 108 41.34 15.23 -17.11
N GLY H 109 40.03 15.01 -17.07
CA GLY H 109 39.34 14.22 -18.10
C GLY H 109 39.54 12.72 -17.96
N ILE H 110 39.88 12.24 -16.76
CA ILE H 110 40.07 10.80 -16.55
C ILE H 110 38.79 10.24 -15.89
N PRO H 111 38.14 9.26 -16.52
CA PRO H 111 36.88 8.76 -15.98
C PRO H 111 37.09 8.01 -14.65
N THR H 112 36.16 8.23 -13.73
CA THR H 112 36.26 7.62 -12.41
C THR H 112 35.00 6.86 -12.00
N LEU H 113 35.20 5.97 -11.05
CA LEU H 113 34.14 5.28 -10.36
C LEU H 113 34.34 5.55 -8.88
N GLY H 114 33.28 5.94 -8.19
CA GLY H 114 33.31 6.12 -6.73
C GLY H 114 32.99 4.78 -6.07
N THR H 115 33.96 4.20 -5.36
CA THR H 115 33.78 2.89 -4.77
C THR H 115 33.75 2.90 -3.24
N ALA H 116 33.57 1.73 -2.67
CA ALA H 116 33.41 1.54 -1.21
C ALA H 116 32.25 2.40 -0.70
N VAL H 117 31.16 2.41 -1.44
CA VAL H 117 29.97 3.15 -1.07
C VAL H 117 29.07 2.28 -0.16
N TYR H 118 28.84 2.77 1.06
CA TYR H 118 28.00 2.11 2.03
C TYR H 118 26.72 2.92 2.33
N GLY H 119 26.55 4.06 1.70
CA GLY H 119 25.35 4.90 1.90
C GLY H 119 25.00 5.65 0.64
N ALA H 120 23.72 5.95 0.46
CA ALA H 120 23.26 6.60 -0.77
C ALA H 120 23.77 8.04 -0.93
N ALA H 121 23.75 8.83 0.15
CA ALA H 121 24.21 10.23 0.08
C ALA H 121 25.71 10.30 -0.24
N GLN H 122 26.47 9.41 0.39
CA GLN H 122 27.90 9.25 0.09
C GLN H 122 28.11 8.98 -1.41
N GLY H 123 27.36 8.04 -1.94
CA GLY H 123 27.40 7.75 -3.37
C GLY H 123 27.05 8.93 -4.25
N LEU H 124 25.98 9.64 -3.90
CA LEU H 124 25.60 10.80 -4.67
C LEU H 124 26.73 11.86 -4.70
N LEU H 125 27.38 12.08 -3.57
CA LEU H 125 28.44 13.08 -3.51
C LEU H 125 29.54 12.76 -4.53
N SER H 126 29.85 11.48 -4.70
CA SER H 126 30.89 11.08 -5.66
C SER H 126 30.48 11.40 -7.09
N ALA H 127 29.19 11.21 -7.41
CA ALA H 127 28.67 11.57 -8.73
C ALA H 127 28.66 13.06 -8.97
N LEU H 128 28.25 13.82 -7.96
CA LEU H 128 28.26 15.28 -8.07
C LEU H 128 29.67 15.80 -8.26
N ALA H 129 30.65 15.11 -7.70
CA ALA H 129 32.07 15.46 -7.86
C ALA H 129 32.64 15.12 -9.24
N GLY H 130 31.97 14.23 -9.99
CA GLY H 130 32.37 13.89 -11.34
C GLY H 130 32.39 12.40 -11.69
N ALA H 131 32.20 11.50 -10.74
CA ALA H 131 32.28 10.07 -11.03
C ALA H 131 31.18 9.67 -12.03
N GLU H 132 31.58 8.83 -12.99
CA GLU H 132 30.69 8.34 -14.03
C GLU H 132 29.91 7.13 -13.51
N TYR H 133 30.51 6.40 -12.56
CA TYR H 133 29.91 5.23 -11.94
C TYR H 133 30.03 5.35 -10.42
N VAL H 134 29.06 4.77 -9.71
CA VAL H 134 29.08 4.71 -8.26
C VAL H 134 28.80 3.27 -7.85
N ALA H 135 29.69 2.69 -7.05
CA ALA H 135 29.62 1.28 -6.68
C ALA H 135 29.31 1.05 -5.19
N PRO H 136 28.00 0.88 -4.87
CA PRO H 136 27.66 0.46 -3.51
C PRO H 136 28.08 -0.99 -3.28
N PHE H 137 28.51 -1.29 -2.07
CA PHE H 137 28.92 -2.65 -1.70
C PHE H 137 27.72 -3.36 -1.06
N VAL H 138 26.88 -3.92 -1.92
CA VAL H 138 25.57 -4.44 -1.53
C VAL H 138 25.64 -5.45 -0.40
N ASN H 139 26.45 -6.48 -0.57
CA ASN H 139 26.53 -7.50 0.44
C ASN H 139 27.15 -7.02 1.73
N ARG H 140 28.11 -6.11 1.64
CA ARG H 140 28.72 -5.56 2.87
C ARG H 140 27.66 -4.84 3.70
N ILE H 141 26.81 -4.06 3.03
CA ILE H 141 25.73 -3.35 3.72
C ILE H 141 24.75 -4.36 4.35
N ASP H 142 24.37 -5.36 3.57
CA ASP H 142 23.53 -6.50 4.05
C ASP H 142 24.14 -7.24 5.24
N ALA H 143 25.43 -7.55 5.15
CA ALA H 143 26.08 -8.34 6.20
C ALA H 143 26.22 -7.57 7.49
N GLN H 144 26.30 -6.25 7.38
CA GLN H 144 26.53 -5.39 8.54
C GLN H 144 25.23 -4.80 9.13
N GLY H 145 24.10 -5.45 8.85
CA GLY H 145 22.86 -5.13 9.52
C GLY H 145 22.00 -4.10 8.83
N GLY H 146 22.38 -3.70 7.62
CA GLY H 146 21.63 -2.70 6.88
C GLY H 146 20.74 -3.37 5.83
N SER H 147 20.38 -2.60 4.82
CA SER H 147 19.70 -3.12 3.64
C SER H 147 20.45 -2.65 2.42
N GLY H 148 21.23 -3.55 1.84
CA GLY H 148 21.93 -3.25 0.60
C GLY H 148 20.98 -2.86 -0.52
N ILE H 149 19.84 -3.55 -0.60
CA ILE H 149 18.89 -3.25 -1.66
C ILE H 149 18.24 -1.88 -1.48
N GLN H 150 17.90 -1.52 -0.24
CA GLN H 150 17.35 -0.16 -0.02
C GLN H 150 18.38 0.89 -0.39
N THR H 151 19.64 0.66 -0.02
CA THR H 151 20.70 1.61 -0.35
C THR H 151 20.87 1.79 -1.86
N VAL H 152 20.85 0.68 -2.60
CA VAL H 152 20.94 0.75 -4.06
C VAL H 152 19.73 1.44 -4.68
N THR H 153 18.54 1.10 -4.18
CA THR H 153 17.29 1.69 -4.66
C THR H 153 17.38 3.21 -4.50
N ASP H 154 17.75 3.63 -3.29
CA ASP H 154 17.87 5.05 -2.97
C ASP H 154 18.93 5.72 -3.84
N LEU H 155 20.09 5.08 -3.96
CA LEU H 155 21.19 5.64 -4.72
C LEU H 155 20.82 5.86 -6.18
N HIS H 156 20.19 4.85 -6.79
CA HIS H 156 19.78 4.99 -8.17
C HIS H 156 18.79 6.15 -8.36
N GLN H 157 17.82 6.25 -7.46
CA GLN H 157 16.88 7.38 -7.49
C GLN H 157 17.60 8.72 -7.37
N LEU H 158 18.55 8.80 -6.44
CA LEU H 158 19.32 10.03 -6.28
C LEU H 158 20.10 10.42 -7.54
N LEU H 159 20.78 9.44 -8.17
CA LEU H 159 21.52 9.75 -9.37
C LEU H 159 20.59 10.24 -10.46
N LYS H 160 19.48 9.54 -10.66
CA LYS H 160 18.60 9.90 -11.75
C LYS H 160 17.97 11.27 -11.56
N MET H 161 17.69 11.66 -10.31
CA MET H 161 17.18 13.00 -10.03
C MET H 161 18.26 14.09 -10.03
N HIS H 162 19.40 13.80 -9.42
CA HIS H 162 20.38 14.83 -9.05
C HIS H 162 21.72 14.82 -9.76
N ALA H 163 22.09 13.70 -10.38
CA ALA H 163 23.35 13.58 -11.15
C ALA H 163 23.15 12.60 -12.30
N PRO H 164 22.31 12.97 -13.26
CA PRO H 164 21.80 11.97 -14.20
C PRO H 164 22.83 11.41 -15.21
N GLN H 165 23.99 12.05 -15.31
CA GLN H 165 25.10 11.49 -16.10
C GLN H 165 25.74 10.26 -15.45
N ALA H 166 25.51 10.04 -14.15
CA ALA H 166 26.17 8.96 -13.44
C ALA H 166 25.29 7.72 -13.36
N LYS H 167 25.94 6.54 -13.27
CA LYS H 167 25.26 5.26 -13.21
C LYS H 167 25.66 4.53 -11.91
N VAL H 168 24.74 3.75 -11.38
CA VAL H 168 25.07 2.80 -10.34
C VAL H 168 25.76 1.59 -11.00
N LEU H 169 26.91 1.20 -10.45
CA LEU H 169 27.54 -0.08 -10.78
C LEU H 169 27.48 -0.93 -9.52
N ALA H 170 26.40 -1.69 -9.37
CA ALA H 170 26.19 -2.47 -8.16
C ALA H 170 27.21 -3.57 -8.03
N ALA H 171 27.72 -3.77 -6.82
CA ALA H 171 28.82 -4.68 -6.57
C ALA H 171 28.67 -5.35 -5.22
N SER H 172 29.46 -6.42 -5.01
CA SER H 172 29.52 -7.16 -3.76
C SER H 172 28.29 -8.03 -3.55
N PHE H 173 28.36 -9.28 -4.01
CA PHE H 173 27.23 -10.18 -4.06
C PHE H 173 27.59 -11.55 -3.55
N LYS H 174 26.70 -12.13 -2.76
CA LYS H 174 26.82 -13.54 -2.35
C LYS H 174 25.72 -14.42 -2.96
N THR H 175 24.67 -13.81 -3.49
CA THR H 175 23.55 -14.61 -4.05
C THR H 175 22.94 -13.88 -5.24
N PRO H 176 22.53 -14.64 -6.28
CA PRO H 176 21.82 -14.08 -7.42
C PRO H 176 20.64 -13.16 -7.05
N ARG H 177 19.93 -13.45 -5.97
CA ARG H 177 18.78 -12.64 -5.59
C ARG H 177 19.20 -11.18 -5.34
N GLN H 178 20.36 -10.97 -4.74
CA GLN H 178 20.83 -9.60 -4.53
C GLN H 178 21.02 -8.89 -5.86
N ALA H 179 21.60 -9.59 -6.84
CA ALA H 179 21.81 -9.01 -8.14
C ALA H 179 20.49 -8.70 -8.83
N LEU H 180 19.54 -9.64 -8.74
CA LEU H 180 18.23 -9.44 -9.34
C LEU H 180 17.58 -8.19 -8.77
N ASP H 181 17.64 -8.07 -7.45
CA ASP H 181 17.01 -6.92 -6.80
C ASP H 181 17.66 -5.59 -7.20
N CYS H 182 18.98 -5.59 -7.40
CA CYS H 182 19.65 -4.39 -7.93
C CYS H 182 19.19 -4.06 -9.33
N LEU H 183 19.09 -5.07 -10.18
CA LEU H 183 18.59 -4.88 -11.54
C LEU H 183 17.14 -4.34 -11.55
N LEU H 184 16.29 -4.89 -10.68
CA LEU H 184 14.90 -4.43 -10.59
C LEU H 184 14.80 -3.00 -10.03
N ALA H 185 15.77 -2.59 -9.24
CA ALA H 185 15.88 -1.18 -8.76
C ALA H 185 16.31 -0.20 -9.84
N GLY H 186 16.75 -0.70 -10.99
CA GLY H 186 17.12 0.14 -12.11
C GLY H 186 18.60 0.34 -12.40
N CYS H 187 19.48 -0.35 -11.69
CA CYS H 187 20.92 -0.12 -11.82
CA CYS H 187 20.93 -0.10 -11.82
C CYS H 187 21.35 -0.33 -13.26
N GLU H 188 22.07 0.64 -13.80
CA GLU H 188 22.43 0.60 -15.20
C GLU H 188 23.67 -0.24 -15.48
N SER H 189 24.34 -0.67 -14.42
CA SER H 189 25.49 -1.55 -14.53
C SER H 189 25.61 -2.39 -13.28
N ILE H 190 26.30 -3.52 -13.39
CA ILE H 190 26.46 -4.41 -12.29
C ILE H 190 27.75 -5.24 -12.53
N THR H 191 28.40 -5.64 -11.45
CA THR H 191 29.55 -6.51 -11.56
C THR H 191 29.39 -7.71 -10.64
N LEU H 192 29.53 -8.90 -11.22
CA LEU H 192 29.27 -10.14 -10.53
C LEU H 192 30.53 -10.92 -10.22
N PRO H 193 30.66 -11.44 -8.99
CA PRO H 193 31.72 -12.43 -8.78
C PRO H 193 31.39 -13.71 -9.53
N LEU H 194 32.40 -14.54 -9.73
CA LEU H 194 32.22 -15.69 -10.60
C LEU H 194 31.18 -16.68 -10.11
N ASP H 195 31.13 -16.95 -8.81
CA ASP H 195 30.19 -17.95 -8.28
C ASP H 195 28.75 -17.53 -8.50
N VAL H 196 28.45 -16.27 -8.26
CA VAL H 196 27.12 -15.74 -8.51
C VAL H 196 26.75 -15.73 -9.99
N ALA H 197 27.69 -15.32 -10.83
CA ALA H 197 27.46 -15.34 -12.29
C ALA H 197 27.12 -16.77 -12.77
N GLN H 198 27.85 -17.75 -12.26
CA GLN H 198 27.61 -19.14 -12.69
C GLN H 198 26.27 -19.67 -12.20
N GLN H 199 25.89 -19.28 -10.99
CA GLN H 199 24.57 -19.65 -10.47
C GLN H 199 23.44 -19.06 -11.30
N MET H 200 23.67 -17.87 -11.84
CA MET H 200 22.63 -17.17 -12.60
C MET H 200 22.34 -17.80 -13.96
N ILE H 201 23.19 -18.74 -14.40
CA ILE H 201 22.94 -19.42 -15.68
C ILE H 201 22.81 -20.93 -15.56
N SER H 202 22.76 -21.45 -14.34
CA SER H 202 22.64 -22.89 -14.14
C SER H 202 21.49 -23.21 -13.17
N TYR H 203 20.45 -23.88 -13.66
CA TYR H 203 19.26 -24.18 -12.90
C TYR H 203 18.81 -25.62 -13.13
N PRO H 204 18.61 -26.37 -12.05
CA PRO H 204 18.07 -27.73 -12.19
C PRO H 204 16.74 -27.81 -12.95
N ALA H 205 15.83 -26.87 -12.71
CA ALA H 205 14.55 -26.88 -13.39
C ALA H 205 14.71 -26.66 -14.89
N VAL H 206 15.67 -25.83 -15.29
CA VAL H 206 15.91 -25.55 -16.72
C VAL H 206 16.52 -26.80 -17.38
N ASP H 207 17.47 -27.40 -16.70
CA ASP H 207 18.07 -28.63 -17.21
C ASP H 207 17.01 -29.72 -17.38
N ALA H 208 16.09 -29.83 -16.42
CA ALA H 208 14.98 -30.80 -16.52
C ALA H 208 14.04 -30.51 -17.68
N ALA H 209 13.77 -29.23 -17.96
CA ALA H 209 12.95 -28.85 -19.11
C ALA H 209 13.61 -29.28 -20.42
N VAL H 210 14.92 -29.05 -20.52
CA VAL H 210 15.64 -29.40 -21.74
C VAL H 210 15.67 -30.93 -21.89
N ALA H 211 15.88 -31.65 -20.79
CA ALA H 211 15.89 -33.12 -20.83
C ALA H 211 14.53 -33.67 -21.28
N LYS H 212 13.43 -33.07 -20.81
CA LYS H 212 12.11 -33.48 -21.24
C LYS H 212 11.92 -33.27 -22.74
N PHE H 213 12.38 -32.14 -23.27
CA PHE H 213 12.35 -31.90 -24.70
C PHE H 213 13.10 -33.00 -25.46
N GLU H 214 14.27 -33.34 -24.98
CA GLU H 214 15.11 -34.38 -25.62
C GLU H 214 14.43 -35.75 -25.56
N GLN H 215 13.87 -36.10 -24.41
CA GLN H 215 13.15 -37.39 -24.27
C GLN H 215 11.92 -37.47 -25.16
N ASP H 216 11.15 -36.39 -25.25
CA ASP H 216 9.98 -36.39 -26.12
C ASP H 216 10.38 -36.52 -27.59
N TRP H 217 11.44 -35.82 -27.97
CA TRP H 217 11.94 -35.86 -29.34
C TRP H 217 12.41 -37.28 -29.68
N GLN H 218 13.18 -37.88 -28.78
CA GLN H 218 13.65 -39.26 -28.90
C GLN H 218 12.47 -40.22 -29.08
N GLY H 219 11.45 -40.06 -28.25
CA GLY H 219 10.27 -40.90 -28.30
C GLY H 219 9.59 -40.88 -29.64
N ALA H 220 9.56 -39.72 -30.28
CA ALA H 220 8.88 -39.57 -31.55
C ALA H 220 9.75 -39.90 -32.75
N PHE H 221 11.04 -39.58 -32.69
CA PHE H 221 11.88 -39.60 -33.88
C PHE H 221 13.08 -40.54 -33.80
N GLY H 222 13.29 -41.17 -32.65
CA GLY H 222 14.38 -42.11 -32.46
C GLY H 222 15.77 -41.53 -32.33
N ARG H 223 15.90 -40.22 -32.13
CA ARG H 223 17.19 -39.58 -31.88
C ARG H 223 16.95 -38.32 -31.06
N THR H 224 18.02 -37.69 -30.57
CA THR H 224 17.88 -36.43 -29.81
C THR H 224 18.40 -35.23 -30.59
N SER H 225 18.83 -35.46 -31.82
CA SER H 225 19.33 -34.39 -32.67
C SER H 225 18.25 -33.98 -33.65
N ILE H 226 18.42 -32.80 -34.20
CA ILE H 226 17.37 -32.18 -35.00
C ILE H 226 17.11 -32.94 -36.30
N HIS I 7 0.61 -5.69 -29.84
CA HIS I 7 0.72 -7.00 -29.15
C HIS I 7 0.70 -8.11 -30.22
N GLU I 8 1.52 -9.11 -30.04
CA GLU I 8 1.56 -10.26 -30.93
C GLU I 8 1.00 -11.49 -30.21
N LEU I 9 -0.09 -12.05 -30.75
CA LEU I 9 -0.72 -13.22 -30.21
C LEU I 9 -0.42 -14.46 -31.06
N TYR I 10 0.13 -15.48 -30.42
CA TYR I 10 0.51 -16.72 -31.07
C TYR I 10 -0.26 -17.88 -30.49
N LEU I 11 -0.38 -18.94 -31.30
CA LEU I 11 -0.80 -20.24 -30.81
C LEU I 11 0.41 -21.16 -30.66
N ASP I 12 0.39 -21.95 -29.62
CA ASP I 12 1.48 -22.84 -29.22
C ASP I 12 1.02 -24.26 -29.59
N THR I 13 1.35 -24.69 -30.80
CA THR I 13 0.75 -25.90 -31.35
C THR I 13 1.50 -26.35 -32.61
N SER I 14 1.33 -27.64 -32.94
CA SER I 14 1.71 -28.14 -34.29
C SER I 14 0.48 -28.75 -35.01
N ASP I 15 -0.72 -28.41 -34.53
CA ASP I 15 -1.97 -28.98 -35.06
C ASP I 15 -2.42 -28.10 -36.21
N VAL I 16 -2.04 -28.50 -37.42
CA VAL I 16 -2.26 -27.71 -38.61
C VAL I 16 -3.74 -27.43 -38.85
N VAL I 17 -4.57 -28.45 -38.71
CA VAL I 17 -6.01 -28.31 -38.94
C VAL I 17 -6.62 -27.28 -37.97
N ALA I 18 -6.21 -27.36 -36.71
CA ALA I 18 -6.70 -26.40 -35.69
C ALA I 18 -6.23 -24.98 -35.99
N VAL I 19 -4.98 -24.83 -36.43
CA VAL I 19 -4.47 -23.52 -36.78
C VAL I 19 -5.28 -22.91 -37.90
N LYS I 20 -5.57 -23.70 -38.93
CA LYS I 20 -6.36 -23.17 -40.04
C LYS I 20 -7.75 -22.72 -39.57
N ALA I 21 -8.40 -23.53 -38.75
CA ALA I 21 -9.74 -23.19 -38.21
C ALA I 21 -9.70 -21.95 -37.30
N LEU I 22 -8.71 -21.90 -36.41
CA LEU I 22 -8.62 -20.79 -35.47
C LEU I 22 -8.10 -19.49 -36.07
N SER I 23 -7.39 -19.54 -37.19
CA SER I 23 -6.85 -18.31 -37.78
C SER I 23 -7.94 -17.41 -38.33
N ARG I 24 -9.10 -17.99 -38.58
CA ARG I 24 -10.29 -17.28 -39.02
C ARG I 24 -10.99 -16.54 -37.87
N ILE I 25 -10.75 -16.99 -36.65
CA ILE I 25 -11.38 -16.45 -35.46
C ILE I 25 -10.43 -15.50 -34.72
N PHE I 26 -9.23 -15.98 -34.37
CA PHE I 26 -8.27 -15.16 -33.61
C PHE I 26 -7.45 -14.26 -34.51
N PRO I 27 -7.06 -13.09 -33.99
CA PRO I 27 -6.13 -12.22 -34.69
C PRO I 27 -4.68 -12.66 -34.40
N LEU I 28 -4.23 -13.68 -35.13
CA LEU I 28 -2.93 -14.32 -34.87
C LEU I 28 -1.76 -13.65 -35.56
N ALA I 29 -0.66 -13.56 -34.84
CA ALA I 29 0.61 -13.11 -35.40
C ALA I 29 1.41 -14.28 -35.96
N GLY I 30 1.03 -15.49 -35.56
CA GLY I 30 1.76 -16.68 -35.95
C GLY I 30 1.56 -17.88 -35.02
N VAL I 31 2.53 -18.80 -35.08
CA VAL I 31 2.52 -20.02 -34.34
C VAL I 31 3.91 -20.31 -33.77
N THR I 32 3.94 -20.77 -32.52
CA THR I 32 5.19 -21.19 -31.88
C THR I 32 5.15 -22.68 -31.73
N THR I 33 6.30 -23.31 -31.90
CA THR I 33 6.45 -24.72 -31.63
C THR I 33 7.61 -24.93 -30.68
N ASN I 34 7.66 -26.08 -30.06
CA ASN I 34 8.79 -26.53 -29.27
C ASN I 34 8.97 -28.03 -29.50
N PRO I 35 10.05 -28.62 -28.96
CA PRO I 35 10.31 -30.03 -29.30
C PRO I 35 9.22 -31.00 -28.86
N SER I 36 8.60 -30.75 -27.70
CA SER I 36 7.50 -31.60 -27.25
C SER I 36 6.26 -31.46 -28.14
N ILE I 37 5.95 -30.22 -28.54
CA ILE I 37 4.82 -29.95 -29.40
C ILE I 37 5.03 -30.62 -30.77
N ILE I 38 6.23 -30.48 -31.32
CA ILE I 38 6.55 -31.14 -32.60
C ILE I 38 6.47 -32.67 -32.46
N ALA I 39 7.08 -33.21 -31.41
CA ALA I 39 7.03 -34.65 -31.16
C ALA I 39 5.57 -35.16 -31.06
N ALA I 40 4.72 -34.42 -30.36
CA ALA I 40 3.32 -34.81 -30.17
C ALA I 40 2.56 -34.88 -31.50
N GLY I 41 2.90 -34.01 -32.42
CA GLY I 41 2.27 -34.00 -33.73
C GLY I 41 2.79 -35.08 -34.69
N LYS I 42 3.98 -35.62 -34.40
CA LYS I 42 4.58 -36.75 -35.12
C LYS I 42 5.06 -36.48 -36.54
N LYS I 43 4.92 -35.27 -37.04
CA LYS I 43 5.40 -34.92 -38.35
C LYS I 43 6.76 -34.23 -38.22
N PRO I 44 7.70 -34.54 -39.12
CA PRO I 44 9.01 -33.89 -39.03
C PRO I 44 8.93 -32.42 -39.35
N LEU I 45 9.93 -31.67 -38.91
CA LEU I 45 9.98 -30.23 -39.12
C LEU I 45 9.85 -29.79 -40.55
N ASP I 46 10.50 -30.51 -41.47
CA ASP I 46 10.43 -30.10 -42.87
C ASP I 46 9.06 -30.32 -43.52
N VAL I 47 8.20 -31.09 -42.86
CA VAL I 47 6.82 -31.24 -43.28
C VAL I 47 5.90 -30.25 -42.56
N VAL I 48 5.95 -30.25 -41.22
CA VAL I 48 4.97 -29.50 -40.45
C VAL I 48 5.18 -28.00 -40.49
N LEU I 49 6.42 -27.52 -40.55
CA LEU I 49 6.61 -26.06 -40.57
C LEU I 49 6.02 -25.40 -41.82
N PRO I 50 6.31 -25.93 -43.03
CA PRO I 50 5.61 -25.40 -44.19
C PRO I 50 4.08 -25.51 -44.13
N GLN I 51 3.55 -26.60 -43.57
CA GLN I 51 2.10 -26.74 -43.43
C GLN I 51 1.51 -25.68 -42.48
N LEU I 52 2.20 -25.43 -41.38
CA LEU I 52 1.76 -24.38 -40.44
C LEU I 52 1.81 -23.01 -41.08
N HIS I 53 2.86 -22.75 -41.84
CA HIS I 53 2.97 -21.50 -42.56
C HIS I 53 1.79 -21.29 -43.50
N GLU I 54 1.40 -22.34 -44.21
CA GLU I 54 0.25 -22.22 -45.11
C GLU I 54 -1.04 -22.10 -44.38
N ALA I 55 -1.19 -22.83 -43.28
CA ALA I 55 -2.44 -22.82 -42.53
C ALA I 55 -2.78 -21.40 -42.02
N MET I 56 -1.76 -20.52 -41.95
CA MET I 56 -1.99 -19.10 -41.66
C MET I 56 -1.99 -18.20 -42.89
N GLY I 57 -2.15 -18.79 -44.07
CA GLY I 57 -2.19 -18.03 -45.31
C GLY I 57 -0.90 -17.30 -45.64
N GLY I 58 0.23 -17.83 -45.18
CA GLY I 58 1.54 -17.25 -45.49
C GLY I 58 1.86 -15.95 -44.78
N GLN I 59 1.04 -15.55 -43.80
CA GLN I 59 1.20 -14.26 -43.15
C GLN I 59 1.80 -14.37 -41.76
N GLY I 60 1.67 -15.52 -41.12
CA GLY I 60 2.12 -15.64 -39.74
C GLY I 60 3.60 -15.88 -39.58
N ARG I 61 4.17 -15.38 -38.46
CA ARG I 61 5.55 -15.67 -38.05
C ARG I 61 5.60 -17.04 -37.40
N LEU I 62 6.67 -17.80 -37.66
CA LEU I 62 6.89 -19.10 -37.04
C LEU I 62 8.10 -19.09 -36.14
N PHE I 63 8.05 -19.94 -35.12
CA PHE I 63 9.16 -20.17 -34.20
C PHE I 63 9.39 -21.67 -34.04
N ALA I 64 10.67 -22.08 -34.00
CA ALA I 64 11.02 -23.46 -33.72
C ALA I 64 12.37 -23.55 -33.02
N GLU I 65 12.58 -24.65 -32.33
CA GLU I 65 13.64 -24.79 -31.34
C GLU I 65 14.77 -25.70 -31.79
N VAL I 66 15.99 -25.27 -31.51
CA VAL I 66 17.18 -26.10 -31.70
C VAL I 66 17.22 -27.28 -30.71
N MET I 67 17.94 -28.33 -31.07
CA MET I 67 18.07 -29.52 -30.22
C MET I 67 19.49 -29.77 -29.70
N ALA I 68 20.50 -29.26 -30.39
CA ALA I 68 21.90 -29.52 -30.02
C ALA I 68 22.24 -28.94 -28.64
N THR I 69 23.27 -29.51 -28.01
CA THR I 69 23.67 -29.10 -26.66
C THR I 69 24.96 -28.25 -26.61
N THR I 70 25.64 -28.08 -27.73
CA THR I 70 26.79 -27.18 -27.80
C THR I 70 26.41 -25.99 -28.64
N ALA I 71 27.05 -24.86 -28.38
CA ALA I 71 26.72 -23.63 -29.09
C ALA I 71 26.88 -23.80 -30.61
N GLU I 72 27.95 -24.47 -30.99
CA GLU I 72 28.25 -24.68 -32.42
C GLU I 72 27.14 -25.56 -33.06
N GLY I 73 26.71 -26.59 -32.36
CA GLY I 73 25.62 -27.45 -32.81
C GLY I 73 24.31 -26.70 -32.93
N MET I 74 24.07 -25.78 -31.99
CA MET I 74 22.85 -24.99 -32.01
C MET I 74 22.82 -24.05 -33.19
N VAL I 75 23.98 -23.47 -33.54
CA VAL I 75 24.07 -22.60 -34.70
C VAL I 75 23.78 -23.42 -35.97
N ASN I 76 24.35 -24.61 -36.05
CA ASN I 76 24.03 -25.50 -37.19
C ASN I 76 22.53 -25.87 -37.28
N ASP I 77 21.91 -26.16 -36.13
CA ASP I 77 20.45 -26.38 -36.08
C ASP I 77 19.68 -25.15 -36.60
N ALA I 78 20.12 -23.95 -36.20
CA ALA I 78 19.47 -22.71 -36.64
C ALA I 78 19.50 -22.59 -38.15
N LEU I 79 20.65 -22.93 -38.75
CA LEU I 79 20.78 -22.88 -40.20
C LEU I 79 19.83 -23.88 -40.86
N LYS I 80 19.70 -25.06 -40.30
CA LYS I 80 18.74 -26.07 -40.81
C LYS I 80 17.30 -25.55 -40.73
N LEU I 81 16.94 -24.98 -39.59
CA LEU I 81 15.61 -24.38 -39.46
C LEU I 81 15.35 -23.27 -40.47
N ARG I 82 16.32 -22.38 -40.68
CA ARG I 82 16.16 -21.28 -41.62
C ARG I 82 16.11 -21.76 -43.07
N SER I 83 16.67 -22.92 -43.36
CA SER I 83 16.56 -23.50 -44.72
C SER I 83 15.15 -24.06 -44.97
N ILE I 84 14.40 -24.38 -43.90
CA ILE I 84 13.00 -24.82 -44.04
C ILE I 84 12.06 -23.63 -44.16
N ILE I 85 12.22 -22.65 -43.27
CA ILE I 85 11.42 -21.43 -43.29
C ILE I 85 12.39 -20.26 -43.20
N ALA I 86 12.49 -19.49 -44.28
CA ALA I 86 13.54 -18.48 -44.44
C ALA I 86 13.55 -17.41 -43.36
N ASP I 87 12.38 -17.03 -42.86
CA ASP I 87 12.29 -15.98 -41.85
C ASP I 87 11.90 -16.49 -40.45
N ILE I 88 12.11 -17.76 -40.19
CA ILE I 88 11.74 -18.34 -38.92
C ILE I 88 12.57 -17.72 -37.78
N VAL I 89 11.95 -17.59 -36.61
CA VAL I 89 12.67 -17.20 -35.40
C VAL I 89 13.11 -18.46 -34.68
N VAL I 90 14.40 -18.51 -34.34
CA VAL I 90 14.99 -19.68 -33.76
C VAL I 90 14.99 -19.60 -32.24
N LYS I 91 14.40 -20.61 -31.62
CA LYS I 91 14.33 -20.70 -30.17
C LYS I 91 15.53 -21.44 -29.63
N VAL I 92 16.18 -20.85 -28.64
CA VAL I 92 17.39 -21.41 -28.04
C VAL I 92 17.16 -21.46 -26.53
N PRO I 93 17.39 -22.62 -25.90
CA PRO I 93 17.19 -22.69 -24.45
C PRO I 93 18.24 -21.84 -23.76
N VAL I 94 17.86 -21.11 -22.72
CA VAL I 94 18.79 -20.20 -22.08
C VAL I 94 19.60 -20.94 -21.03
N THR I 95 20.60 -21.65 -21.57
CA THR I 95 21.61 -22.36 -20.79
C THR I 95 22.95 -21.69 -21.10
N ALA I 96 24.03 -22.13 -20.49
CA ALA I 96 25.34 -21.55 -20.80
C ALA I 96 25.65 -21.64 -22.30
N GLU I 97 25.52 -22.81 -22.88
CA GLU I 97 25.80 -22.97 -24.31
C GLU I 97 24.76 -22.22 -25.15
N GLY I 98 23.52 -22.19 -24.67
CA GLY I 98 22.49 -21.41 -25.35
C GLY I 98 22.80 -19.94 -25.45
N LEU I 99 23.28 -19.34 -24.35
CA LEU I 99 23.67 -17.94 -24.40
C LEU I 99 24.79 -17.71 -25.41
N ALA I 100 25.78 -18.60 -25.41
CA ALA I 100 26.87 -18.52 -26.37
C ALA I 100 26.34 -18.57 -27.79
N ALA I 101 25.36 -19.46 -28.03
CA ALA I 101 24.72 -19.56 -29.34
C ALA I 101 23.94 -18.34 -29.74
N ILE I 102 23.22 -17.75 -28.77
CA ILE I 102 22.48 -16.52 -29.03
C ILE I 102 23.44 -15.42 -29.47
N LYS I 103 24.59 -15.30 -28.83
CA LYS I 103 25.57 -14.30 -29.27
C LYS I 103 26.04 -14.55 -30.69
N MET I 104 26.34 -15.81 -31.00
CA MET I 104 26.78 -16.17 -32.37
C MET I 104 25.71 -15.89 -33.41
N LEU I 105 24.47 -16.19 -33.06
CA LEU I 105 23.35 -15.96 -34.00
C LEU I 105 23.08 -14.48 -34.21
N LYS I 106 23.27 -13.67 -33.17
CA LYS I 106 23.20 -12.22 -33.29
C LYS I 106 24.21 -11.72 -34.32
N ALA I 107 25.44 -12.23 -34.24
CA ALA I 107 26.51 -11.85 -35.17
C ALA I 107 26.19 -12.28 -36.61
N GLU I 108 25.48 -13.40 -36.76
CA GLU I 108 25.01 -13.88 -38.06
C GLU I 108 23.71 -13.25 -38.55
N GLY I 109 23.06 -12.44 -37.73
CA GLY I 109 21.83 -11.76 -38.14
C GLY I 109 20.59 -12.65 -38.16
N ILE I 110 20.61 -13.76 -37.41
CA ILE I 110 19.47 -14.65 -37.34
C ILE I 110 18.68 -14.36 -36.04
N PRO I 111 17.39 -14.02 -36.15
CA PRO I 111 16.62 -13.63 -34.95
C PRO I 111 16.38 -14.81 -34.04
N THR I 112 16.48 -14.57 -32.74
CA THR I 112 16.35 -15.62 -31.76
C THR I 112 15.36 -15.31 -30.65
N LEU I 113 14.90 -16.37 -30.02
CA LEU I 113 14.09 -16.32 -28.83
C LEU I 113 14.78 -17.15 -27.79
N GLY I 114 14.92 -16.60 -26.59
CA GLY I 114 15.49 -17.31 -25.49
C GLY I 114 14.39 -18.05 -24.75
N THR I 115 14.44 -19.38 -24.74
CA THR I 115 13.36 -20.17 -24.17
C THR I 115 13.78 -20.95 -22.94
N ALA I 116 12.84 -21.69 -22.37
CA ALA I 116 13.01 -22.41 -21.13
C ALA I 116 13.51 -21.48 -20.02
N VAL I 117 12.90 -20.30 -19.96
CA VAL I 117 13.23 -19.33 -18.93
C VAL I 117 12.39 -19.59 -17.68
N TYR I 118 13.08 -19.83 -16.58
CA TYR I 118 12.47 -20.04 -15.29
C TYR I 118 12.76 -18.93 -14.26
N GLY I 119 13.53 -17.93 -14.67
CA GLY I 119 13.90 -16.82 -13.79
C GLY I 119 14.13 -15.54 -14.58
N ALA I 120 13.87 -14.39 -13.96
CA ALA I 120 13.93 -13.13 -14.64
C ALA I 120 15.34 -12.75 -15.09
N ALA I 121 16.34 -12.95 -14.23
CA ALA I 121 17.71 -12.59 -14.57
C ALA I 121 18.21 -13.44 -15.75
N GLN I 122 17.89 -14.72 -15.69
CA GLN I 122 18.21 -15.65 -16.79
C GLN I 122 17.64 -15.12 -18.09
N GLY I 123 16.38 -14.72 -18.07
CA GLY I 123 15.75 -14.16 -19.24
C GLY I 123 16.41 -12.91 -19.72
N LEU I 124 16.73 -12.00 -18.80
CA LEU I 124 17.40 -10.77 -19.20
C LEU I 124 18.74 -11.07 -19.89
N LEU I 125 19.49 -12.03 -19.38
CA LEU I 125 20.78 -12.36 -19.99
C LEU I 125 20.63 -12.75 -21.46
N SER I 126 19.57 -13.50 -21.78
CA SER I 126 19.32 -13.89 -23.16
C SER I 126 19.05 -12.69 -24.04
N ALA I 127 18.32 -11.69 -23.54
CA ALA I 127 18.09 -10.46 -24.29
C ALA I 127 19.35 -9.63 -24.45
N LEU I 128 20.13 -9.52 -23.39
CA LEU I 128 21.41 -8.79 -23.50
C LEU I 128 22.33 -9.45 -24.53
N ALA I 129 22.22 -10.75 -24.67
CA ALA I 129 23.03 -11.53 -25.62
C ALA I 129 22.55 -11.38 -27.05
N GLY I 130 21.32 -10.91 -27.24
CA GLY I 130 20.80 -10.59 -28.57
C GLY I 130 19.39 -11.10 -28.88
N ALA I 131 18.78 -11.90 -28.00
CA ALA I 131 17.44 -12.44 -28.28
C ALA I 131 16.42 -11.33 -28.43
N GLU I 132 15.57 -11.46 -29.43
CA GLU I 132 14.48 -10.51 -29.72
C GLU I 132 13.27 -10.79 -28.83
N TYR I 133 13.14 -12.04 -28.41
CA TYR I 133 12.05 -12.50 -27.55
C TYR I 133 12.62 -13.34 -26.43
N VAL I 134 11.95 -13.30 -25.28
CA VAL I 134 12.28 -14.13 -24.14
C VAL I 134 11.00 -14.81 -23.64
N ALA I 135 11.04 -16.14 -23.55
CA ALA I 135 9.86 -16.94 -23.20
C ALA I 135 9.96 -17.61 -21.83
N PRO I 136 9.43 -16.96 -20.78
CA PRO I 136 9.30 -17.63 -19.50
C PRO I 136 8.22 -18.73 -19.55
N PHE I 137 8.44 -19.83 -18.83
CA PHE I 137 7.51 -20.94 -18.78
C PHE I 137 6.64 -20.74 -17.54
N VAL I 138 5.58 -19.95 -17.72
CA VAL I 138 4.76 -19.47 -16.61
C VAL I 138 4.21 -20.58 -15.76
N ASN I 139 3.54 -21.56 -16.38
CA ASN I 139 2.96 -22.62 -15.59
C ASN I 139 3.98 -23.54 -14.93
N ARG I 140 5.11 -23.75 -15.59
CA ARG I 140 6.18 -24.56 -14.98
C ARG I 140 6.65 -23.93 -13.69
N ILE I 141 6.85 -22.62 -13.73
CA ILE I 141 7.30 -21.90 -12.53
C ILE I 141 6.22 -22.00 -11.43
N ASP I 142 4.96 -21.77 -11.81
CA ASP I 142 3.80 -21.95 -10.90
C ASP I 142 3.69 -23.36 -10.32
N ALA I 143 3.89 -24.38 -11.16
CA ALA I 143 3.69 -25.74 -10.72
C ALA I 143 4.80 -26.17 -9.78
N GLN I 144 5.96 -25.54 -9.91
CA GLN I 144 7.15 -25.93 -9.13
C GLN I 144 7.37 -25.06 -7.89
N GLY I 145 6.30 -24.40 -7.42
CA GLY I 145 6.32 -23.75 -6.14
C GLY I 145 6.78 -22.31 -6.19
N GLY I 146 6.91 -21.74 -7.38
CA GLY I 146 7.29 -20.33 -7.52
C GLY I 146 6.08 -19.46 -7.84
N SER I 147 6.34 -18.33 -8.45
CA SER I 147 5.29 -17.45 -8.96
C SER I 147 5.62 -17.09 -10.40
N GLY I 148 4.92 -17.75 -11.34
CA GLY I 148 5.10 -17.46 -12.75
C GLY I 148 4.78 -16.01 -13.07
N ILE I 149 3.76 -15.47 -12.43
CA ILE I 149 3.36 -14.09 -12.69
C ILE I 149 4.38 -13.09 -12.15
N GLN I 150 4.93 -13.35 -10.96
CA GLN I 150 5.99 -12.46 -10.46
C GLN I 150 7.22 -12.50 -11.39
N THR I 151 7.59 -13.70 -11.85
CA THR I 151 8.71 -13.82 -12.77
C THR I 151 8.49 -13.06 -14.07
N VAL I 152 7.30 -13.16 -14.64
CA VAL I 152 6.97 -12.45 -15.86
C VAL I 152 6.98 -10.93 -15.63
N THR I 153 6.40 -10.50 -14.50
CA THR I 153 6.32 -9.09 -14.15
C THR I 153 7.75 -8.51 -14.05
N ASP I 154 8.60 -9.21 -13.32
CA ASP I 154 10.00 -8.83 -13.15
C ASP I 154 10.72 -8.82 -14.49
N LEU I 155 10.54 -9.87 -15.29
CA LEU I 155 11.23 -9.97 -16.57
C LEU I 155 10.87 -8.84 -17.49
N HIS I 156 9.59 -8.55 -17.62
CA HIS I 156 9.17 -7.46 -18.47
C HIS I 156 9.80 -6.13 -18.02
N GLN I 157 9.78 -5.87 -16.72
CA GLN I 157 10.42 -4.65 -16.20
C GLN I 157 11.91 -4.63 -16.54
N LEU I 158 12.58 -5.76 -16.38
CA LEU I 158 14.00 -5.84 -16.70
C LEU I 158 14.27 -5.56 -18.18
N LEU I 159 13.46 -6.14 -19.07
CA LEU I 159 13.67 -5.87 -20.50
C LEU I 159 13.44 -4.40 -20.83
N LYS I 160 12.38 -3.82 -20.30
CA LYS I 160 12.07 -2.45 -20.64
C LYS I 160 13.12 -1.47 -20.11
N MET I 161 13.74 -1.76 -18.97
CA MET I 161 14.83 -0.93 -18.46
C MET I 161 16.16 -1.18 -19.13
N HIS I 162 16.51 -2.45 -19.32
CA HIS I 162 17.87 -2.86 -19.59
C HIS I 162 18.14 -3.43 -21.00
N ALA I 163 17.10 -3.87 -21.70
CA ALA I 163 17.26 -4.45 -23.05
C ALA I 163 15.98 -4.15 -23.82
N PRO I 164 15.72 -2.87 -24.08
CA PRO I 164 14.40 -2.47 -24.53
C PRO I 164 14.00 -2.93 -25.94
N GLN I 165 14.95 -3.42 -26.71
CA GLN I 165 14.62 -4.04 -28.03
C GLN I 165 13.96 -5.41 -27.89
N ALA I 166 14.04 -6.03 -26.71
CA ALA I 166 13.52 -7.37 -26.52
C ALA I 166 12.11 -7.34 -25.95
N LYS I 167 11.33 -8.37 -26.27
CA LYS I 167 9.96 -8.54 -25.80
C LYS I 167 9.81 -9.82 -25.04
N VAL I 168 8.93 -9.82 -24.03
CA VAL I 168 8.53 -11.06 -23.39
C VAL I 168 7.53 -11.75 -24.30
N LEU I 169 7.73 -13.04 -24.54
CA LEU I 169 6.74 -13.91 -25.19
C LEU I 169 6.33 -14.92 -24.17
N ALA I 170 5.29 -14.60 -23.38
CA ALA I 170 4.89 -15.45 -22.28
C ALA I 170 4.31 -16.76 -22.80
N ALA I 171 4.65 -17.85 -22.15
CA ALA I 171 4.31 -19.19 -22.60
C ALA I 171 4.04 -20.11 -21.44
N SER I 172 3.43 -21.26 -21.74
CA SER I 172 3.17 -22.33 -20.78
C SER I 172 2.00 -21.96 -19.87
N PHE I 173 0.80 -22.34 -20.30
CA PHE I 173 -0.43 -21.95 -19.60
C PHE I 173 -1.37 -23.12 -19.40
N LYS I 174 -1.99 -23.16 -18.23
CA LYS I 174 -3.07 -24.12 -17.97
C LYS I 174 -4.42 -23.44 -17.76
N THR I 175 -4.42 -22.12 -17.55
CA THR I 175 -5.68 -21.40 -17.31
C THR I 175 -5.62 -19.99 -17.88
N PRO I 176 -6.74 -19.51 -18.44
CA PRO I 176 -6.79 -18.15 -18.96
C PRO I 176 -6.31 -17.09 -17.97
N ARG I 177 -6.50 -17.30 -16.67
CA ARG I 177 -6.11 -16.28 -15.68
C ARG I 177 -4.61 -16.02 -15.75
N GLN I 178 -3.81 -17.08 -15.97
CA GLN I 178 -2.37 -16.89 -16.12
C GLN I 178 -2.05 -15.99 -17.31
N ALA I 179 -2.73 -16.21 -18.42
CA ALA I 179 -2.53 -15.40 -19.60
C ALA I 179 -2.95 -13.95 -19.35
N LEU I 180 -4.09 -13.77 -18.69
CA LEU I 180 -4.57 -12.41 -18.37
C LEU I 180 -3.52 -11.69 -17.53
N ASP I 181 -3.03 -12.37 -16.51
CA ASP I 181 -2.04 -11.73 -15.63
C ASP I 181 -0.74 -11.37 -16.36
N CYS I 182 -0.31 -12.20 -17.32
CA CYS I 182 0.84 -11.84 -18.14
C CYS I 182 0.59 -10.62 -19.01
N LEU I 183 -0.60 -10.55 -19.61
CA LEU I 183 -1.01 -9.38 -20.40
C LEU I 183 -1.07 -8.12 -19.53
N LEU I 184 -1.60 -8.24 -18.32
CA LEU I 184 -1.67 -7.08 -17.40
C LEU I 184 -0.27 -6.63 -16.94
N ALA I 185 0.68 -7.56 -16.92
CA ALA I 185 2.08 -7.24 -16.59
C ALA I 185 2.82 -6.51 -17.71
N GLY I 186 2.21 -6.45 -18.89
CA GLY I 186 2.75 -5.70 -20.00
C GLY I 186 3.37 -6.51 -21.13
N CYS I 187 3.30 -7.84 -21.08
CA CYS I 187 4.01 -8.68 -22.05
CA CYS I 187 4.03 -8.69 -22.04
C CYS I 187 3.57 -8.31 -23.45
N GLU I 188 4.53 -8.10 -24.33
CA GLU I 188 4.22 -7.62 -25.66
C GLU I 188 3.88 -8.75 -26.64
N SER I 189 4.05 -9.97 -26.21
CA SER I 189 3.63 -11.12 -26.97
C SER I 189 3.30 -12.26 -26.03
N ILE I 190 2.51 -13.21 -26.53
CA ILE I 190 2.07 -14.33 -25.75
C ILE I 190 1.75 -15.47 -26.70
N THR I 191 1.93 -16.69 -26.23
CA THR I 191 1.54 -17.87 -27.01
C THR I 191 0.68 -18.81 -26.18
N LEU I 192 -0.49 -19.14 -26.73
CA LEU I 192 -1.48 -19.91 -26.00
C LEU I 192 -1.64 -21.33 -26.54
N PRO I 193 -1.73 -22.32 -25.65
CA PRO I 193 -2.14 -23.64 -26.11
C PRO I 193 -3.61 -23.57 -26.54
N LEU I 194 -4.03 -24.55 -27.34
CA LEU I 194 -5.36 -24.50 -27.93
C LEU I 194 -6.48 -24.51 -26.88
N ASP I 195 -6.35 -25.29 -25.83
CA ASP I 195 -7.42 -25.37 -24.84
C ASP I 195 -7.65 -24.04 -24.13
N VAL I 196 -6.57 -23.38 -23.75
CA VAL I 196 -6.67 -22.08 -23.07
C VAL I 196 -7.22 -21.02 -24.02
N ALA I 197 -6.77 -21.03 -25.27
CA ALA I 197 -7.28 -20.09 -26.27
C ALA I 197 -8.79 -20.25 -26.42
N GLN I 198 -9.26 -21.48 -26.48
CA GLN I 198 -10.71 -21.72 -26.67
C GLN I 198 -11.53 -21.32 -25.43
N GLN I 199 -10.97 -21.52 -24.25
CA GLN I 199 -11.63 -21.06 -23.02
C GLN I 199 -11.75 -19.55 -23.00
N MET I 200 -10.78 -18.86 -23.58
CA MET I 200 -10.77 -17.41 -23.54
C MET I 200 -11.86 -16.77 -24.38
N ILE I 201 -12.50 -17.57 -25.21
CA ILE I 201 -13.53 -17.04 -26.04
C ILE I 201 -14.91 -17.68 -25.87
N SER I 202 -15.04 -18.52 -24.87
CA SER I 202 -16.29 -19.21 -24.60
C SER I 202 -16.69 -19.06 -23.14
N TYR I 203 -17.82 -18.39 -22.88
CA TYR I 203 -18.28 -18.08 -21.51
C TYR I 203 -19.77 -18.31 -21.35
N PRO I 204 -20.17 -19.10 -20.34
CA PRO I 204 -21.62 -19.28 -20.07
C PRO I 204 -22.38 -17.99 -19.85
N ALA I 205 -21.78 -17.04 -19.14
CA ALA I 205 -22.46 -15.74 -18.91
C ALA I 205 -22.68 -14.95 -20.21
N VAL I 206 -21.73 -15.03 -21.12
CA VAL I 206 -21.85 -14.34 -22.42
C VAL I 206 -22.96 -15.00 -23.24
N ASP I 207 -22.94 -16.32 -23.28
CA ASP I 207 -23.99 -17.06 -24.01
C ASP I 207 -25.39 -16.72 -23.46
N ALA I 208 -25.51 -16.61 -22.14
CA ALA I 208 -26.75 -16.23 -21.51
C ALA I 208 -27.18 -14.81 -21.88
N ALA I 209 -26.24 -13.88 -21.97
CA ALA I 209 -26.55 -12.52 -22.40
C ALA I 209 -27.11 -12.50 -23.80
N VAL I 210 -26.48 -13.27 -24.69
CA VAL I 210 -26.92 -13.31 -26.07
C VAL I 210 -28.31 -13.96 -26.15
N ALA I 211 -28.54 -15.02 -25.38
CA ALA I 211 -29.86 -15.66 -25.34
C ALA I 211 -30.94 -14.73 -24.84
N LYS I 212 -30.62 -13.90 -23.85
CA LYS I 212 -31.59 -12.94 -23.34
C LYS I 212 -31.94 -11.90 -24.40
N PHE I 213 -30.95 -11.42 -25.14
CA PHE I 213 -31.20 -10.53 -26.26
C PHE I 213 -32.16 -11.18 -27.29
N GLU I 214 -31.90 -12.43 -27.64
CA GLU I 214 -32.75 -13.18 -28.58
C GLU I 214 -34.19 -13.35 -28.06
N GLN I 215 -34.33 -13.70 -26.79
CA GLN I 215 -35.65 -13.89 -26.19
C GLN I 215 -36.44 -12.57 -26.12
N ASP I 216 -35.75 -11.48 -25.76
CA ASP I 216 -36.43 -10.18 -25.72
C ASP I 216 -36.88 -9.75 -27.13
N TRP I 217 -36.03 -9.98 -28.12
CA TRP I 217 -36.32 -9.64 -29.50
C TRP I 217 -37.52 -10.44 -29.99
N GLN I 218 -37.49 -11.74 -29.72
CA GLN I 218 -38.62 -12.64 -30.04
C GLN I 218 -39.93 -12.16 -29.41
N GLY I 219 -39.87 -11.80 -28.13
CA GLY I 219 -41.03 -11.31 -27.42
C GLY I 219 -41.67 -10.09 -28.07
N ALA I 220 -40.85 -9.19 -28.61
CA ALA I 220 -41.36 -7.97 -29.18
C ALA I 220 -41.73 -8.11 -30.64
N PHE I 221 -40.98 -8.91 -31.39
CA PHE I 221 -41.08 -8.89 -32.84
C PHE I 221 -41.49 -10.20 -33.48
N GLY I 222 -41.62 -11.25 -32.69
CA GLY I 222 -42.01 -12.56 -33.18
C GLY I 222 -40.98 -13.35 -33.96
N ARG I 223 -39.71 -12.94 -33.91
CA ARG I 223 -38.62 -13.68 -34.55
C ARG I 223 -37.33 -13.37 -33.81
N THR I 224 -36.26 -14.09 -34.11
CA THR I 224 -34.96 -13.82 -33.49
C THR I 224 -33.96 -13.20 -34.45
N SER I 225 -34.38 -12.95 -35.69
CA SER I 225 -33.53 -12.36 -36.71
C SER I 225 -33.85 -10.88 -36.83
N ILE I 226 -32.92 -10.15 -37.42
CA ILE I 226 -32.97 -8.70 -37.40
C ILE I 226 -34.15 -8.17 -38.20
N HIS J 7 -13.41 12.58 -24.26
CA HIS J 7 -14.35 11.56 -23.71
C HIS J 7 -15.64 11.62 -24.50
N GLU J 8 -16.20 10.47 -24.82
CA GLU J 8 -17.48 10.39 -25.53
C GLU J 8 -18.57 9.84 -24.61
N LEU J 9 -19.60 10.63 -24.39
CA LEU J 9 -20.70 10.28 -23.53
C LEU J 9 -21.93 9.93 -24.35
N TYR J 10 -22.46 8.75 -24.14
CA TYR J 10 -23.64 8.24 -24.84
C TYR J 10 -24.78 7.98 -23.87
N LEU J 11 -26.00 8.00 -24.41
CA LEU J 11 -27.17 7.49 -23.71
C LEU J 11 -27.53 6.12 -24.27
N ASP J 12 -27.93 5.24 -23.38
CA ASP J 12 -28.23 3.83 -23.68
C ASP J 12 -29.76 3.70 -23.63
N THR J 13 -30.40 3.90 -24.77
CA THR J 13 -31.85 4.09 -24.78
C THR J 13 -32.41 4.01 -26.21
N SER J 14 -33.69 3.67 -26.30
CA SER J 14 -34.43 3.85 -27.56
C SER J 14 -35.59 4.85 -27.39
N ASP J 15 -35.54 5.65 -26.34
CA ASP J 15 -36.64 6.58 -25.99
C ASP J 15 -36.36 7.93 -26.69
N VAL J 16 -36.99 8.12 -27.84
CA VAL J 16 -36.70 9.26 -28.71
C VAL J 16 -37.01 10.60 -28.06
N VAL J 17 -38.15 10.67 -27.38
CA VAL J 17 -38.55 11.91 -26.70
C VAL J 17 -37.52 12.28 -25.65
N ALA J 18 -37.07 11.30 -24.88
CA ALA J 18 -36.08 11.57 -23.82
C ALA J 18 -34.75 12.00 -24.43
N VAL J 19 -34.33 11.38 -25.54
CA VAL J 19 -33.08 11.74 -26.19
C VAL J 19 -33.11 13.19 -26.65
N LYS J 20 -34.20 13.57 -27.27
CA LYS J 20 -34.32 14.96 -27.68
C LYS J 20 -34.23 15.92 -26.50
N ALA J 21 -34.96 15.64 -25.43
CA ALA J 21 -34.95 16.52 -24.26
C ALA J 21 -33.56 16.56 -23.62
N LEU J 22 -32.93 15.40 -23.48
CA LEU J 22 -31.63 15.34 -22.80
C LEU J 22 -30.46 15.83 -23.64
N SER J 23 -30.59 15.85 -24.99
CA SER J 23 -29.50 16.31 -25.85
C SER J 23 -29.20 17.80 -25.68
N ARG J 24 -30.18 18.52 -25.17
CA ARG J 24 -30.05 19.92 -24.86
C ARG J 24 -29.26 20.16 -23.54
N ILE J 25 -29.27 19.17 -22.67
CA ILE J 25 -28.69 19.26 -21.33
C ILE J 25 -27.29 18.62 -21.31
N PHE J 26 -27.21 17.38 -21.74
CA PHE J 26 -25.94 16.65 -21.70
C PHE J 26 -25.12 16.93 -22.96
N PRO J 27 -23.79 16.92 -22.82
CA PRO J 27 -22.90 16.98 -23.96
C PRO J 27 -22.75 15.59 -24.58
N LEU J 28 -23.72 15.18 -25.39
CA LEU J 28 -23.77 13.82 -25.91
C LEU J 28 -22.97 13.63 -27.18
N ALA J 29 -22.33 12.48 -27.27
CA ALA J 29 -21.67 12.06 -28.49
C ALA J 29 -22.61 11.21 -29.36
N GLY J 30 -23.71 10.74 -28.77
CA GLY J 30 -24.65 9.89 -29.47
C GLY J 30 -25.48 9.00 -28.58
N VAL J 31 -26.01 7.93 -29.18
CA VAL J 31 -26.90 6.99 -28.53
C VAL J 31 -26.47 5.58 -28.87
N THR J 32 -26.49 4.71 -27.87
CA THR J 32 -26.27 3.28 -28.07
C THR J 32 -27.59 2.55 -27.86
N THR J 33 -27.81 1.52 -28.66
CA THR J 33 -28.95 0.62 -28.48
C THR J 33 -28.43 -0.80 -28.41
N ASN J 34 -29.26 -1.69 -27.90
CA ASN J 34 -29.00 -3.13 -27.95
C ASN J 34 -30.33 -3.83 -28.16
N PRO J 35 -30.33 -5.15 -28.37
CA PRO J 35 -31.58 -5.82 -28.71
C PRO J 35 -32.69 -5.71 -27.65
N SER J 36 -32.32 -5.74 -26.37
CA SER J 36 -33.30 -5.58 -25.30
C SER J 36 -33.87 -4.17 -25.23
N ILE J 37 -33.02 -3.16 -25.43
CA ILE J 37 -33.46 -1.78 -25.47
C ILE J 37 -34.41 -1.54 -26.61
N ILE J 38 -34.07 -2.06 -27.78
CA ILE J 38 -34.92 -1.90 -28.94
C ILE J 38 -36.25 -2.61 -28.70
N ALA J 39 -36.19 -3.85 -28.22
CA ALA J 39 -37.41 -4.61 -27.91
C ALA J 39 -38.31 -3.89 -26.92
N ALA J 40 -37.73 -3.31 -25.88
CA ALA J 40 -38.48 -2.57 -24.86
C ALA J 40 -39.22 -1.38 -25.44
N GLY J 41 -38.63 -0.71 -26.43
CA GLY J 41 -39.26 0.45 -27.06
C GLY J 41 -40.35 0.09 -28.06
N LYS J 42 -40.34 -1.15 -28.50
CA LYS J 42 -41.37 -1.74 -29.40
C LYS J 42 -41.39 -1.26 -30.85
N LYS J 43 -40.53 -0.33 -31.21
CA LYS J 43 -40.47 0.15 -32.58
C LYS J 43 -39.38 -0.61 -33.31
N PRO J 44 -39.64 -1.01 -34.57
CA PRO J 44 -38.57 -1.66 -35.33
C PRO J 44 -37.37 -0.74 -35.59
N LEU J 45 -36.23 -1.36 -35.87
CA LEU J 45 -35.00 -0.63 -36.19
C LEU J 45 -35.13 0.42 -37.28
N ASP J 46 -35.84 0.08 -38.35
CA ASP J 46 -35.92 1.03 -39.48
C ASP J 46 -36.79 2.25 -39.18
N VAL J 47 -37.57 2.18 -38.10
CA VAL J 47 -38.30 3.32 -37.59
C VAL J 47 -37.49 4.09 -36.53
N VAL J 48 -37.05 3.36 -35.50
CA VAL J 48 -36.48 4.04 -34.34
C VAL J 48 -35.08 4.61 -34.58
N LEU J 49 -34.25 3.94 -35.37
CA LEU J 49 -32.89 4.47 -35.58
C LEU J 49 -32.89 5.84 -36.26
N PRO J 50 -33.66 6.00 -37.35
CA PRO J 50 -33.73 7.37 -37.91
C PRO J 50 -34.28 8.39 -36.93
N GLN J 51 -35.25 8.00 -36.11
CA GLN J 51 -35.83 8.94 -35.15
C GLN J 51 -34.77 9.35 -34.12
N LEU J 52 -33.97 8.39 -33.67
CA LEU J 52 -32.89 8.70 -32.70
C LEU J 52 -31.82 9.60 -33.30
N HIS J 53 -31.48 9.34 -34.55
CA HIS J 53 -30.57 10.20 -35.27
C HIS J 53 -31.04 11.65 -35.36
N GLU J 54 -32.31 11.83 -35.66
CA GLU J 54 -32.85 13.17 -35.68
C GLU J 54 -32.91 13.78 -34.31
N ALA J 55 -33.31 13.00 -33.31
CA ALA J 55 -33.52 13.52 -31.95
C ALA J 55 -32.22 14.11 -31.39
N MET J 56 -31.09 13.74 -31.98
CA MET J 56 -29.79 14.42 -31.72
C MET J 56 -29.37 15.45 -32.75
N GLY J 57 -30.29 15.94 -33.55
CA GLY J 57 -29.99 16.96 -34.54
C GLY J 57 -29.00 16.51 -35.60
N GLY J 58 -28.99 15.22 -35.91
CA GLY J 58 -28.18 14.71 -37.01
C GLY J 58 -26.69 14.68 -36.75
N GLN J 59 -26.28 14.90 -35.52
CA GLN J 59 -24.86 14.99 -35.20
C GLN J 59 -24.32 13.86 -34.32
N GLY J 60 -25.19 13.14 -33.65
CA GLY J 60 -24.74 12.06 -32.78
C GLY J 60 -24.37 10.78 -33.55
N ARG J 61 -23.39 10.02 -33.00
CA ARG J 61 -23.06 8.65 -33.47
C ARG J 61 -24.09 7.65 -32.90
N LEU J 62 -24.52 6.71 -33.72
CA LEU J 62 -25.45 5.66 -33.31
C LEU J 62 -24.77 4.32 -33.32
N PHE J 63 -25.22 3.45 -32.43
CA PHE J 63 -24.74 2.06 -32.36
C PHE J 63 -25.96 1.11 -32.31
N ALA J 64 -25.89 0.00 -33.03
CA ALA J 64 -26.90 -1.03 -32.94
C ALA J 64 -26.28 -2.37 -33.21
N GLU J 65 -26.97 -3.42 -32.74
CA GLU J 65 -26.41 -4.73 -32.61
C GLU J 65 -26.96 -5.74 -33.62
N VAL J 66 -26.06 -6.58 -34.12
CA VAL J 66 -26.45 -7.74 -34.96
C VAL J 66 -27.17 -8.81 -34.14
N MET J 67 -27.96 -9.65 -34.82
CA MET J 67 -28.70 -10.72 -34.17
C MET J 67 -28.28 -12.14 -34.61
N ALA J 68 -27.67 -12.26 -35.79
CA ALA J 68 -27.27 -13.57 -36.32
C ALA J 68 -26.20 -14.25 -35.46
N THR J 69 -26.12 -15.58 -35.57
CA THR J 69 -25.18 -16.37 -34.77
C THR J 69 -23.97 -16.89 -35.55
N THR J 70 -23.95 -16.73 -36.86
CA THR J 70 -22.78 -17.09 -37.65
C THR J 70 -22.12 -15.82 -38.13
N ALA J 71 -20.81 -15.88 -38.35
CA ALA J 71 -20.07 -14.72 -38.80
C ALA J 71 -20.63 -14.13 -40.09
N GLU J 72 -20.97 -15.01 -41.04
CA GLU J 72 -21.51 -14.57 -42.31
C GLU J 72 -22.85 -13.83 -42.08
N GLY J 73 -23.70 -14.40 -41.23
CA GLY J 73 -24.99 -13.80 -40.90
C GLY J 73 -24.82 -12.45 -40.24
N MET J 74 -23.81 -12.34 -39.38
CA MET J 74 -23.54 -11.08 -38.68
C MET J 74 -23.09 -10.00 -39.64
N VAL J 75 -22.28 -10.37 -40.63
CA VAL J 75 -21.87 -9.43 -41.68
C VAL J 75 -23.11 -8.96 -42.46
N ASN J 76 -24.00 -9.88 -42.80
CA ASN J 76 -25.25 -9.50 -43.48
C ASN J 76 -26.11 -8.55 -42.62
N ASP J 77 -26.21 -8.83 -41.33
CA ASP J 77 -26.91 -7.92 -40.39
C ASP J 77 -26.26 -6.54 -40.37
N ALA J 78 -24.94 -6.49 -40.40
CA ALA J 78 -24.22 -5.23 -40.42
C ALA J 78 -24.61 -4.40 -41.62
N LEU J 79 -24.72 -5.07 -42.76
CA LEU J 79 -25.11 -4.38 -44.00
C LEU J 79 -26.54 -3.85 -43.89
N LYS J 80 -27.45 -4.62 -43.29
CA LYS J 80 -28.83 -4.16 -43.05
C LYS J 80 -28.87 -2.94 -42.14
N LEU J 81 -28.08 -2.99 -41.06
CA LEU J 81 -27.98 -1.82 -40.18
C LEU J 81 -27.43 -0.59 -40.91
N ARG J 82 -26.40 -0.76 -41.72
CA ARG J 82 -25.79 0.36 -42.43
C ARG J 82 -26.76 0.93 -43.49
N SER J 83 -27.69 0.12 -43.98
CA SER J 83 -28.68 0.59 -44.95
C SER J 83 -29.74 1.45 -44.28
N ILE J 84 -29.89 1.31 -42.95
CA ILE J 84 -30.76 2.18 -42.20
C ILE J 84 -30.05 3.48 -41.79
N ILE J 85 -28.85 3.36 -41.23
CA ILE J 85 -28.04 4.51 -40.83
C ILE J 85 -26.65 4.32 -41.43
N ALA J 86 -26.30 5.17 -42.40
CA ALA J 86 -25.10 4.94 -43.21
C ALA J 86 -23.81 4.85 -42.41
N ASP J 87 -23.69 5.63 -41.35
CA ASP J 87 -22.45 5.69 -40.57
C ASP J 87 -22.58 5.02 -39.19
N ILE J 88 -23.54 4.13 -39.04
CA ILE J 88 -23.77 3.44 -37.76
C ILE J 88 -22.58 2.59 -37.38
N VAL J 89 -22.29 2.50 -36.09
CA VAL J 89 -21.31 1.55 -35.58
C VAL J 89 -22.03 0.26 -35.21
N VAL J 90 -21.52 -0.84 -35.72
CA VAL J 90 -22.17 -2.13 -35.59
C VAL J 90 -21.64 -2.88 -34.37
N LYS J 91 -22.52 -3.22 -33.46
CA LYS J 91 -22.17 -3.96 -32.27
C LYS J 91 -22.24 -5.45 -32.56
N VAL J 92 -21.17 -6.15 -32.19
CA VAL J 92 -21.07 -7.58 -32.39
C VAL J 92 -20.72 -8.24 -31.07
N PRO J 93 -21.49 -9.25 -30.64
CA PRO J 93 -21.16 -9.91 -29.39
C PRO J 93 -19.83 -10.63 -29.50
N VAL J 94 -19.01 -10.58 -28.46
CA VAL J 94 -17.66 -11.14 -28.56
C VAL J 94 -17.68 -12.62 -28.20
N THR J 95 -18.09 -13.40 -29.21
CA THR J 95 -18.12 -14.86 -29.19
C THR J 95 -17.17 -15.31 -30.29
N ALA J 96 -17.01 -16.62 -30.46
CA ALA J 96 -16.11 -17.10 -31.53
C ALA J 96 -16.55 -16.57 -32.89
N GLU J 97 -17.84 -16.72 -33.20
CA GLU J 97 -18.31 -16.24 -34.50
C GLU J 97 -18.26 -14.73 -34.57
N GLY J 98 -18.51 -14.07 -33.44
CA GLY J 98 -18.41 -12.62 -33.38
C GLY J 98 -17.03 -12.10 -33.69
N LEU J 99 -16.00 -12.74 -33.14
CA LEU J 99 -14.63 -12.35 -33.47
C LEU J 99 -14.34 -12.53 -34.97
N ALA J 100 -14.81 -13.63 -35.54
CA ALA J 100 -14.67 -13.85 -36.99
C ALA J 100 -15.35 -12.75 -37.77
N ALA J 101 -16.53 -12.34 -37.32
CA ALA J 101 -17.26 -11.26 -37.97
C ALA J 101 -16.55 -9.94 -37.86
N ILE J 102 -15.99 -9.66 -36.68
CA ILE J 102 -15.24 -8.41 -36.46
C ILE J 102 -14.07 -8.33 -37.44
N LYS J 103 -13.36 -9.43 -37.63
CA LYS J 103 -12.27 -9.46 -38.63
C LYS J 103 -12.77 -9.16 -40.03
N MET J 104 -13.88 -9.77 -40.41
CA MET J 104 -14.46 -9.53 -41.73
C MET J 104 -14.91 -8.09 -41.91
N LEU J 105 -15.51 -7.51 -40.87
CA LEU J 105 -16.00 -6.16 -40.96
C LEU J 105 -14.86 -5.16 -41.02
N LYS J 106 -13.76 -5.47 -40.33
CA LYS J 106 -12.54 -4.66 -40.41
C LYS J 106 -12.06 -4.62 -41.86
N ALA J 107 -12.06 -5.77 -42.52
CA ALA J 107 -11.64 -5.84 -43.92
C ALA J 107 -12.56 -5.04 -44.84
N GLU J 108 -13.85 -4.98 -44.51
CA GLU J 108 -14.84 -4.22 -45.27
C GLU J 108 -14.86 -2.73 -44.92
N GLY J 109 -14.13 -2.32 -43.91
CA GLY J 109 -14.12 -0.93 -43.46
C GLY J 109 -15.36 -0.46 -42.70
N ILE J 110 -16.09 -1.39 -42.08
CA ILE J 110 -17.28 -1.04 -41.31
C ILE J 110 -16.88 -1.02 -39.83
N PRO J 111 -17.04 0.12 -39.16
CA PRO J 111 -16.63 0.20 -37.76
C PRO J 111 -17.47 -0.69 -36.84
N THR J 112 -16.80 -1.31 -35.87
CA THR J 112 -17.47 -2.22 -34.97
C THR J 112 -17.20 -1.92 -33.49
N LEU J 113 -18.11 -2.42 -32.66
CA LEU J 113 -17.96 -2.43 -31.22
C LEU J 113 -18.13 -3.88 -30.78
N GLY J 114 -17.23 -4.34 -29.93
CA GLY J 114 -17.30 -5.68 -29.38
C GLY J 114 -18.11 -5.62 -28.09
N THR J 115 -19.30 -6.23 -28.09
CA THR J 115 -20.21 -6.14 -26.97
C THR J 115 -20.37 -7.47 -26.21
N ALA J 116 -21.18 -7.42 -25.15
CA ALA J 116 -21.39 -8.54 -24.24
C ALA J 116 -20.05 -9.06 -23.70
N VAL J 117 -19.20 -8.11 -23.30
CA VAL J 117 -17.90 -8.42 -22.73
C VAL J 117 -18.04 -8.58 -21.22
N TYR J 118 -17.68 -9.77 -20.76
CA TYR J 118 -17.74 -10.11 -19.33
C TYR J 118 -16.34 -10.35 -18.74
N GLY J 119 -15.31 -10.26 -19.57
CA GLY J 119 -13.92 -10.45 -19.12
C GLY J 119 -12.95 -9.60 -19.92
N ALA J 120 -11.83 -9.22 -19.29
CA ALA J 120 -10.89 -8.30 -19.92
C ALA J 120 -10.18 -8.92 -21.14
N ALA J 121 -9.74 -10.17 -21.04
CA ALA J 121 -9.05 -10.82 -22.17
C ALA J 121 -9.98 -10.95 -23.38
N GLN J 122 -11.23 -11.35 -23.12
CA GLN J 122 -12.25 -11.41 -24.14
C GLN J 122 -12.37 -10.06 -24.87
N GLY J 123 -12.47 -8.99 -24.09
CA GLY J 123 -12.55 -7.65 -24.65
C GLY J 123 -11.34 -7.31 -25.49
N LEU J 124 -10.14 -7.60 -24.96
CA LEU J 124 -8.90 -7.33 -25.72
C LEU J 124 -8.89 -8.06 -27.07
N LEU J 125 -9.34 -9.30 -27.09
CA LEU J 125 -9.39 -10.04 -28.35
C LEU J 125 -10.23 -9.30 -29.41
N SER J 126 -11.37 -8.72 -29.00
CA SER J 126 -12.21 -8.02 -29.94
C SER J 126 -11.47 -6.82 -30.55
N ALA J 127 -10.70 -6.10 -29.72
CA ALA J 127 -9.94 -4.96 -30.21
C ALA J 127 -8.80 -5.39 -31.13
N LEU J 128 -8.11 -6.45 -30.77
CA LEU J 128 -7.06 -6.97 -31.64
C LEU J 128 -7.65 -7.40 -32.99
N ALA J 129 -8.89 -7.88 -33.01
CA ALA J 129 -9.57 -8.29 -34.24
C ALA J 129 -10.02 -7.10 -35.11
N GLY J 130 -10.09 -5.92 -34.52
CA GLY J 130 -10.48 -4.73 -35.25
C GLY J 130 -11.52 -3.81 -34.65
N ALA J 131 -12.16 -4.19 -33.54
CA ALA J 131 -13.18 -3.33 -32.93
C ALA J 131 -12.59 -2.00 -32.46
N GLU J 132 -13.31 -0.92 -32.75
CA GLU J 132 -12.93 0.43 -32.37
C GLU J 132 -13.34 0.69 -30.91
N TYR J 133 -14.38 0.00 -30.45
CA TYR J 133 -14.90 0.13 -29.09
C TYR J 133 -15.12 -1.27 -28.51
N VAL J 134 -14.95 -1.39 -27.19
CA VAL J 134 -15.23 -2.61 -26.48
C VAL J 134 -16.11 -2.28 -25.28
N ALA J 135 -17.26 -2.96 -25.17
CA ALA J 135 -18.28 -2.67 -24.16
C ALA J 135 -18.43 -3.77 -23.09
N PRO J 136 -17.70 -3.64 -21.96
CA PRO J 136 -17.95 -4.54 -20.86
C PRO J 136 -19.32 -4.25 -20.23
N PHE J 137 -20.02 -5.28 -19.79
CA PHE J 137 -21.30 -5.14 -19.13
C PHE J 137 -21.07 -5.07 -17.62
N VAL J 138 -20.78 -3.87 -17.15
CA VAL J 138 -20.32 -3.63 -15.78
C VAL J 138 -21.27 -4.20 -14.74
N ASN J 139 -22.56 -3.83 -14.80
CA ASN J 139 -23.47 -4.31 -13.79
C ASN J 139 -23.73 -5.80 -13.85
N ARG J 140 -23.68 -6.38 -15.06
CA ARG J 140 -23.88 -7.83 -15.18
C ARG J 140 -22.76 -8.57 -14.45
N ILE J 141 -21.54 -8.09 -14.61
CA ILE J 141 -20.38 -8.70 -13.94
C ILE J 141 -20.54 -8.55 -12.41
N ASP J 142 -20.92 -7.33 -11.99
CA ASP J 142 -21.22 -7.04 -10.57
C ASP J 142 -22.34 -7.95 -10.01
N ALA J 143 -23.41 -8.12 -10.77
CA ALA J 143 -24.57 -8.83 -10.26
C ALA J 143 -24.30 -10.31 -10.15
N GLN J 144 -23.38 -10.80 -10.98
CA GLN J 144 -23.08 -12.23 -11.05
C GLN J 144 -21.85 -12.61 -10.23
N GLY J 145 -21.51 -11.79 -9.25
CA GLY J 145 -20.52 -12.18 -8.24
C GLY J 145 -19.09 -11.81 -8.57
N GLY J 146 -18.89 -11.01 -9.62
CA GLY J 146 -17.56 -10.57 -10.01
C GLY J 146 -17.32 -9.14 -9.54
N SER J 147 -16.37 -8.50 -10.20
CA SER J 147 -16.12 -7.07 -10.01
C SER J 147 -16.11 -6.40 -11.39
N GLY J 148 -17.21 -5.73 -11.70
CA GLY J 148 -17.29 -5.00 -12.95
C GLY J 148 -16.22 -3.94 -13.05
N ILE J 149 -15.94 -3.27 -11.94
CA ILE J 149 -14.93 -2.21 -11.95
C ILE J 149 -13.51 -2.78 -12.16
N GLN J 150 -13.19 -3.92 -11.53
CA GLN J 150 -11.87 -4.52 -11.81
C GLN J 150 -11.77 -4.93 -13.29
N THR J 151 -12.83 -5.50 -13.84
CA THR J 151 -12.84 -5.88 -15.26
C THR J 151 -12.61 -4.70 -16.18
N VAL J 152 -13.29 -3.59 -15.90
CA VAL J 152 -13.11 -2.39 -16.68
C VAL J 152 -11.69 -1.82 -16.56
N THR J 153 -11.19 -1.79 -15.32
CA THR J 153 -9.86 -1.27 -15.03
C THR J 153 -8.82 -2.08 -15.83
N ASP J 154 -8.93 -3.39 -15.75
CA ASP J 154 -8.05 -4.33 -16.46
C ASP J 154 -8.17 -4.16 -17.97
N LEU J 155 -9.41 -4.09 -18.46
CA LEU J 155 -9.64 -3.95 -19.89
C LEU J 155 -9.03 -2.67 -20.45
N HIS J 156 -9.25 -1.56 -19.77
CA HIS J 156 -8.68 -0.29 -20.22
C HIS J 156 -7.15 -0.34 -20.28
N GLN J 157 -6.53 -0.88 -19.22
CA GLN J 157 -5.08 -1.06 -19.25
C GLN J 157 -4.64 -1.93 -20.43
N LEU J 158 -5.35 -3.04 -20.66
CA LEU J 158 -5.02 -3.93 -21.78
C LEU J 158 -5.12 -3.23 -23.14
N LEU J 159 -6.16 -2.44 -23.35
CA LEU J 159 -6.27 -1.71 -24.62
C LEU J 159 -5.14 -0.71 -24.78
N LYS J 160 -4.84 0.03 -23.72
CA LYS J 160 -3.85 1.09 -23.85
C LYS J 160 -2.45 0.51 -24.08
N MET J 161 -2.17 -0.65 -23.53
CA MET J 161 -0.89 -1.31 -23.76
C MET J 161 -0.84 -2.03 -25.12
N HIS J 162 -1.91 -2.73 -25.45
CA HIS J 162 -1.88 -3.78 -26.50
C HIS J 162 -2.69 -3.51 -27.77
N ALA J 163 -3.65 -2.59 -27.70
CA ALA J 163 -4.51 -2.25 -28.85
C ALA J 163 -4.93 -0.80 -28.71
N PRO J 164 -3.97 0.10 -28.76
CA PRO J 164 -4.22 1.47 -28.36
C PRO J 164 -5.21 2.26 -29.24
N GLN J 165 -5.53 1.78 -30.42
CA GLN J 165 -6.57 2.43 -31.26
C GLN J 165 -7.99 2.19 -30.71
N ALA J 166 -8.16 1.22 -29.81
CA ALA J 166 -9.48 0.88 -29.34
C ALA J 166 -9.78 1.60 -28.02
N LYS J 167 -11.05 1.83 -27.79
CA LYS J 167 -11.55 2.48 -26.57
C LYS J 167 -12.50 1.57 -25.80
N VAL J 168 -12.50 1.68 -24.48
CA VAL J 168 -13.54 1.07 -23.71
C VAL J 168 -14.78 1.97 -23.82
N LEU J 169 -15.91 1.35 -24.08
CA LEU J 169 -17.23 2.00 -23.96
C LEU J 169 -17.98 1.29 -22.84
N ALA J 170 -17.82 1.79 -21.62
CA ALA J 170 -18.41 1.11 -20.47
C ALA J 170 -19.93 1.19 -20.50
N ALA J 171 -20.58 0.09 -20.19
CA ALA J 171 -22.01 -0.02 -20.28
C ALA J 171 -22.58 -0.86 -19.13
N SER J 172 -23.91 -0.79 -18.97
CA SER J 172 -24.68 -1.61 -18.02
C SER J 172 -24.52 -1.10 -16.61
N PHE J 173 -25.40 -0.17 -16.23
CA PHE J 173 -25.26 0.53 -14.95
C PHE J 173 -26.57 0.60 -14.22
N LYS J 174 -26.49 0.41 -12.90
CA LYS J 174 -27.63 0.60 -12.01
C LYS J 174 -27.44 1.75 -11.05
N THR J 175 -26.23 2.25 -10.90
CA THR J 175 -25.98 3.36 -9.99
C THR J 175 -24.87 4.27 -10.54
N PRO J 176 -25.00 5.59 -10.34
CA PRO J 176 -23.94 6.51 -10.73
C PRO J 176 -22.54 6.13 -10.26
N ARG J 177 -22.42 5.52 -9.08
CA ARG J 177 -21.09 5.17 -8.56
C ARG J 177 -20.35 4.24 -9.56
N GLN J 178 -21.08 3.31 -10.18
CA GLN J 178 -20.44 2.41 -11.15
C GLN J 178 -19.89 3.19 -12.32
N ALA J 179 -20.64 4.19 -12.78
CA ALA J 179 -20.18 5.05 -13.86
C ALA J 179 -18.97 5.88 -13.46
N LEU J 180 -19.01 6.44 -12.26
CA LEU J 180 -17.89 7.21 -11.76
C LEU J 180 -16.62 6.35 -11.73
N ASP J 181 -16.75 5.15 -11.18
CA ASP J 181 -15.60 4.28 -11.08
C ASP J 181 -15.03 3.89 -12.47
N CYS J 182 -15.89 3.72 -13.45
CA CYS J 182 -15.42 3.49 -14.82
C CYS J 182 -14.65 4.70 -15.37
N LEU J 183 -15.19 5.89 -15.13
CA LEU J 183 -14.52 7.12 -15.55
C LEU J 183 -13.15 7.27 -14.88
N LEU J 184 -13.09 6.94 -13.59
CA LEU J 184 -11.84 7.05 -12.85
C LEU J 184 -10.79 6.02 -13.33
N ALA J 185 -11.26 4.89 -13.84
CA ALA J 185 -10.41 3.87 -14.44
C ALA J 185 -9.87 4.25 -15.81
N GLY J 186 -10.36 5.33 -16.37
CA GLY J 186 -9.82 5.88 -17.61
C GLY J 186 -10.65 5.67 -18.86
N CYS J 187 -11.84 5.10 -18.74
CA CYS J 187 -12.63 4.73 -19.92
CA CYS J 187 -12.59 4.71 -19.93
C CYS J 187 -12.87 5.94 -20.79
N GLU J 188 -12.59 5.80 -22.08
CA GLU J 188 -12.67 6.94 -22.99
C GLU J 188 -14.07 7.19 -23.52
N SER J 189 -14.98 6.26 -23.25
CA SER J 189 -16.38 6.43 -23.59
C SER J 189 -17.24 5.65 -22.60
N ILE J 190 -18.49 6.06 -22.50
CA ILE J 190 -19.40 5.46 -21.58
C ILE J 190 -20.81 5.66 -22.12
N THR J 191 -21.69 4.73 -21.82
CA THR J 191 -23.12 4.89 -22.15
C THR J 191 -24.01 4.65 -20.95
N LEU J 192 -24.89 5.62 -20.68
CA LEU J 192 -25.69 5.62 -19.46
C LEU J 192 -27.17 5.36 -19.76
N PRO J 193 -27.81 4.49 -18.98
CA PRO J 193 -29.27 4.45 -19.04
C PRO J 193 -29.84 5.75 -18.50
N LEU J 194 -31.09 6.02 -18.87
CA LEU J 194 -31.67 7.33 -18.53
C LEU J 194 -31.76 7.60 -17.03
N ASP J 195 -32.14 6.58 -16.25
CA ASP J 195 -32.29 6.79 -14.80
C ASP J 195 -30.97 7.18 -14.16
N VAL J 196 -29.88 6.49 -14.50
CA VAL J 196 -28.55 6.81 -13.96
C VAL J 196 -28.09 8.19 -14.42
N ALA J 197 -28.31 8.52 -15.69
CA ALA J 197 -27.94 9.83 -16.21
C ALA J 197 -28.64 10.94 -15.45
N GLN J 198 -29.92 10.76 -15.21
CA GLN J 198 -30.70 11.77 -14.48
C GLN J 198 -30.26 11.91 -13.02
N GLN J 199 -29.90 10.79 -12.41
CA GLN J 199 -29.35 10.84 -11.03
C GLN J 199 -28.05 11.59 -10.97
N MET J 200 -27.25 11.50 -12.05
CA MET J 200 -25.97 12.15 -12.06
C MET J 200 -26.03 13.66 -12.15
N ILE J 201 -27.20 14.22 -12.44
CA ILE J 201 -27.34 15.69 -12.53
C ILE J 201 -28.37 16.24 -11.57
N SER J 202 -28.90 15.42 -10.67
CA SER J 202 -29.89 15.87 -9.69
C SER J 202 -29.49 15.43 -8.28
N TYR J 203 -29.20 16.39 -7.40
CA TYR J 203 -28.75 16.11 -6.03
C TYR J 203 -29.46 17.01 -5.04
N PRO J 204 -30.01 16.44 -3.96
CA PRO J 204 -30.62 17.26 -2.90
C PRO J 204 -29.67 18.31 -2.32
N ALA J 205 -28.40 17.95 -2.15
CA ALA J 205 -27.45 18.90 -1.57
C ALA J 205 -27.19 20.10 -2.51
N VAL J 206 -27.17 19.85 -3.80
CA VAL J 206 -26.94 20.88 -4.78
C VAL J 206 -28.17 21.82 -4.83
N ASP J 207 -29.35 21.22 -4.85
CA ASP J 207 -30.59 22.00 -4.84
C ASP J 207 -30.65 22.90 -3.58
N ALA J 208 -30.22 22.36 -2.45
CA ALA J 208 -30.15 23.15 -1.21
C ALA J 208 -29.12 24.30 -1.27
N ALA J 209 -27.99 24.08 -1.91
CA ALA J 209 -27.00 25.16 -2.11
C ALA J 209 -27.56 26.28 -2.97
N VAL J 210 -28.24 25.91 -4.05
CA VAL J 210 -28.82 26.91 -4.96
C VAL J 210 -29.92 27.68 -4.23
N ALA J 211 -30.74 26.98 -3.44
CA ALA J 211 -31.81 27.64 -2.68
C ALA J 211 -31.26 28.61 -1.65
N LYS J 212 -30.16 28.25 -1.00
CA LYS J 212 -29.51 29.15 -0.07
C LYS J 212 -29.00 30.41 -0.78
N PHE J 213 -28.37 30.26 -1.94
CA PHE J 213 -27.96 31.41 -2.73
C PHE J 213 -29.17 32.34 -3.04
N GLU J 214 -30.28 31.75 -3.46
CA GLU J 214 -31.51 32.51 -3.78
C GLU J 214 -32.05 33.24 -2.56
N GLN J 215 -32.09 32.55 -1.42
CA GLN J 215 -32.60 33.15 -0.19
C GLN J 215 -31.70 34.29 0.29
N ASP J 216 -30.38 34.10 0.22
CA ASP J 216 -29.45 35.16 0.64
C ASP J 216 -29.58 36.40 -0.29
N TRP J 217 -29.74 36.16 -1.59
CA TRP J 217 -29.89 37.22 -2.58
C TRP J 217 -31.18 37.99 -2.33
N GLN J 218 -32.26 37.26 -2.11
CA GLN J 218 -33.59 37.83 -1.76
C GLN J 218 -33.49 38.69 -0.50
N GLY J 219 -32.83 38.16 0.52
CA GLY J 219 -32.64 38.89 1.77
C GLY J 219 -31.95 40.22 1.60
N ALA J 220 -30.98 40.30 0.71
CA ALA J 220 -30.19 41.51 0.53
C ALA J 220 -30.81 42.46 -0.47
N PHE J 221 -31.42 41.94 -1.54
CA PHE J 221 -31.81 42.76 -2.68
C PHE J 221 -33.30 42.77 -2.98
N GLY J 222 -34.10 41.99 -2.25
CA GLY J 222 -35.55 41.98 -2.42
C GLY J 222 -36.05 41.29 -3.68
N ARG J 223 -35.18 40.55 -4.37
CA ARG J 223 -35.59 39.80 -5.55
C ARG J 223 -34.64 38.57 -5.64
N THR J 224 -34.98 37.60 -6.48
CA THR J 224 -34.14 36.40 -6.70
C THR J 224 -33.49 36.42 -8.08
N SER J 225 -33.72 37.49 -8.84
CA SER J 225 -33.12 37.68 -10.15
C SER J 225 -31.93 38.61 -10.05
N ILE J 226 -31.08 38.56 -11.07
CA ILE J 226 -29.80 39.21 -11.02
C ILE J 226 -29.95 40.74 -11.02
C1 PGE K . -10.15 23.35 23.33
O1 PGE K . -11.13 23.95 22.48
C2 PGE K . -10.80 22.53 24.46
O2 PGE K . -11.64 23.32 25.34
C1 PGE L . -8.61 26.68 22.02
O1 PGE L . -9.51 27.80 21.92
C2 PGE L . -8.66 25.78 20.81
O2 PGE L . -9.98 25.32 20.58
P PO4 M . -9.57 29.73 17.26
O1 PO4 M . -9.86 30.70 16.16
O2 PO4 M . -8.60 28.65 16.83
O3 PO4 M . -8.88 30.46 18.37
O4 PO4 M . -10.84 29.10 17.70
CL CL N . -8.35 7.60 22.93
C1 PGE O . 23.60 5.63 24.39
O1 PGE O . 23.53 7.06 24.24
C2 PGE O . 22.93 5.19 25.70
O2 PGE O . 23.60 5.75 26.84
C1 PGE P . 26.77 6.78 22.49
O1 PGE P . 27.45 8.04 22.65
C2 PGE P . 25.64 6.96 21.49
O2 PGE P . 24.68 7.85 22.04
P PO4 Q . 27.88 11.34 19.19
O1 PO4 Q . 28.13 12.62 18.45
O2 PO4 Q . 27.28 10.30 18.28
O3 PO4 Q . 29.18 10.78 19.69
O4 PO4 Q . 26.93 11.61 20.32
CL CL R . 10.22 -2.72 23.26
C1 PGE S . 20.50 -27.19 5.35
O1 PGE S . 21.70 -26.41 5.24
C2 PGE S . 20.22 -27.57 6.81
O2 PGE S . 21.14 -28.58 7.29
C1 PGE T . 22.05 -27.87 1.77
O1 PGE T . 23.47 -27.91 1.80
C2 PGE T . 21.57 -26.42 1.67
O2 PGE T . 22.08 -25.66 2.76
P PO4 U . 25.58 -24.86 -1.38
O1 PO4 U . 26.79 -24.44 -2.17
O2 PO4 U . 24.40 -25.02 -2.26
O3 PO4 U . 25.87 -26.15 -0.62
O4 PO4 U . 25.26 -23.79 -0.36
CL CL V . 7.83 -20.92 12.48
C1 PGE W . -15.29 -29.88 -7.62
O1 PGE W . -14.28 -30.22 -8.59
C2 PGE W . -15.20 -30.73 -6.37
O2 PGE W . -15.76 -32.05 -6.55
C1 PGE X . -16.34 -29.28 -11.66
O1 PGE X . -15.95 -30.45 -12.40
C2 PGE X . -15.15 -28.33 -11.53
O2 PGE X . -14.04 -28.98 -10.91
P PO4 Y . -13.31 -28.74 -16.25
O1 PO4 Y . -12.31 -29.01 -17.34
O2 PO4 Y . -13.12 -27.40 -15.61
O3 PO4 Y . -14.73 -28.74 -16.76
O4 PO4 Y . -13.14 -29.80 -15.19
CL CL Z . -12.18 -21.79 5.58
C1 PGE AA . -34.25 1.22 3.55
O1 PGE AA . -34.51 0.66 2.25
C2 PGE AA . -34.60 0.23 4.67
O2 PGE AA . -36.02 -0.08 4.71
C1 PGE BA . -35.30 4.22 1.25
O1 PGE BA . -36.30 3.95 0.23
C2 PGE BA . -33.96 3.77 0.68
O2 PGE BA . -34.00 2.39 0.32
P PO4 CA . -35.23 4.70 -4.39
O1 PO4 CA . -35.46 4.63 -5.90
O2 PO4 CA . -33.83 4.25 -4.07
O3 PO4 CA . -35.41 6.11 -3.95
O4 PO4 CA . -36.21 3.83 -3.66
CL CL DA . -22.15 -4.18 12.15
C1 PGE EA . -17.79 29.21 -3.46
O1 PGE EA . -17.49 29.73 -2.15
C2 PGE EA . -17.14 30.02 -4.57
O2 PGE EA . -17.51 31.43 -4.56
C1 PGE FA . -20.85 28.75 -1.10
O1 PGE FA . -21.21 29.73 -0.11
C2 PGE FA . -19.88 27.74 -0.48
O2 PGE FA . -18.67 28.44 -0.16
P PO4 GA . -21.35 28.19 4.63
O1 PO4 GA . -21.52 28.28 6.12
O2 PO4 GA . -21.23 26.74 4.23
O3 PO4 GA . -22.60 28.68 3.95
O4 PO4 GA . -20.10 28.93 4.27
CL CL HA . -7.14 21.37 -12.03
C1 PGE IA . 18.67 27.86 7.68
O1 PGE IA . 19.69 27.25 8.48
C2 PGE IA . 19.20 28.50 6.37
O2 PGE IA . 20.36 29.36 6.51
C1 PGE JA . 17.76 28.70 11.41
O1 PGE JA . 18.85 28.78 12.35
C2 PGE JA . 17.35 27.24 11.21
O2 PGE JA . 18.53 26.52 10.86
P PO4 KA . 18.81 25.89 16.25
O1 PO4 KA . 19.15 25.38 17.62
O2 PO4 KA . 17.39 26.36 16.27
O3 PO4 KA . 19.68 27.07 15.86
O4 PO4 KA . 18.97 24.82 15.22
CL CL LA . 13.08 21.28 -5.59
C1 PGE MA . 33.64 -4.58 -5.36
O1 PGE MA . 33.59 -6.00 -5.23
C2 PGE MA . 33.99 -4.08 -6.77
O2 PGE MA . 35.22 -4.64 -7.29
C1 PGE NA . 35.17 -5.54 -1.95
O1 PGE NA . 35.82 -6.75 -1.54
C2 PGE NA . 33.64 -5.72 -1.83
O2 PGE NA . 33.26 -6.77 -2.70
P PO4 OA . 34.13 -10.15 1.37
O1 PO4 OA . 33.94 -11.36 2.22
O2 PO4 OA . 32.82 -9.48 1.06
O3 PO4 OA . 35.01 -9.18 2.10
O4 PO4 OA . 34.79 -10.54 0.07
CL CL PA . 22.12 3.40 -12.58
C1 PGE QA . 6.61 -23.24 -24.61
O1 PGE QA . 5.36 -23.95 -24.42
C2 PGE QA . 6.66 -22.42 -25.91
O2 PGE QA . 6.57 -23.24 -27.10
C1 PGE RA . 7.02 -26.59 -22.62
O1 PGE RA . 6.28 -27.78 -22.93
C2 PGE RA . 6.22 -25.83 -21.57
O2 PGE RA . 5.17 -25.16 -22.30
P PO4 SA . 3.67 -29.76 -19.44
O1 PO4 SA . 2.73 -30.78 -18.87
O2 PO4 SA . 3.98 -28.70 -18.42
O3 PO4 SA . 4.97 -30.41 -19.82
O4 PO4 SA . 3.09 -29.10 -20.66
CL CL TA . 7.38 -7.48 -23.34
C1 PGE UA . -25.43 -2.49 -22.93
O1 PGE UA . -26.47 -1.93 -22.08
C2 PGE UA . -25.09 -1.65 -24.17
O2 PGE UA . -26.24 -1.24 -24.97
C1 PGE VA . -27.60 -5.59 -21.63
O1 PGE VA . -29.00 -5.29 -21.48
C2 PGE VA . -26.78 -5.11 -20.44
O2 PGE VA . -27.02 -3.71 -20.26
P PO4 WA . -30.80 -6.06 -17.16
O1 PO4 WA . -31.83 -6.02 -16.08
O2 PO4 WA . -29.66 -5.15 -16.82
O3 PO4 WA . -30.37 -7.49 -17.36
O4 PO4 WA . -31.34 -5.59 -18.51
CL CL XA . -10.83 3.62 -23.01
#